data_2PLW
# 
_entry.id   2PLW 
# 
_audit_conform.dict_name       mmcif_pdbx.dic 
_audit_conform.dict_version    5.377 
_audit_conform.dict_location   http://mmcif.pdb.org/dictionaries/ascii/mmcif_pdbx.dic 
# 
loop_
_database_2.database_id 
_database_2.database_code 
_database_2.pdbx_database_accession 
_database_2.pdbx_DOI 
PDB   2PLW         pdb_00002plw 10.2210/pdb2plw/pdb 
RCSB  RCSB042519   ?            ?                   
WWPDB D_1000042519 ?            ?                   
# 
_pdbx_database_status.entry_id                        2PLW 
_pdbx_database_status.deposit_site                    RCSB 
_pdbx_database_status.process_site                    RCSB 
_pdbx_database_status.recvd_initial_deposition_date   2007-04-20 
_pdbx_database_status.status_code                     REL 
_pdbx_database_status.status_code_sf                  REL 
_pdbx_database_status.status_code_mr                  ? 
_pdbx_database_status.SG_entry                        Y 
_pdbx_database_status.pdb_format_compatible           Y 
_pdbx_database_status.status_code_cs                  ? 
_pdbx_database_status.methods_development_category    ? 
_pdbx_database_status.status_code_nmr_data            ? 
# 
loop_
_audit_author.name 
_audit_author.pdbx_ordinal 
'Wernimont, A.K.'                      1  
'Hassanali, A.'                        2  
'Lin, L.'                              3  
'Lew, J.'                              4  
'Zhao, Y.'                             5  
'Ravichandran, M.'                     6  
'Wasney, G.'                           7  
'Vedadi, M.'                           8  
'Kozieradzki, I.'                      9  
'Schapira, M.'                         10 
'Bochkarev, A.'                        11 
'Edwards, A.M.'                        12 
'Arrowsmith, C.H.'                     13 
'Weigelt, J.'                          14 
'Sundstrom, M.'                        15 
'Hui, R.'                              16 
'Qiu, W.'                              17 
'Structural Genomics Consortium (SGC)' 18 
# 
_citation.id                        primary 
_citation.title                     
'Crystal structure of a ribosomal RNA methyltransferase, putative, from Plasmodium falciparum (PF13_0052).' 
_citation.journal_abbrev            'To be Published' 
_citation.journal_volume            ? 
_citation.page_first                ? 
_citation.page_last                 ? 
_citation.year                      ? 
_citation.journal_id_ASTM           ? 
_citation.country                   ? 
_citation.journal_id_ISSN           ? 
_citation.journal_id_CSD            0353 
_citation.book_publisher            ? 
_citation.pdbx_database_id_PubMed   ? 
_citation.pdbx_database_id_DOI      ? 
# 
loop_
_citation_author.citation_id 
_citation_author.name 
_citation_author.ordinal 
_citation_author.identifier_ORCID 
primary 'Wernimont, A.K.'  1  ? 
primary 'Hassanali, A.'    2  ? 
primary 'Lin, L.'          3  ? 
primary 'Lew, J.'          4  ? 
primary 'Zhao, Y.'         5  ? 
primary 'Ravichandran, M.' 6  ? 
primary 'Wasney, G.'       7  ? 
primary 'Vedadi, M.'       8  ? 
primary 'Kozieradzki, I.'  9  ? 
primary 'Schapira, M.'     10 ? 
primary 'Bochkarev, A.'    11 ? 
primary 'Edwards, A.M.'    12 ? 
primary 'Arrowsmith, C.H.' 13 ? 
primary 'Weigelt, J.'      14 ? 
primary 'Sundstrom, M.'    15 ? 
primary 'Hui, R.'          16 ? 
primary 'Qiu, W.'          17 ? 
# 
_cell.length_a           42.595 
_cell.length_b           59.798 
_cell.length_c           71.295 
_cell.angle_alpha        90.000 
_cell.angle_beta         90.000 
_cell.angle_gamma        90.000 
_cell.entry_id           2PLW 
_cell.pdbx_unique_axis   ? 
_cell.Z_PDB              4 
_cell.length_a_esd       ? 
_cell.length_b_esd       ? 
_cell.length_c_esd       ? 
_cell.angle_alpha_esd    ? 
_cell.angle_beta_esd     ? 
_cell.angle_gamma_esd    ? 
# 
_symmetry.space_group_name_H-M             'P 21 21 21' 
_symmetry.entry_id                         2PLW 
_symmetry.Int_Tables_number                19 
_symmetry.pdbx_full_space_group_name_H-M   ? 
_symmetry.cell_setting                     ? 
_symmetry.space_group_name_Hall            ? 
# 
loop_
_entity.id 
_entity.type 
_entity.src_method 
_entity.pdbx_description 
_entity.formula_weight 
_entity.pdbx_number_of_molecules 
_entity.pdbx_ec 
_entity.pdbx_mutation 
_entity.pdbx_fragment 
_entity.details 
1 polymer     man 'Ribosomal RNA methyltransferase, putative' 23378.283 1   2.1.1.- ? 'Residues 70-270' ? 
2 non-polymer syn 'SULFATE ION'                               96.063    1   ?       ? ?                 ? 
3 non-polymer syn S-ADENOSYLMETHIONINE                        398.437   1   ?       ? ?                 ? 
4 water       nat water                                       18.015    155 ?       ? ?                 ? 
# 
_entity_poly.entity_id                      1 
_entity_poly.type                           'polypeptide(L)' 
_entity_poly.nstd_linkage                   no 
_entity_poly.nstd_monomer                   no 
_entity_poly.pdbx_seq_one_letter_code       
;NYRSRAAYKLIELDNKYLFLKKNKIILDIGCYPGSWCQVILERTKNYKNKIIGIDKKIMDPIPNVYFIQGEIGKDNMNNI
KNINYIDNMNNNSVDYKLKEILQDKKIDIILSDAAVPCIGNKIDDHLNSCELTLSITHFMEQYINIGGTYIVKMYLGSQT
NNLKTYLKGMFQLVHTTKPKASRNESREIYLVCKNFLGRKK
;
_entity_poly.pdbx_seq_one_letter_code_can   
;NYRSRAAYKLIELDNKYLFLKKNKIILDIGCYPGSWCQVILERTKNYKNKIIGIDKKIMDPIPNVYFIQGEIGKDNMNNI
KNINYIDNMNNNSVDYKLKEILQDKKIDIILSDAAVPCIGNKIDDHLNSCELTLSITHFMEQYINIGGTYIVKMYLGSQT
NNLKTYLKGMFQLVHTTKPKASRNESREIYLVCKNFLGRKK
;
_entity_poly.pdbx_strand_id                 A 
_entity_poly.pdbx_target_identifier         ? 
# 
loop_
_entity_poly_seq.entity_id 
_entity_poly_seq.num 
_entity_poly_seq.mon_id 
_entity_poly_seq.hetero 
1 1   ASN n 
1 2   TYR n 
1 3   ARG n 
1 4   SER n 
1 5   ARG n 
1 6   ALA n 
1 7   ALA n 
1 8   TYR n 
1 9   LYS n 
1 10  LEU n 
1 11  ILE n 
1 12  GLU n 
1 13  LEU n 
1 14  ASP n 
1 15  ASN n 
1 16  LYS n 
1 17  TYR n 
1 18  LEU n 
1 19  PHE n 
1 20  LEU n 
1 21  LYS n 
1 22  LYS n 
1 23  ASN n 
1 24  LYS n 
1 25  ILE n 
1 26  ILE n 
1 27  LEU n 
1 28  ASP n 
1 29  ILE n 
1 30  GLY n 
1 31  CYS n 
1 32  TYR n 
1 33  PRO n 
1 34  GLY n 
1 35  SER n 
1 36  TRP n 
1 37  CYS n 
1 38  GLN n 
1 39  VAL n 
1 40  ILE n 
1 41  LEU n 
1 42  GLU n 
1 43  ARG n 
1 44  THR n 
1 45  LYS n 
1 46  ASN n 
1 47  TYR n 
1 48  LYS n 
1 49  ASN n 
1 50  LYS n 
1 51  ILE n 
1 52  ILE n 
1 53  GLY n 
1 54  ILE n 
1 55  ASP n 
1 56  LYS n 
1 57  LYS n 
1 58  ILE n 
1 59  MET n 
1 60  ASP n 
1 61  PRO n 
1 62  ILE n 
1 63  PRO n 
1 64  ASN n 
1 65  VAL n 
1 66  TYR n 
1 67  PHE n 
1 68  ILE n 
1 69  GLN n 
1 70  GLY n 
1 71  GLU n 
1 72  ILE n 
1 73  GLY n 
1 74  LYS n 
1 75  ASP n 
1 76  ASN n 
1 77  MET n 
1 78  ASN n 
1 79  ASN n 
1 80  ILE n 
1 81  LYS n 
1 82  ASN n 
1 83  ILE n 
1 84  ASN n 
1 85  TYR n 
1 86  ILE n 
1 87  ASP n 
1 88  ASN n 
1 89  MET n 
1 90  ASN n 
1 91  ASN n 
1 92  ASN n 
1 93  SER n 
1 94  VAL n 
1 95  ASP n 
1 96  TYR n 
1 97  LYS n 
1 98  LEU n 
1 99  LYS n 
1 100 GLU n 
1 101 ILE n 
1 102 LEU n 
1 103 GLN n 
1 104 ASP n 
1 105 LYS n 
1 106 LYS n 
1 107 ILE n 
1 108 ASP n 
1 109 ILE n 
1 110 ILE n 
1 111 LEU n 
1 112 SER n 
1 113 ASP n 
1 114 ALA n 
1 115 ALA n 
1 116 VAL n 
1 117 PRO n 
1 118 CYS n 
1 119 ILE n 
1 120 GLY n 
1 121 ASN n 
1 122 LYS n 
1 123 ILE n 
1 124 ASP n 
1 125 ASP n 
1 126 HIS n 
1 127 LEU n 
1 128 ASN n 
1 129 SER n 
1 130 CYS n 
1 131 GLU n 
1 132 LEU n 
1 133 THR n 
1 134 LEU n 
1 135 SER n 
1 136 ILE n 
1 137 THR n 
1 138 HIS n 
1 139 PHE n 
1 140 MET n 
1 141 GLU n 
1 142 GLN n 
1 143 TYR n 
1 144 ILE n 
1 145 ASN n 
1 146 ILE n 
1 147 GLY n 
1 148 GLY n 
1 149 THR n 
1 150 TYR n 
1 151 ILE n 
1 152 VAL n 
1 153 LYS n 
1 154 MET n 
1 155 TYR n 
1 156 LEU n 
1 157 GLY n 
1 158 SER n 
1 159 GLN n 
1 160 THR n 
1 161 ASN n 
1 162 ASN n 
1 163 LEU n 
1 164 LYS n 
1 165 THR n 
1 166 TYR n 
1 167 LEU n 
1 168 LYS n 
1 169 GLY n 
1 170 MET n 
1 171 PHE n 
1 172 GLN n 
1 173 LEU n 
1 174 VAL n 
1 175 HIS n 
1 176 THR n 
1 177 THR n 
1 178 LYS n 
1 179 PRO n 
1 180 LYS n 
1 181 ALA n 
1 182 SER n 
1 183 ARG n 
1 184 ASN n 
1 185 GLU n 
1 186 SER n 
1 187 ARG n 
1 188 GLU n 
1 189 ILE n 
1 190 TYR n 
1 191 LEU n 
1 192 VAL n 
1 193 CYS n 
1 194 LYS n 
1 195 ASN n 
1 196 PHE n 
1 197 LEU n 
1 198 GLY n 
1 199 ARG n 
1 200 LYS n 
1 201 LYS n 
# 
_entity_src_gen.entity_id                          1 
_entity_src_gen.pdbx_src_id                        1 
_entity_src_gen.pdbx_alt_source_flag               sample 
_entity_src_gen.pdbx_seq_type                      ? 
_entity_src_gen.pdbx_beg_seq_num                   ? 
_entity_src_gen.pdbx_end_seq_num                   ? 
_entity_src_gen.gene_src_common_name               ? 
_entity_src_gen.gene_src_genus                     Plasmodium 
_entity_src_gen.pdbx_gene_src_gene                 PF13_0052 
_entity_src_gen.gene_src_species                   'Plasmodium falciparum' 
_entity_src_gen.gene_src_strain                    3D7 
_entity_src_gen.gene_src_tissue                    ? 
_entity_src_gen.gene_src_tissue_fraction           ? 
_entity_src_gen.gene_src_details                   ? 
_entity_src_gen.pdbx_gene_src_fragment             ? 
_entity_src_gen.pdbx_gene_src_scientific_name      'Plasmodium falciparum' 
_entity_src_gen.pdbx_gene_src_ncbi_taxonomy_id     36329 
_entity_src_gen.pdbx_gene_src_variant              ? 
_entity_src_gen.pdbx_gene_src_cell_line            ? 
_entity_src_gen.pdbx_gene_src_atcc                 ? 
_entity_src_gen.pdbx_gene_src_organ                ? 
_entity_src_gen.pdbx_gene_src_organelle            ? 
_entity_src_gen.pdbx_gene_src_cell                 ? 
_entity_src_gen.pdbx_gene_src_cellular_location    ? 
_entity_src_gen.host_org_common_name               ? 
_entity_src_gen.pdbx_host_org_scientific_name      'Escherichia coli' 
_entity_src_gen.pdbx_host_org_ncbi_taxonomy_id     562 
_entity_src_gen.host_org_genus                     Escherichia 
_entity_src_gen.pdbx_host_org_gene                 ? 
_entity_src_gen.pdbx_host_org_organ                ? 
_entity_src_gen.host_org_species                   ? 
_entity_src_gen.pdbx_host_org_tissue               ? 
_entity_src_gen.pdbx_host_org_tissue_fraction      ? 
_entity_src_gen.pdbx_host_org_strain               DH5a 
_entity_src_gen.pdbx_host_org_variant              ? 
_entity_src_gen.pdbx_host_org_cell_line            ? 
_entity_src_gen.pdbx_host_org_atcc                 ? 
_entity_src_gen.pdbx_host_org_culture_collection   ? 
_entity_src_gen.pdbx_host_org_cell                 ? 
_entity_src_gen.pdbx_host_org_organelle            ? 
_entity_src_gen.pdbx_host_org_cellular_location    ? 
_entity_src_gen.pdbx_host_org_vector_type          Plasmid 
_entity_src_gen.pdbx_host_org_vector               ? 
_entity_src_gen.host_org_details                   ? 
_entity_src_gen.expression_system_id               ? 
_entity_src_gen.plasmid_name                       p15_mhl 
_entity_src_gen.plasmid_details                    ? 
_entity_src_gen.pdbx_description                   ? 
# 
_struct_ref.id                         1 
_struct_ref.db_name                    UNP 
_struct_ref.db_code                    Q8IEL9_PLAF7 
_struct_ref.pdbx_db_accession          Q8IEL9 
_struct_ref.entity_id                  1 
_struct_ref.pdbx_seq_one_letter_code   
;NYRSRAAYKLIELDNKYLFLKKNKIILDIGCYPGSWCQVILERTKNYKNKIIGIDKKIMDPIPNVYFIQGEIGKDNMNNI
KNINYIDNMNNNSVDYKLKEILQDKKIDIILSDAAVPCIGNKIDDHLNSCELTLSITHFMEQYINIGGTYIVKMYLGSQT
NNLKTYLKGMFQLVHTTKPKASRNESREIYLVCKNFLGRKK
;
_struct_ref.pdbx_align_begin           70 
_struct_ref.pdbx_db_isoform            ? 
# 
_struct_ref_seq.align_id                      1 
_struct_ref_seq.ref_id                        1 
_struct_ref_seq.pdbx_PDB_id_code              2PLW 
_struct_ref_seq.pdbx_strand_id                A 
_struct_ref_seq.seq_align_beg                 1 
_struct_ref_seq.pdbx_seq_align_beg_ins_code   ? 
_struct_ref_seq.seq_align_end                 201 
_struct_ref_seq.pdbx_seq_align_end_ins_code   ? 
_struct_ref_seq.pdbx_db_accession             Q8IEL9 
_struct_ref_seq.db_align_beg                  70 
_struct_ref_seq.pdbx_db_align_beg_ins_code    ? 
_struct_ref_seq.db_align_end                  270 
_struct_ref_seq.pdbx_db_align_end_ins_code    ? 
_struct_ref_seq.pdbx_auth_seq_align_beg       1 
_struct_ref_seq.pdbx_auth_seq_align_end       201 
# 
loop_
_chem_comp.id 
_chem_comp.type 
_chem_comp.mon_nstd_flag 
_chem_comp.name 
_chem_comp.pdbx_synonyms 
_chem_comp.formula 
_chem_comp.formula_weight 
ALA 'L-peptide linking' y ALANINE              ? 'C3 H7 N O2'      89.093  
ARG 'L-peptide linking' y ARGININE             ? 'C6 H15 N4 O2 1'  175.209 
ASN 'L-peptide linking' y ASPARAGINE           ? 'C4 H8 N2 O3'     132.118 
ASP 'L-peptide linking' y 'ASPARTIC ACID'      ? 'C4 H7 N O4'      133.103 
CYS 'L-peptide linking' y CYSTEINE             ? 'C3 H7 N O2 S'    121.158 
GLN 'L-peptide linking' y GLUTAMINE            ? 'C5 H10 N2 O3'    146.144 
GLU 'L-peptide linking' y 'GLUTAMIC ACID'      ? 'C5 H9 N O4'      147.129 
GLY 'peptide linking'   y GLYCINE              ? 'C2 H5 N O2'      75.067  
HIS 'L-peptide linking' y HISTIDINE            ? 'C6 H10 N3 O2 1'  156.162 
HOH non-polymer         . WATER                ? 'H2 O'            18.015  
ILE 'L-peptide linking' y ISOLEUCINE           ? 'C6 H13 N O2'     131.173 
LEU 'L-peptide linking' y LEUCINE              ? 'C6 H13 N O2'     131.173 
LYS 'L-peptide linking' y LYSINE               ? 'C6 H15 N2 O2 1'  147.195 
MET 'L-peptide linking' y METHIONINE           ? 'C5 H11 N O2 S'   149.211 
PHE 'L-peptide linking' y PHENYLALANINE        ? 'C9 H11 N O2'     165.189 
PRO 'L-peptide linking' y PROLINE              ? 'C5 H9 N O2'      115.130 
SAM non-polymer         . S-ADENOSYLMETHIONINE ? 'C15 H22 N6 O5 S' 398.437 
SER 'L-peptide linking' y SERINE               ? 'C3 H7 N O3'      105.093 
SO4 non-polymer         . 'SULFATE ION'        ? 'O4 S -2'         96.063  
THR 'L-peptide linking' y THREONINE            ? 'C4 H9 N O3'      119.119 
TRP 'L-peptide linking' y TRYPTOPHAN           ? 'C11 H12 N2 O2'   204.225 
TYR 'L-peptide linking' y TYROSINE             ? 'C9 H11 N O3'     181.189 
VAL 'L-peptide linking' y VALINE               ? 'C5 H11 N O2'     117.146 
# 
_exptl.crystals_number   1 
_exptl.entry_id          2PLW 
_exptl.method            'X-RAY DIFFRACTION' 
# 
_exptl_crystal.id                    1 
_exptl_crystal.density_Matthews      1.94 
_exptl_crystal.density_meas          ? 
_exptl_crystal.density_percent_sol   36.65 
_exptl_crystal.description           ? 
_exptl_crystal.F_000                 ? 
_exptl_crystal.preparation           ? 
# 
_exptl_crystal_grow.crystal_id      1 
_exptl_crystal_grow.method          'VAPOR DIFFUSION, HANGING DROP' 
_exptl_crystal_grow.pH              5.9 
_exptl_crystal_grow.temp            298 
_exptl_crystal_grow.temp_details    ? 
_exptl_crystal_grow.pdbx_details    
'24% PEG 3350, 0.1 M (NH4)2SO4, 0.1 M Bis-Tris pH 5.9, VAPOR DIFFUSION, HANGING DROP, temperature 298K' 
_exptl_crystal_grow.pdbx_pH_range   . 
# 
_diffrn.id                     1 
_diffrn.ambient_temp           100 
_diffrn.ambient_temp_details   ? 
_diffrn.crystal_id             1 
# 
_diffrn_detector.diffrn_id              1 
_diffrn_detector.detector               CCD 
_diffrn_detector.type                   'ADSC QUANTUM 270' 
_diffrn_detector.pdbx_collection_date   2007-04-11 
_diffrn_detector.details                ? 
# 
_diffrn_radiation.diffrn_id                        1 
_diffrn_radiation.wavelength_id                    1 
_diffrn_radiation.pdbx_diffrn_protocol             'SINGLE WAVELENGTH' 
_diffrn_radiation.monochromator                    ? 
_diffrn_radiation.pdbx_monochromatic_or_laue_m_l   M 
_diffrn_radiation.pdbx_scattering_type             x-ray 
# 
_diffrn_radiation_wavelength.id           1 
_diffrn_radiation_wavelength.wavelength   0.91770 
_diffrn_radiation_wavelength.wt           1.0 
# 
_diffrn_source.diffrn_id                   1 
_diffrn_source.source                      SYNCHROTRON 
_diffrn_source.type                        'CHESS BEAMLINE F1' 
_diffrn_source.pdbx_wavelength             ? 
_diffrn_source.pdbx_wavelength_list        0.91770 
_diffrn_source.pdbx_synchrotron_site       CHESS 
_diffrn_source.pdbx_synchrotron_beamline   F1 
# 
_reflns.entry_id                     2PLW 
_reflns.d_resolution_high            1.700 
_reflns.d_resolution_low             50.000 
_reflns.number_obs                   20472 
_reflns.pdbx_Rmerge_I_obs            0.073 
_reflns.pdbx_netI_over_sigmaI        9.900 
_reflns.pdbx_chi_squared             1.514 
_reflns.pdbx_redundancy              6.800 
_reflns.percent_possible_obs         98.500 
_reflns.observed_criterion_sigma_F   0 
_reflns.observed_criterion_sigma_I   0 
_reflns.number_all                   20472 
_reflns.pdbx_Rsym_value              0.065 
_reflns.B_iso_Wilson_estimate        ? 
_reflns.R_free_details               ? 
_reflns.limit_h_max                  ? 
_reflns.limit_h_min                  ? 
_reflns.limit_k_max                  ? 
_reflns.limit_k_min                  ? 
_reflns.limit_l_max                  ? 
_reflns.limit_l_min                  ? 
_reflns.observed_criterion_F_max     ? 
_reflns.observed_criterion_F_min     ? 
_reflns.pdbx_scaling_rejects         ? 
_reflns.pdbx_ordinal                 1 
_reflns.pdbx_diffrn_id               1 
# 
_reflns_shell.d_res_high             1.70 
_reflns_shell.d_res_low              1.76 
_reflns_shell.number_measured_obs    ? 
_reflns_shell.number_measured_all    ? 
_reflns_shell.number_unique_obs      ? 
_reflns_shell.Rmerge_I_obs           0.324 
_reflns_shell.meanI_over_sigI_obs    3.7 
_reflns_shell.pdbx_Rsym_value        0.284 
_reflns_shell.pdbx_chi_squared       0.816 
_reflns_shell.pdbx_redundancy        5.40 
_reflns_shell.percent_possible_obs   ? 
_reflns_shell.number_unique_all      1782 
_reflns_shell.percent_possible_all   87.90 
_reflns_shell.pdbx_ordinal           1 
_reflns_shell.pdbx_diffrn_id         1 
# 
_refine.entry_id                                 2PLW 
_refine.ls_d_res_high                            1.700 
_refine.ls_d_res_low                             45.830 
_refine.pdbx_ls_sigma_F                          0.00 
_refine.ls_percent_reflns_obs                    98.650 
_refine.ls_number_reflns_obs                     20366 
_refine.pdbx_ls_cross_valid_method               THROUGHOUT 
_refine.pdbx_R_Free_selection_details            RANDOM 
_refine.details                                  'HYDROGENS HAVE BEEN ADDED IN THE RIDING POSITIONS' 
_refine.ls_R_factor_obs                          0.205 
_refine.ls_R_factor_R_work                       0.202 
_refine.ls_R_factor_R_free                       0.247 
_refine.ls_percent_reflns_R_free                 5.100 
_refine.ls_number_reflns_R_free                  1042 
_refine.B_iso_mean                               20.927 
_refine.aniso_B[1][1]                            0.010 
_refine.aniso_B[2][2]                            -0.010 
_refine.aniso_B[3][3]                            0.000 
_refine.aniso_B[1][2]                            0.000 
_refine.aniso_B[1][3]                            0.000 
_refine.aniso_B[2][3]                            0.000 
_refine.correlation_coeff_Fo_to_Fc               0.950 
_refine.correlation_coeff_Fo_to_Fc_free          0.933 
_refine.pdbx_overall_ESU_R                       0.127 
_refine.pdbx_overall_ESU_R_Free                  0.126 
_refine.overall_SU_ML                            0.081 
_refine.overall_SU_B                             2.398 
_refine.solvent_model_details                    MASK 
_refine.pdbx_solvent_vdw_probe_radii             1.400 
_refine.pdbx_solvent_ion_probe_radii             0.800 
_refine.pdbx_solvent_shrinkage_radii             0.800 
_refine.pdbx_stereochemistry_target_values       'MAXIMUM LIKELIHOOD' 
_refine.pdbx_ls_sigma_I                          ? 
_refine.ls_number_reflns_all                     20366 
_refine.ls_R_factor_all                          0.205 
_refine.ls_redundancy_reflns_obs                 ? 
_refine.pdbx_data_cutoff_high_absF               ? 
_refine.pdbx_data_cutoff_low_absF                ? 
_refine.ls_number_parameters                     ? 
_refine.ls_number_restraints                     ? 
_refine.ls_R_factor_R_free_error                 ? 
_refine.ls_R_factor_R_free_error_details         ? 
_refine.pdbx_method_to_determine_struct          'MOLECULAR REPLACEMENT' 
_refine.pdbx_starting_model                      'PDB entry 2NYU' 
_refine.pdbx_stereochem_target_val_spec_case     ? 
_refine.solvent_model_param_bsol                 ? 
_refine.solvent_model_param_ksol                 ? 
_refine.occupancy_max                            ? 
_refine.occupancy_min                            ? 
_refine.pdbx_isotropic_thermal_model             ? 
_refine.B_iso_min                                ? 
_refine.B_iso_max                                ? 
_refine.overall_SU_R_Cruickshank_DPI             ? 
_refine.overall_SU_R_free                        ? 
_refine.pdbx_data_cutoff_high_rms_absF           ? 
_refine.ls_wR_factor_R_free                      ? 
_refine.ls_wR_factor_R_work                      ? 
_refine.overall_FOM_free_R_set                   ? 
_refine.overall_FOM_work_R_set                   ? 
_refine.pdbx_refine_id                           'X-RAY DIFFRACTION' 
_refine.pdbx_diffrn_id                           1 
_refine.pdbx_TLS_residual_ADP_flag               ? 
_refine.pdbx_overall_phase_error                 ? 
_refine.pdbx_overall_SU_R_free_Cruickshank_DPI   ? 
_refine.pdbx_overall_SU_R_Blow_DPI               ? 
_refine.pdbx_overall_SU_R_free_Blow_DPI          ? 
# 
_refine_hist.pdbx_refine_id                   'X-RAY DIFFRACTION' 
_refine_hist.cycle_id                         LAST 
_refine_hist.pdbx_number_atoms_protein        1472 
_refine_hist.pdbx_number_atoms_nucleic_acid   0 
_refine_hist.pdbx_number_atoms_ligand         32 
_refine_hist.number_atoms_solvent             155 
_refine_hist.number_atoms_total               1659 
_refine_hist.d_res_high                       1.700 
_refine_hist.d_res_low                        45.830 
# 
loop_
_refine_ls_restr.type 
_refine_ls_restr.number 
_refine_ls_restr.dev_ideal 
_refine_ls_restr.dev_ideal_target 
_refine_ls_restr.weight 
_refine_ls_restr.pdbx_refine_id 
_refine_ls_restr.pdbx_restraint_function 
r_bond_refined_d         1529 0.012  0.022  ? 'X-RAY DIFFRACTION' ? 
r_angle_refined_deg      2058 1.522  2.001  ? 'X-RAY DIFFRACTION' ? 
r_dihedral_angle_1_deg   179  6.522  5.000  ? 'X-RAY DIFFRACTION' ? 
r_dihedral_angle_2_deg   65   39.665 25.231 ? 'X-RAY DIFFRACTION' ? 
r_dihedral_angle_3_deg   297  15.315 15.000 ? 'X-RAY DIFFRACTION' ? 
r_dihedral_angle_4_deg   5    19.574 15.000 ? 'X-RAY DIFFRACTION' ? 
r_chiral_restr           232  0.098  0.200  ? 'X-RAY DIFFRACTION' ? 
r_gen_planes_refined     1091 0.006  0.020  ? 'X-RAY DIFFRACTION' ? 
r_nbd_refined            723  0.199  0.200  ? 'X-RAY DIFFRACTION' ? 
r_nbtor_refined          1048 0.309  0.200  ? 'X-RAY DIFFRACTION' ? 
r_xyhbond_nbd_refined    135  0.126  0.200  ? 'X-RAY DIFFRACTION' ? 
r_symmetry_vdw_refined   41   0.233  0.200  ? 'X-RAY DIFFRACTION' ? 
r_symmetry_hbond_refined 15   0.228  0.200  ? 'X-RAY DIFFRACTION' ? 
r_mcbond_it              937  1.043  1.500  ? 'X-RAY DIFFRACTION' ? 
r_mcangle_it             1468 1.684  2.000  ? 'X-RAY DIFFRACTION' ? 
r_scbond_it              685  2.562  3.000  ? 'X-RAY DIFFRACTION' ? 
r_scangle_it             590  3.759  4.500  ? 'X-RAY DIFFRACTION' ? 
# 
_refine_ls_shell.d_res_high                       1.700 
_refine_ls_shell.d_res_low                        1.744 
_refine_ls_shell.pdbx_total_number_of_bins_used   20 
_refine_ls_shell.percent_reflns_obs               87.340 
_refine_ls_shell.number_reflns_R_work             1223 
_refine_ls_shell.R_factor_all                     ? 
_refine_ls_shell.R_factor_R_work                  0.282 
_refine_ls_shell.R_factor_R_free                  0.384 
_refine_ls_shell.percent_reflns_R_free            ? 
_refine_ls_shell.number_reflns_R_free             67 
_refine_ls_shell.R_factor_R_free_error            ? 
_refine_ls_shell.number_reflns_all                ? 
_refine_ls_shell.number_reflns_obs                1290 
_refine_ls_shell.redundancy_reflns_obs            ? 
_refine_ls_shell.pdbx_refine_id                   'X-RAY DIFFRACTION' 
# 
_struct.entry_id                  2PLW 
_struct.title                     
'Crystal structure of a ribosomal RNA methyltransferase, putative, from Plasmodium falciparum (PF13_0052).' 
_struct.pdbx_model_details        ? 
_struct.pdbx_CASP_flag            N 
_struct.pdbx_model_type_details   ? 
# 
_struct_keywords.entry_id        2PLW 
_struct_keywords.pdbx_keywords   TRANSFERASE 
_struct_keywords.text            
'methyltransferase, malaria, plasmodium falciparum, RNA, SAM, Structural Genomics, Structural Genomics Consortium, SGC, TRANSFERASE' 
# 
loop_
_struct_asym.id 
_struct_asym.pdbx_blank_PDB_chainid_flag 
_struct_asym.pdbx_modified 
_struct_asym.entity_id 
_struct_asym.details 
A N N 1 ? 
B N N 2 ? 
C N N 3 ? 
D N N 4 ? 
# 
_struct_biol.id                    1 
_struct_biol.details               'The biological assembly is a monomer' 
_struct_biol.pdbx_parent_biol_id   ? 
# 
loop_
_struct_conf.conf_type_id 
_struct_conf.id 
_struct_conf.pdbx_PDB_helix_id 
_struct_conf.beg_label_comp_id 
_struct_conf.beg_label_asym_id 
_struct_conf.beg_label_seq_id 
_struct_conf.pdbx_beg_PDB_ins_code 
_struct_conf.end_label_comp_id 
_struct_conf.end_label_asym_id 
_struct_conf.end_label_seq_id 
_struct_conf.pdbx_end_PDB_ins_code 
_struct_conf.beg_auth_comp_id 
_struct_conf.beg_auth_asym_id 
_struct_conf.beg_auth_seq_id 
_struct_conf.end_auth_comp_id 
_struct_conf.end_auth_asym_id 
_struct_conf.end_auth_seq_id 
_struct_conf.pdbx_PDB_helix_class 
_struct_conf.details 
_struct_conf.pdbx_PDB_helix_length 
HELX_P HELX_P1 1 ALA A 6   ? LEU A 18  ? ALA A 6   LEU A 18  1 ? 13 
HELX_P HELX_P2 2 GLY A 34  ? THR A 44  ? GLY A 34  THR A 44  1 ? 11 
HELX_P HELX_P3 3 ASN A 92  ? GLN A 103 ? ASN A 92  GLN A 103 1 ? 12 
HELX_P HELX_P4 4 ASN A 121 ? TYR A 143 ? ASN A 121 TYR A 143 1 ? 23 
HELX_P HELX_P5 5 GLN A 159 ? GLY A 169 ? GLN A 159 GLY A 169 1 ? 11 
# 
_struct_conf_type.id          HELX_P 
_struct_conf_type.criteria    ? 
_struct_conf_type.reference   ? 
# 
_struct_mon_prot_cis.pdbx_id                1 
_struct_mon_prot_cis.label_comp_id          TYR 
_struct_mon_prot_cis.label_seq_id           32 
_struct_mon_prot_cis.label_asym_id          A 
_struct_mon_prot_cis.label_alt_id           . 
_struct_mon_prot_cis.pdbx_PDB_ins_code      ? 
_struct_mon_prot_cis.auth_comp_id           TYR 
_struct_mon_prot_cis.auth_seq_id            32 
_struct_mon_prot_cis.auth_asym_id           A 
_struct_mon_prot_cis.pdbx_label_comp_id_2   PRO 
_struct_mon_prot_cis.pdbx_label_seq_id_2    33 
_struct_mon_prot_cis.pdbx_label_asym_id_2   A 
_struct_mon_prot_cis.pdbx_PDB_ins_code_2    ? 
_struct_mon_prot_cis.pdbx_auth_comp_id_2    PRO 
_struct_mon_prot_cis.pdbx_auth_seq_id_2     33 
_struct_mon_prot_cis.pdbx_auth_asym_id_2    A 
_struct_mon_prot_cis.pdbx_PDB_model_num     1 
_struct_mon_prot_cis.pdbx_omega_angle       2.27 
# 
_struct_sheet.id               A 
_struct_sheet.type             ? 
_struct_sheet.number_strands   7 
_struct_sheet.details          ? 
# 
loop_
_struct_sheet_order.sheet_id 
_struct_sheet_order.range_id_1 
_struct_sheet_order.range_id_2 
_struct_sheet_order.offset 
_struct_sheet_order.sense 
A 1 2 ? parallel      
A 2 3 ? parallel      
A 3 4 ? parallel      
A 4 5 ? parallel      
A 5 6 ? anti-parallel 
A 6 7 ? anti-parallel 
# 
loop_
_struct_sheet_range.sheet_id 
_struct_sheet_range.id 
_struct_sheet_range.beg_label_comp_id 
_struct_sheet_range.beg_label_asym_id 
_struct_sheet_range.beg_label_seq_id 
_struct_sheet_range.pdbx_beg_PDB_ins_code 
_struct_sheet_range.end_label_comp_id 
_struct_sheet_range.end_label_asym_id 
_struct_sheet_range.end_label_seq_id 
_struct_sheet_range.pdbx_end_PDB_ins_code 
_struct_sheet_range.beg_auth_comp_id 
_struct_sheet_range.beg_auth_asym_id 
_struct_sheet_range.beg_auth_seq_id 
_struct_sheet_range.end_auth_comp_id 
_struct_sheet_range.end_auth_asym_id 
_struct_sheet_range.end_auth_seq_id 
A 1 TYR A 66  ? GLN A 69  ? TYR A 66  GLN A 69  
A 2 ASN A 49  ? ASP A 55  ? ASN A 49  ASP A 55  
A 3 LYS A 24  ? ILE A 29  ? LYS A 24  ILE A 29  
A 4 ILE A 107 ? SER A 112 ? ILE A 107 SER A 112 
A 5 ILE A 144 ? TYR A 155 ? ILE A 144 TYR A 155 
A 6 GLU A 188 ? PHE A 196 ? GLU A 188 PHE A 196 
A 7 PHE A 171 ? THR A 176 ? PHE A 171 THR A 176 
# 
loop_
_pdbx_struct_sheet_hbond.sheet_id 
_pdbx_struct_sheet_hbond.range_id_1 
_pdbx_struct_sheet_hbond.range_id_2 
_pdbx_struct_sheet_hbond.range_1_label_atom_id 
_pdbx_struct_sheet_hbond.range_1_label_comp_id 
_pdbx_struct_sheet_hbond.range_1_label_asym_id 
_pdbx_struct_sheet_hbond.range_1_label_seq_id 
_pdbx_struct_sheet_hbond.range_1_PDB_ins_code 
_pdbx_struct_sheet_hbond.range_1_auth_atom_id 
_pdbx_struct_sheet_hbond.range_1_auth_comp_id 
_pdbx_struct_sheet_hbond.range_1_auth_asym_id 
_pdbx_struct_sheet_hbond.range_1_auth_seq_id 
_pdbx_struct_sheet_hbond.range_2_label_atom_id 
_pdbx_struct_sheet_hbond.range_2_label_comp_id 
_pdbx_struct_sheet_hbond.range_2_label_asym_id 
_pdbx_struct_sheet_hbond.range_2_label_seq_id 
_pdbx_struct_sheet_hbond.range_2_PDB_ins_code 
_pdbx_struct_sheet_hbond.range_2_auth_atom_id 
_pdbx_struct_sheet_hbond.range_2_auth_comp_id 
_pdbx_struct_sheet_hbond.range_2_auth_asym_id 
_pdbx_struct_sheet_hbond.range_2_auth_seq_id 
A 1 2 O TYR A 66  ? O TYR A 66  N GLY A 53  ? N GLY A 53  
A 2 3 O LYS A 50  ? O LYS A 50  N ILE A 26  ? N ILE A 26  
A 3 4 N ILE A 29  ? N ILE A 29  O LEU A 111 ? O LEU A 111 
A 4 5 N ILE A 110 ? N ILE A 110 O THR A 149 ? O THR A 149 
A 5 6 N GLY A 147 ? N GLY A 147 O PHE A 196 ? O PHE A 196 
A 6 7 O VAL A 192 ? O VAL A 192 N HIS A 175 ? N HIS A 175 
# 
loop_
_struct_site.id 
_struct_site.pdbx_evidence_code 
_struct_site.pdbx_auth_asym_id 
_struct_site.pdbx_auth_comp_id 
_struct_site.pdbx_auth_seq_id 
_struct_site.pdbx_auth_ins_code 
_struct_site.pdbx_num_residues 
_struct_site.details 
AC1 Software A SO4 202 ? 8  'BINDING SITE FOR RESIDUE SO4 A 202' 
AC2 Software A SAM 203 ? 21 'BINDING SITE FOR RESIDUE SAM A 203' 
# 
loop_
_struct_site_gen.id 
_struct_site_gen.site_id 
_struct_site_gen.pdbx_num_res 
_struct_site_gen.label_comp_id 
_struct_site_gen.label_asym_id 
_struct_site_gen.label_seq_id 
_struct_site_gen.pdbx_auth_ins_code 
_struct_site_gen.auth_comp_id 
_struct_site_gen.auth_asym_id 
_struct_site_gen.auth_seq_id 
_struct_site_gen.label_atom_id 
_struct_site_gen.label_alt_id 
_struct_site_gen.symmetry 
_struct_site_gen.details 
1  AC1 8  TYR A 2   ? TYR A 2   . ? 1_555 ? 
2  AC1 8  TYR A 8   ? TYR A 8   . ? 1_555 ? 
3  AC1 8  LYS A 48  ? LYS A 48  . ? 3_555 ? 
4  AC1 8  LYS A 105 ? LYS A 105 . ? 3_555 ? 
5  AC1 8  HOH D .   ? HOH A 247 . ? 4_465 ? 
6  AC1 8  HOH D .   ? HOH A 269 . ? 3_555 ? 
7  AC1 8  HOH D .   ? HOH A 282 . ? 4_465 ? 
8  AC1 8  HOH D .   ? HOH A 349 . ? 1_555 ? 
9  AC2 21 ALA A 6   ? ALA A 6   . ? 1_555 ? 
10 AC2 21 GLY A 30  ? GLY A 30  . ? 1_555 ? 
11 AC2 21 CYS A 31  ? CYS A 31  . ? 1_555 ? 
12 AC2 21 TYR A 32  ? TYR A 32  . ? 1_555 ? 
13 AC2 21 PRO A 33  ? PRO A 33  . ? 1_555 ? 
14 AC2 21 GLY A 34  ? GLY A 34  . ? 1_555 ? 
15 AC2 21 SER A 35  ? SER A 35  . ? 1_555 ? 
16 AC2 21 TRP A 36  ? TRP A 36  . ? 1_555 ? 
17 AC2 21 ASP A 55  ? ASP A 55  . ? 1_555 ? 
18 AC2 21 LYS A 56  ? LYS A 56  . ? 1_555 ? 
19 AC2 21 LYS A 57  ? LYS A 57  . ? 1_555 ? 
20 AC2 21 GLY A 70  ? GLY A 70  . ? 1_555 ? 
21 AC2 21 GLU A 71  ? GLU A 71  . ? 1_555 ? 
22 AC2 21 ILE A 72  ? ILE A 72  . ? 1_555 ? 
23 AC2 21 ASP A 113 ? ASP A 113 . ? 1_555 ? 
24 AC2 21 ALA A 114 ? ALA A 114 . ? 1_555 ? 
25 AC2 21 ALA A 115 ? ALA A 115 . ? 1_555 ? 
26 AC2 21 LEU A 132 ? LEU A 132 . ? 1_555 ? 
27 AC2 21 HOH D .   ? HOH A 218 . ? 1_555 ? 
28 AC2 21 HOH D .   ? HOH A 334 . ? 1_555 ? 
29 AC2 21 HOH D .   ? HOH A 358 . ? 1_555 ? 
# 
_atom_sites.entry_id                    2PLW 
_atom_sites.fract_transf_matrix[1][1]   -0.00605466 
_atom_sites.fract_transf_matrix[1][2]   -0.01872144 
_atom_sites.fract_transf_matrix[1][3]   -0.01280696 
_atom_sites.fract_transf_matrix[2][1]   -0.01280419 
_atom_sites.fract_transf_matrix[2][2]   -0.00293787 
_atom_sites.fract_transf_matrix[2][3]   0.01034797 
_atom_sites.fract_transf_matrix[3][1]   -0.00826521 
_atom_sites.fract_transf_matrix[3][2]   0.00809667 
_atom_sites.fract_transf_matrix[3][3]   -0.00792836 
_atom_sites.fract_transf_vector[1]      0.124881 
_atom_sites.fract_transf_vector[2]      0.472562 
_atom_sites.fract_transf_vector[3]      0.057740 
# 
loop_
_atom_type.symbol 
C 
N 
O 
S 
# 
loop_
_atom_site.group_PDB 
_atom_site.id 
_atom_site.type_symbol 
_atom_site.label_atom_id 
_atom_site.label_alt_id 
_atom_site.label_comp_id 
_atom_site.label_asym_id 
_atom_site.label_entity_id 
_atom_site.label_seq_id 
_atom_site.pdbx_PDB_ins_code 
_atom_site.Cartn_x 
_atom_site.Cartn_y 
_atom_site.Cartn_z 
_atom_site.occupancy 
_atom_site.B_iso_or_equiv 
_atom_site.pdbx_formal_charge 
_atom_site.auth_seq_id 
_atom_site.auth_comp_id 
_atom_site.auth_asym_id 
_atom_site.auth_atom_id 
_atom_site.pdbx_PDB_model_num 
ATOM   1    N N     . TYR A 1 2   ? -15.386 12.443  3.072   1.00 20.87 ? 2   TYR A N     1 
ATOM   2    C CA    . TYR A 1 2   ? -14.637 11.148  2.905   1.00 20.40 ? 2   TYR A CA    1 
ATOM   3    C C     . TYR A 1 2   ? -15.571 9.940   2.958   1.00 19.64 ? 2   TYR A C     1 
ATOM   4    O O     . TYR A 1 2   ? -16.481 9.894   3.771   1.00 20.12 ? 2   TYR A O     1 
ATOM   5    C CB    . TYR A 1 2   ? -13.591 11.029  4.008   1.00 20.37 ? 2   TYR A CB    1 
ATOM   6    C CG    . TYR A 1 2   ? -12.515 12.075  3.956   1.00 21.71 ? 2   TYR A CG    1 
ATOM   7    C CD1   . TYR A 1 2   ? -11.770 12.289  2.790   1.00 20.86 ? 2   TYR A CD1   1 
ATOM   8    C CD2   . TYR A 1 2   ? -12.196 12.824  5.088   1.00 21.28 ? 2   TYR A CD2   1 
ATOM   9    C CE1   . TYR A 1 2   ? -10.770 13.242  2.747   1.00 22.40 ? 2   TYR A CE1   1 
ATOM   10   C CE2   . TYR A 1 2   ? -11.192 13.778  5.052   1.00 24.27 ? 2   TYR A CE2   1 
ATOM   11   C CZ    . TYR A 1 2   ? -10.490 13.984  3.884   1.00 23.01 ? 2   TYR A CZ    1 
ATOM   12   O OH    . TYR A 1 2   ? -9.488  14.924  3.877   1.00 25.60 ? 2   TYR A OH    1 
ATOM   13   N N     . ARG A 1 3   ? -15.319 8.940   2.115   1.00 19.43 ? 3   ARG A N     1 
ATOM   14   C CA    . ARG A 1 3   ? -16.111 7.710   2.092   1.00 18.31 ? 3   ARG A CA    1 
ATOM   15   C C     . ARG A 1 3   ? -15.918 6.796   3.316   1.00 18.18 ? 3   ARG A C     1 
ATOM   16   O O     . ARG A 1 3   ? -16.701 5.863   3.539   1.00 18.65 ? 3   ARG A O     1 
ATOM   17   C CB    . ARG A 1 3   ? -15.800 6.911   0.816   1.00 18.29 ? 3   ARG A CB    1 
ATOM   18   C CG    . ARG A 1 3   ? -16.197 7.634   -0.466  1.00 17.49 ? 3   ARG A CG    1 
ATOM   19   C CD    . ARG A 1 3   ? -15.653 6.886   -1.666  1.00 17.31 ? 3   ARG A CD    1 
ATOM   20   N NE    . ARG A 1 3   ? -16.183 7.432   -2.906  1.00 19.53 ? 3   ARG A NE    1 
ATOM   21   C CZ    . ARG A 1 3   ? -16.108 6.824   -4.081  1.00 19.30 ? 3   ARG A CZ    1 
ATOM   22   N NH1   . ARG A 1 3   ? -15.517 5.638   -4.194  1.00 16.44 ? 3   ARG A NH1   1 
ATOM   23   N NH2   . ARG A 1 3   ? -16.612 7.418   -5.145  1.00 19.50 ? 3   ARG A NH2   1 
ATOM   24   N N     . SER A 1 4   ? -14.856 7.042   4.071   1.00 18.01 ? 4   SER A N     1 
ATOM   25   C CA    . SER A 1 4   ? -14.532 6.268   5.269   1.00 17.85 ? 4   SER A CA    1 
ATOM   26   C C     . SER A 1 4   ? -13.737 7.150   6.191   1.00 17.48 ? 4   SER A C     1 
ATOM   27   O O     . SER A 1 4   ? -13.046 8.064   5.757   1.00 17.74 ? 4   SER A O     1 
ATOM   28   C CB    . SER A 1 4   ? -13.677 5.021   4.921   1.00 17.99 ? 4   SER A CB    1 
ATOM   29   O OG    . SER A 1 4   ? -13.102 4.449   6.099   1.00 18.70 ? 4   SER A OG    1 
ATOM   30   N N     . ARG A 1 5   ? -13.815 6.855   7.486   1.00 18.14 ? 5   ARG A N     1 
ATOM   31   C CA    . ARG A 1 5   ? -13.010 7.574   8.464   1.00 17.57 ? 5   ARG A CA    1 
ATOM   32   C C     . ARG A 1 5   ? -11.532 7.125   8.409   1.00 17.16 ? 5   ARG A C     1 
ATOM   33   O O     . ARG A 1 5   ? -10.667 7.754   9.014   1.00 16.25 ? 5   ARG A O     1 
ATOM   34   C CB    . ARG A 1 5   ? -13.619 7.435   9.861   1.00 18.17 ? 5   ARG A CB    1 
ATOM   35   C CG    . ARG A 1 5   ? -14.964 8.166   9.960   1.00 19.08 ? 5   ARG A CG    1 
ATOM   36   C CD    . ARG A 1 5   ? -15.509 8.231   11.382  1.00 22.41 ? 5   ARG A CD    1 
ATOM   37   N NE    . ARG A 1 5   ? -16.856 8.804   11.361  1.00 23.23 ? 5   ARG A NE    1 
ATOM   38   C CZ    . ARG A 1 5   ? -17.960 8.084   11.185  1.00 23.65 ? 5   ARG A CZ    1 
ATOM   39   N NH1   . ARG A 1 5   ? -17.870 6.761   11.062  1.00 23.60 ? 5   ARG A NH1   1 
ATOM   40   N NH2   . ARG A 1 5   ? -19.153 8.673   11.143  1.00 23.84 ? 5   ARG A NH2   1 
ATOM   41   N N     . ALA A 1 6   ? -11.263 6.046   7.671   1.00 17.60 ? 6   ALA A N     1 
ATOM   42   C CA    . ALA A 1 6   ? -9.860  5.628   7.391   1.00 17.20 ? 6   ALA A CA    1 
ATOM   43   C C     . ALA A 1 6   ? -9.000  6.764   6.772   1.00 16.79 ? 6   ALA A C     1 
ATOM   44   O O     . ALA A 1 6   ? -7.771  6.801   6.971   1.00 16.55 ? 6   ALA A O     1 
ATOM   45   C CB    . ALA A 1 6   ? -9.829  4.388   6.492   1.00 16.46 ? 6   ALA A CB    1 
ATOM   46   N N     . ALA A 1 7   ? -9.641  7.691   6.045   1.00 16.77 ? 7   ALA A N     1 
ATOM   47   C CA    . ALA A 1 7   ? -8.956  8.876   5.502   1.00 16.47 ? 7   ALA A CA    1 
ATOM   48   C C     . ALA A 1 7   ? -8.056  9.540   6.532   1.00 15.96 ? 7   ALA A C     1 
ATOM   49   O O     . ALA A 1 7   ? -6.966  9.969   6.206   1.00 14.80 ? 7   ALA A O     1 
ATOM   50   C CB    . ALA A 1 7   ? -9.975  9.913   4.957   1.00 16.44 ? 7   ALA A CB    1 
ATOM   51   N N     . TYR A 1 8   ? -8.505  9.615   7.783   1.00 17.00 ? 8   TYR A N     1 
ATOM   52   C CA    . TYR A 1 8   ? -7.727  10.324  8.800   1.00 17.67 ? 8   TYR A CA    1 
ATOM   53   C C     . TYR A 1 8   ? -6.420  9.630   9.174   1.00 17.47 ? 8   TYR A C     1 
ATOM   54   O O     . TYR A 1 8   ? -5.494  10.295  9.617   1.00 17.97 ? 8   TYR A O     1 
ATOM   55   C CB    . TYR A 1 8   ? -8.594  10.636  10.026  1.00 18.52 ? 8   TYR A CB    1 
ATOM   56   C CG    . TYR A 1 8   ? -9.674  11.624  9.625   1.00 18.84 ? 8   TYR A CG    1 
ATOM   57   C CD1   . TYR A 1 8   ? -9.366  12.964  9.435   1.00 20.81 ? 8   TYR A CD1   1 
ATOM   58   C CD2   . TYR A 1 8   ? -10.988 11.200  9.390   1.00 20.17 ? 8   TYR A CD2   1 
ATOM   59   C CE1   . TYR A 1 8   ? -10.336 13.888  9.039   1.00 21.15 ? 8   TYR A CE1   1 
ATOM   60   C CE2   . TYR A 1 8   ? -11.963 12.098  8.973   1.00 19.35 ? 8   TYR A CE2   1 
ATOM   61   C CZ    . TYR A 1 8   ? -11.629 13.444  8.804   1.00 20.95 ? 8   TYR A CZ    1 
ATOM   62   O OH    . TYR A 1 8   ? -12.581 14.367  8.418   1.00 22.63 ? 8   TYR A OH    1 
ATOM   63   N N     . LYS A 1 9   ? -6.352  8.311   8.977   1.00 17.41 ? 9   LYS A N     1 
ATOM   64   C CA    . LYS A 1 9   ? -5.086  7.578   9.140   1.00 17.68 ? 9   LYS A CA    1 
ATOM   65   C C     . LYS A 1 9   ? -4.078  7.982   8.070   1.00 16.81 ? 9   LYS A C     1 
ATOM   66   O O     . LYS A 1 9   ? -2.906  8.088   8.346   1.00 16.76 ? 9   LYS A O     1 
ATOM   67   C CB    . LYS A 1 9   ? -5.329  6.064   9.087   1.00 17.88 ? 9   LYS A CB    1 
ATOM   68   C CG    . LYS A 1 9   ? -6.141  5.587   10.288  1.00 22.05 ? 9   LYS A CG    1 
ATOM   69   C CD    . LYS A 1 9   ? -6.186  4.067   10.430  1.00 25.99 ? 9   LYS A CD    1 
ATOM   70   C CE    . LYS A 1 9   ? -7.119  3.453   9.422   1.00 28.20 ? 9   LYS A CE    1 
ATOM   71   N NZ    . LYS A 1 9   ? -7.786  2.204   9.916   1.00 27.69 ? 9   LYS A NZ    1 
ATOM   72   N N     . LEU A 1 10  ? -4.530  8.161   6.826   1.00 16.40 ? 10  LEU A N     1 
ATOM   73   C CA    . LEU A 1 10  ? -3.590  8.585   5.780   1.00 16.21 ? 10  LEU A CA    1 
ATOM   74   C C     . LEU A 1 10  ? -3.153  10.029  5.978   1.00 16.02 ? 10  LEU A C     1 
ATOM   75   O O     . LEU A 1 10  ? -1.978  10.369  5.819   1.00 15.18 ? 10  LEU A O     1 
ATOM   76   C CB    . LEU A 1 10  ? -4.147  8.340   4.376   1.00 16.07 ? 10  LEU A CB    1 
ATOM   77   C CG    . LEU A 1 10  ? -3.117  8.652   3.268   1.00 14.65 ? 10  LEU A CG    1 
ATOM   78   C CD1   . LEU A 1 10  ? -1.824  7.801   3.391   1.00 17.57 ? 10  LEU A CD1   1 
ATOM   79   C CD2   . LEU A 1 10  ? -3.759  8.409   1.925   1.00 16.55 ? 10  LEU A CD2   1 
ATOM   80   N N     . ILE A 1 11  ? -4.106  10.881  6.361   1.00 17.04 ? 11  ILE A N     1 
ATOM   81   C CA    . ILE A 1 11  ? -3.770  12.276  6.704   1.00 17.57 ? 11  ILE A CA    1 
ATOM   82   C C     . ILE A 1 11  ? -2.672  12.332  7.796   1.00 18.46 ? 11  ILE A C     1 
ATOM   83   O O     . ILE A 1 11  ? -1.710  13.081  7.683   1.00 18.71 ? 11  ILE A O     1 
ATOM   84   C CB    . ILE A 1 11  ? -5.050  13.048  7.118   1.00 17.66 ? 11  ILE A CB    1 
ATOM   85   C CG1   . ILE A 1 11  ? -5.961  13.229  5.905   1.00 17.31 ? 11  ILE A CG1   1 
ATOM   86   C CG2   . ILE A 1 11  ? -4.697  14.399  7.756   1.00 17.36 ? 11  ILE A CG2   1 
ATOM   87   C CD1   . ILE A 1 11  ? -7.430  13.466  6.247   1.00 19.49 ? 11  ILE A CD1   1 
ATOM   88   N N     . GLU A 1 12  ? -2.810  11.518  8.841   1.00 18.67 ? 12  GLU A N     1 
ATOM   89   C CA    . GLU A 1 12  ? -1.824  11.440  9.907   1.00 20.53 ? 12  GLU A CA    1 
ATOM   90   C C     . GLU A 1 12  ? -0.468  10.973  9.358   1.00 19.58 ? 12  GLU A C     1 
ATOM   91   O O     . GLU A 1 12  ? 0.566   11.560  9.655   1.00 19.31 ? 12  GLU A O     1 
ATOM   92   C CB    . GLU A 1 12  ? -2.337  10.494  11.000  1.00 20.33 ? 12  GLU A CB    1 
ATOM   93   C CG    . GLU A 1 12  ? -1.360  10.183  12.111  1.00 23.88 ? 12  GLU A CG    1 
ATOM   94   C CD    . GLU A 1 12  ? -1.895  9.159   13.115  1.00 26.08 ? 12  GLU A CD    1 
ATOM   95   O OE1   . GLU A 1 12  ? -3.109  8.817   13.064  1.00 29.17 ? 12  GLU A OE1   1 
ATOM   96   O OE2   . GLU A 1 12  ? -1.073  8.699   13.960  1.00 31.99 ? 12  GLU A OE2   1 
ATOM   97   N N     . LEU A 1 13  ? -0.498  9.912   8.546   1.00 18.51 ? 13  LEU A N     1 
ATOM   98   C CA    . LEU A 1 13  ? 0.718   9.363   7.964   1.00 17.97 ? 13  LEU A CA    1 
ATOM   99   C C     . LEU A 1 13  ? 1.456   10.398  7.116   1.00 17.87 ? 13  LEU A C     1 
ATOM   100  O O     . LEU A 1 13  ? 2.669   10.567  7.258   1.00 18.45 ? 13  LEU A O     1 
ATOM   101  C CB    . LEU A 1 13  ? 0.400   8.126   7.123   1.00 17.59 ? 13  LEU A CB    1 
ATOM   102  C CG    . LEU A 1 13  ? 0.154   6.836   7.915   1.00 14.69 ? 13  LEU A CG    1 
ATOM   103  C CD1   . LEU A 1 13  ? -0.478  5.808   6.985   1.00 16.06 ? 13  LEU A CD1   1 
ATOM   104  C CD2   . LEU A 1 13  ? 1.459   6.320   8.512   1.00 16.73 ? 13  LEU A CD2   1 
ATOM   105  N N     . ASP A 1 14  ? 0.726   11.073  6.233   1.00 18.17 ? 14  ASP A N     1 
ATOM   106  C CA    . ASP A 1 14  ? 1.345   12.036  5.330   1.00 18.93 ? 14  ASP A CA    1 
ATOM   107  C C     . ASP A 1 14  ? 1.799   13.279  6.089   1.00 20.13 ? 14  ASP A C     1 
ATOM   108  O O     . ASP A 1 14  ? 2.821   13.860  5.770   1.00 19.95 ? 14  ASP A O     1 
ATOM   109  C CB    . ASP A 1 14  ? 0.444   12.419  4.166   1.00 18.85 ? 14  ASP A CB    1 
ATOM   110  C CG    . ASP A 1 14  ? 1.185   13.249  3.110   1.00 21.81 ? 14  ASP A CG    1 
ATOM   111  O OD1   . ASP A 1 14  ? 2.225   12.778  2.605   1.00 21.34 ? 14  ASP A OD1   1 
ATOM   112  O OD2   . ASP A 1 14  ? 0.783   14.402  2.843   1.00 22.05 ? 14  ASP A OD2   1 
ATOM   113  N N     . ASN A 1 15  ? 1.037   13.666  7.104   1.00 20.81 ? 15  ASN A N     1 
ATOM   114  C CA    . ASN A 1 15  ? 1.474   14.769  7.980   1.00 22.55 ? 15  ASN A CA    1 
ATOM   115  C C     . ASN A 1 15  ? 2.824   14.526  8.662   1.00 23.33 ? 15  ASN A C     1 
ATOM   116  O O     . ASN A 1 15  ? 3.630   15.454  8.832   1.00 23.81 ? 15  ASN A O     1 
ATOM   117  C CB    . ASN A 1 15  ? 0.387   15.051  9.022   1.00 22.47 ? 15  ASN A CB    1 
ATOM   118  C CG    . ASN A 1 15  ? -0.754  15.866  8.466   1.00 23.07 ? 15  ASN A CG    1 
ATOM   119  O OD1   . ASN A 1 15  ? -0.691  16.406  7.347   1.00 23.08 ? 15  ASN A OD1   1 
ATOM   120  N ND2   . ASN A 1 15  ? -1.816  15.981  9.257   1.00 27.30 ? 15  ASN A ND2   1 
ATOM   121  N N     . LYS A 1 16  ? 3.075   13.275  9.044   1.00 23.91 ? 16  LYS A N     1 
ATOM   122  C CA    . LYS A 1 16  ? 4.283   12.899  9.756   1.00 25.32 ? 16  LYS A CA    1 
ATOM   123  C C     . LYS A 1 16  ? 5.419   12.571  8.787   1.00 24.95 ? 16  LYS A C     1 
ATOM   124  O O     . LYS A 1 16  ? 6.576   12.983  8.991   1.00 24.64 ? 16  LYS A O     1 
ATOM   125  C CB    . LYS A 1 16  ? 3.992   11.709  10.690  1.00 25.22 ? 16  LYS A CB    1 
ATOM   126  C CG    . LYS A 1 16  ? 5.195   11.248  11.556  1.00 27.59 ? 16  LYS A CG    1 
ATOM   127  C CD    . LYS A 1 16  ? 4.817   10.107  12.492  1.00 27.94 ? 16  LYS A CD    1 
ATOM   128  C CE    . LYS A 1 16  ? 5.858   9.869   13.593  1.00 30.72 ? 16  LYS A CE    1 
ATOM   129  N NZ    . LYS A 1 16  ? 5.493   10.547  14.896  1.00 34.52 ? 16  LYS A NZ    1 
ATOM   130  N N     . TYR A 1 17  ? 5.094   11.826  7.730   1.00 24.49 ? 17  TYR A N     1 
ATOM   131  C CA    . TYR A 1 17  ? 6.132   11.296  6.850   1.00 24.99 ? 17  TYR A CA    1 
ATOM   132  C C     . TYR A 1 17  ? 6.287   12.002  5.511   1.00 24.83 ? 17  TYR A C     1 
ATOM   133  O O     . TYR A 1 17  ? 7.256   11.721  4.799   1.00 25.10 ? 17  TYR A O     1 
ATOM   134  C CB    . TYR A 1 17  ? 5.960   9.781   6.680   1.00 24.73 ? 17  TYR A CB    1 
ATOM   135  C CG    . TYR A 1 17  ? 6.041   9.043   7.994   1.00 26.20 ? 17  TYR A CG    1 
ATOM   136  C CD1   . TYR A 1 17  ? 7.282   8.744   8.589   1.00 25.96 ? 17  TYR A CD1   1 
ATOM   137  C CD2   . TYR A 1 17  ? 4.884   8.651   8.656   1.00 25.05 ? 17  TYR A CD2   1 
ATOM   138  C CE1   . TYR A 1 17  ? 7.350   8.059   9.795   1.00 27.71 ? 17  TYR A CE1   1 
ATOM   139  C CE2   . TYR A 1 17  ? 4.936   7.980   9.862   1.00 26.40 ? 17  TYR A CE2   1 
ATOM   140  C CZ    . TYR A 1 17  ? 6.167   7.689   10.431  1.00 26.64 ? 17  TYR A CZ    1 
ATOM   141  O OH    . TYR A 1 17  ? 6.189   7.026   11.632  1.00 30.60 ? 17  TYR A OH    1 
ATOM   142  N N     . LEU A 1 18  ? 5.356   12.907  5.183   1.00 24.36 ? 18  LEU A N     1 
ATOM   143  C CA    . LEU A 1 18  ? 5.403   13.793  4.000   1.00 25.18 ? 18  LEU A CA    1 
ATOM   144  C C     . LEU A 1 18  ? 5.891   13.147  2.710   1.00 24.79 ? 18  LEU A C     1 
ATOM   145  O O     . LEU A 1 18  ? 7.008   13.428  2.239   1.00 25.45 ? 18  LEU A O     1 
ATOM   146  C CB    . LEU A 1 18  ? 6.246   15.060  4.269   1.00 26.25 ? 18  LEU A CB    1 
ATOM   147  C CG    . LEU A 1 18  ? 5.666   16.369  4.841   1.00 28.99 ? 18  LEU A CG    1 
ATOM   148  C CD1   . LEU A 1 18  ? 4.537   16.985  3.967   1.00 30.52 ? 18  LEU A CD1   1 
ATOM   149  C CD2   . LEU A 1 18  ? 5.240   16.193  6.284   1.00 31.27 ? 18  LEU A CD2   1 
ATOM   150  N N     . PHE A 1 19  ? 5.044   12.297  2.140   1.00 22.74 ? 19  PHE A N     1 
ATOM   151  C CA    . PHE A 1 19  ? 5.411   11.505  0.976   1.00 21.84 ? 19  PHE A CA    1 
ATOM   152  C C     . PHE A 1 19  ? 4.551   11.855  -0.228  1.00 21.54 ? 19  PHE A C     1 
ATOM   153  O O     . PHE A 1 19  ? 4.947   11.583  -1.355  1.00 20.75 ? 19  PHE A O     1 
ATOM   154  C CB    . PHE A 1 19  ? 5.348   9.995   1.294   1.00 20.04 ? 19  PHE A CB    1 
ATOM   155  C CG    . PHE A 1 19  ? 4.100   9.574   2.025   1.00 18.64 ? 19  PHE A CG    1 
ATOM   156  C CD1   . PHE A 1 19  ? 2.931   9.292   1.310   1.00 17.72 ? 19  PHE A CD1   1 
ATOM   157  C CD2   . PHE A 1 19  ? 4.086   9.458   3.423   1.00 18.56 ? 19  PHE A CD2   1 
ATOM   158  C CE1   . PHE A 1 19  ? 1.770   8.894   1.970   1.00 17.44 ? 19  PHE A CE1   1 
ATOM   159  C CE2   . PHE A 1 19  ? 2.918   9.075   4.094   1.00 17.74 ? 19  PHE A CE2   1 
ATOM   160  C CZ    . PHE A 1 19  ? 1.763   8.781   3.357   1.00 16.25 ? 19  PHE A CZ    1 
ATOM   161  N N     . LEU A 1 20  ? 3.382   12.466  -0.002  1.00 21.68 ? 20  LEU A N     1 
ATOM   162  C CA    . LEU A 1 20  ? 2.501   12.821  -1.112  1.00 22.36 ? 20  LEU A CA    1 
ATOM   163  C C     . LEU A 1 20  ? 2.961   14.110  -1.769  1.00 24.30 ? 20  LEU A C     1 
ATOM   164  O O     . LEU A 1 20  ? 2.774   15.202  -1.229  1.00 25.50 ? 20  LEU A O     1 
ATOM   165  C CB    . LEU A 1 20  ? 1.043   12.931  -0.679  1.00 22.27 ? 20  LEU A CB    1 
ATOM   166  C CG    . LEU A 1 20  ? 0.398   11.633  -0.170  1.00 19.64 ? 20  LEU A CG    1 
ATOM   167  C CD1   . LEU A 1 20  ? -0.962  11.927  0.498   1.00 18.22 ? 20  LEU A CD1   1 
ATOM   168  C CD2   . LEU A 1 20  ? 0.219   10.602  -1.308  1.00 20.93 ? 20  LEU A CD2   1 
ATOM   169  N N     . LYS A 1 21  ? 3.556   13.957  -2.945  1.00 24.69 ? 21  LYS A N     1 
ATOM   170  C CA    . LYS A 1 21  ? 4.292   15.033  -3.603  1.00 25.70 ? 21  LYS A CA    1 
ATOM   171  C C     . LYS A 1 21  ? 3.904   15.082  -5.073  1.00 24.16 ? 21  LYS A C     1 
ATOM   172  O O     . LYS A 1 21  ? 3.324   14.126  -5.602  1.00 23.62 ? 21  LYS A O     1 
ATOM   173  C CB    . LYS A 1 21  ? 5.796   14.777  -3.467  1.00 25.48 ? 21  LYS A CB    1 
ATOM   174  C CG    . LYS A 1 21  ? 6.358   15.043  -2.066  1.00 28.18 ? 21  LYS A CG    1 
ATOM   175  C CD    . LYS A 1 21  ? 7.827   14.638  -1.890  1.00 28.60 ? 21  LYS A CD    1 
ATOM   176  C CE    . LYS A 1 21  ? 7.987   13.110  -1.763  1.00 31.36 ? 21  LYS A CE    1 
ATOM   177  N NZ    . LYS A 1 21  ? 9.238   12.583  -1.099  1.00 32.05 ? 21  LYS A NZ    1 
ATOM   178  N N     . LYS A 1 22  ? 4.246   16.187  -5.731  1.00 22.96 ? 22  LYS A N     1 
ATOM   179  C CA    . LYS A 1 22  ? 3.943   16.373  -7.144  1.00 22.98 ? 22  LYS A CA    1 
ATOM   180  C C     . LYS A 1 22  ? 4.698   15.386  -8.041  1.00 21.18 ? 22  LYS A C     1 
ATOM   181  O O     . LYS A 1 22  ? 5.770   14.917  -7.684  1.00 22.14 ? 22  LYS A O     1 
ATOM   182  C CB    . LYS A 1 22  ? 4.250   17.821  -7.567  1.00 22.79 ? 22  LYS A CB    1 
ATOM   183  C CG    . LYS A 1 22  ? 5.718   18.187  -7.537  1.00 24.65 ? 22  LYS A CG    1 
ATOM   184  C CD    . LYS A 1 22  ? 5.937   19.595  -8.107  1.00 25.62 ? 22  LYS A CD    1 
ATOM   185  C CE    . LYS A 1 22  ? 7.418   19.930  -8.245  1.00 29.74 ? 22  LYS A CE    1 
ATOM   186  N NZ    . LYS A 1 22  ? 8.188   20.013  -6.948  1.00 34.86 ? 22  LYS A NZ    1 
ATOM   187  N N     . ASN A 1 23  ? 4.121   15.092  -9.201  1.00 20.13 ? 23  ASN A N     1 
ATOM   188  C CA    . ASN A 1 23  ? 4.764   14.278  -10.240 1.00 19.50 ? 23  ASN A CA    1 
ATOM   189  C C     . ASN A 1 23  ? 5.141   12.881  -9.744  1.00 18.03 ? 23  ASN A C     1 
ATOM   190  O O     . ASN A 1 23  ? 6.222   12.364  -10.054 1.00 17.76 ? 23  ASN A O     1 
ATOM   191  C CB    . ASN A 1 23  ? 5.992   14.995  -10.850 1.00 19.57 ? 23  ASN A CB    1 
ATOM   192  C CG    . ASN A 1 23  ? 6.412   14.396  -12.192 1.00 21.22 ? 23  ASN A CG    1 
ATOM   193  O OD1   . ASN A 1 23  ? 5.638   13.688  -12.832 1.00 20.13 ? 23  ASN A OD1   1 
ATOM   194  N ND2   . ASN A 1 23  ? 7.645   14.669  -12.611 1.00 21.03 ? 23  ASN A ND2   1 
ATOM   195  N N     . LYS A 1 24  ? 4.246   12.290  -8.963  1.00 17.49 ? 24  LYS A N     1 
ATOM   196  C CA    . LYS A 1 24  ? 4.439   10.913  -8.503  1.00 15.94 ? 24  LYS A CA    1 
ATOM   197  C C     . LYS A 1 24  ? 3.313   10.027  -8.986  1.00 15.49 ? 24  LYS A C     1 
ATOM   198  O O     . LYS A 1 24  ? 2.153   10.469  -9.071  1.00 14.60 ? 24  LYS A O     1 
ATOM   199  C CB    . LYS A 1 24  ? 4.478   10.829  -6.976  1.00 17.63 ? 24  LYS A CB    1 
ATOM   200  C CG    . LYS A 1 24  ? 5.574   11.700  -6.299  1.00 18.32 ? 24  LYS A CG    1 
ATOM   201  C CD    . LYS A 1 24  ? 6.961   11.140  -6.560  1.00 22.31 ? 24  LYS A CD    1 
ATOM   202  C CE    . LYS A 1 24  ? 8.058   12.087  -6.074  1.00 22.15 ? 24  LYS A CE    1 
ATOM   203  N NZ    . LYS A 1 24  ? 9.399   11.564  -6.472  1.00 25.04 ? 24  LYS A NZ    1 
ATOM   204  N N     . ILE A 1 25  ? 3.667   8.776   -9.270  1.00 13.91 ? 25  ILE A N     1 
ATOM   205  C CA    . ILE A 1 25  ? 2.646   7.764   -9.526  1.00 13.65 ? 25  ILE A CA    1 
ATOM   206  C C     . ILE A 1 25  ? 2.399   7.083   -8.171  1.00 12.35 ? 25  ILE A C     1 
ATOM   207  O O     . ILE A 1 25  ? 3.330   6.617   -7.521  1.00 12.79 ? 25  ILE A O     1 
ATOM   208  C CB    . ILE A 1 25  ? 3.101   6.762   -10.586 1.00 13.48 ? 25  ILE A CB    1 
ATOM   209  C CG1   . ILE A 1 25  ? 3.303   7.480   -11.934 1.00 14.63 ? 25  ILE A CG1   1 
ATOM   210  C CG2   . ILE A 1 25  ? 2.076   5.645   -10.724 1.00 13.90 ? 25  ILE A CG2   1 
ATOM   211  C CD1   . ILE A 1 25  ? 3.722   6.526   -13.092 1.00 16.04 ? 25  ILE A CD1   1 
ATOM   212  N N     . ILE A 1 26  ? 1.137   7.001   -7.783  1.00 11.97 ? 26  ILE A N     1 
ATOM   213  C CA    . ILE A 1 26  ? 0.740   6.528   -6.443  1.00 12.22 ? 26  ILE A CA    1 
ATOM   214  C C     . ILE A 1 26  ? -0.263  5.377   -6.546  1.00 12.27 ? 26  ILE A C     1 
ATOM   215  O O     . ILE A 1 26  ? -1.285  5.472   -7.228  1.00 11.91 ? 26  ILE A O     1 
ATOM   216  C CB    . ILE A 1 26  ? 0.123   7.678   -5.627  1.00 12.52 ? 26  ILE A CB    1 
ATOM   217  C CG1   . ILE A 1 26  ? 1.099   8.856   -5.561  1.00 13.84 ? 26  ILE A CG1   1 
ATOM   218  C CG2   . ILE A 1 26  ? -0.184  7.235   -4.187  1.00 14.31 ? 26  ILE A CG2   1 
ATOM   219  C CD1   . ILE A 1 26  ? 0.387   10.176  -5.347  1.00 16.17 ? 26  ILE A CD1   1 
ATOM   220  N N     . LEU A 1 27  ? 0.047   4.284   -5.855  1.00 11.96 ? 27  LEU A N     1 
ATOM   221  C CA    . LEU A 1 27  ? -0.834  3.116   -5.807  1.00 12.62 ? 27  LEU A CA    1 
ATOM   222  C C     . LEU A 1 27  ? -1.345  2.903   -4.395  1.00 12.42 ? 27  LEU A C     1 
ATOM   223  O O     . LEU A 1 27  ? -0.578  2.876   -3.447  1.00 12.57 ? 27  LEU A O     1 
ATOM   224  C CB    . LEU A 1 27  ? -0.076  1.870   -6.262  1.00 11.72 ? 27  LEU A CB    1 
ATOM   225  C CG    . LEU A 1 27  ? -0.829  0.535   -6.151  1.00 12.48 ? 27  LEU A CG    1 
ATOM   226  C CD1   . LEU A 1 27  ? -2.054  0.518   -7.027  1.00 13.45 ? 27  LEU A CD1   1 
ATOM   227  C CD2   . LEU A 1 27  ? 0.086   -0.620  -6.521  1.00 13.99 ? 27  LEU A CD2   1 
ATOM   228  N N     . ASP A 1 28  ? -2.651  2.684   -4.286  1.00 13.04 ? 28  ASP A N     1 
ATOM   229  C CA    . ASP A 1 28  ? -3.336  2.558   -3.018  1.00 13.38 ? 28  ASP A CA    1 
ATOM   230  C C     . ASP A 1 28  ? -3.937  1.164   -2.995  1.00 13.05 ? 28  ASP A C     1 
ATOM   231  O O     . ASP A 1 28  ? -4.918  0.911   -3.705  1.00 11.98 ? 28  ASP A O     1 
ATOM   232  C CB    . ASP A 1 28  ? -4.431  3.624   -2.960  1.00 14.10 ? 28  ASP A CB    1 
ATOM   233  C CG    . ASP A 1 28  ? -5.274  3.545   -1.709  1.00 17.22 ? 28  ASP A CG    1 
ATOM   234  O OD1   . ASP A 1 28  ? -4.778  3.087   -0.669  1.00 21.01 ? 28  ASP A OD1   1 
ATOM   235  O OD2   . ASP A 1 28  ? -6.470  3.933   -1.782  1.00 20.89 ? 28  ASP A OD2   1 
ATOM   236  N N     . ILE A 1 29  ? -3.321  0.266   -2.232  1.00 12.23 ? 29  ILE A N     1 
ATOM   237  C CA    . ILE A 1 29  ? -3.749  -1.130  -2.198  1.00 13.02 ? 29  ILE A CA    1 
ATOM   238  C C     . ILE A 1 29  ? -4.753  -1.308  -1.070  1.00 13.61 ? 29  ILE A C     1 
ATOM   239  O O     . ILE A 1 29  ? -4.560  -0.752  0.021   1.00 14.54 ? 29  ILE A O     1 
ATOM   240  C CB    . ILE A 1 29  ? -2.555  -2.076  -1.989  1.00 13.22 ? 29  ILE A CB    1 
ATOM   241  C CG1   . ILE A 1 29  ? -1.544  -1.890  -3.130  1.00 12.72 ? 29  ILE A CG1   1 
ATOM   242  C CG2   . ILE A 1 29  ? -3.055  -3.559  -1.891  1.00 13.54 ? 29  ILE A CG2   1 
ATOM   243  C CD1   . ILE A 1 29  ? -0.312  -2.758  -2.982  1.00 14.88 ? 29  ILE A CD1   1 
ATOM   244  N N     . GLY A 1 30  ? -5.816  -2.063  -1.346  1.00 13.82 ? 30  GLY A N     1 
ATOM   245  C CA    . GLY A 1 30  ? -6.926  -2.198  -0.401  1.00 13.92 ? 30  GLY A CA    1 
ATOM   246  C C     . GLY A 1 30  ? -7.714  -0.897  -0.365  1.00 14.81 ? 30  GLY A C     1 
ATOM   247  O O     . GLY A 1 30  ? -7.956  -0.367  0.702   1.00 15.22 ? 30  GLY A O     1 
ATOM   248  N N     . CYS A 1 31  ? -8.097  -0.372  -1.529  1.00 14.87 ? 31  CYS A N     1 
ATOM   249  C CA    . CYS A 1 31  ? -8.578  1.016   -1.608  1.00 15.38 ? 31  CYS A CA    1 
ATOM   250  C C     . CYS A 1 31  ? -10.053 1.190   -1.252  1.00 16.19 ? 31  CYS A C     1 
ATOM   251  O O     . CYS A 1 31  ? -10.487 2.330   -1.060  1.00 16.38 ? 31  CYS A O     1 
ATOM   252  C CB    . CYS A 1 31  ? -8.339  1.637   -3.000  1.00 14.91 ? 31  CYS A CB    1 
ATOM   253  S SG    . CYS A 1 31  ? -9.127  0.746   -4.344  1.00 15.84 ? 31  CYS A SG    1 
ATOM   254  N N     . TYR A 1 32  ? -10.823 0.095   -1.213  1.00 16.06 ? 32  TYR A N     1 
ATOM   255  C CA    . TYR A 1 32  ? -12.287 0.197   -0.996  1.00 16.79 ? 32  TYR A CA    1 
ATOM   256  C C     . TYR A 1 32  ? -12.596 0.707   0.409   1.00 17.38 ? 32  TYR A C     1 
ATOM   257  O O     . TYR A 1 32  ? -12.027 0.208   1.378   1.00 17.45 ? 32  TYR A O     1 
ATOM   258  C CB    . TYR A 1 32  ? -12.963 -1.157  -1.188  1.00 17.32 ? 32  TYR A CB    1 
ATOM   259  C CG    . TYR A 1 32  ? -14.459 -1.095  -1.003  1.00 17.77 ? 32  TYR A CG    1 
ATOM   260  C CD1   . TYR A 1 32  ? -15.292 -1.014  -2.092  1.00 18.68 ? 32  TYR A CD1   1 
ATOM   261  C CD2   . TYR A 1 32  ? -15.021 -1.101  0.280   1.00 19.64 ? 32  TYR A CD2   1 
ATOM   262  C CE1   . TYR A 1 32  ? -16.677 -0.913  -1.928  1.00 21.46 ? 32  TYR A CE1   1 
ATOM   263  C CE2   . TYR A 1 32  ? -16.391 -1.000  0.471   1.00 21.76 ? 32  TYR A CE2   1 
ATOM   264  C CZ    . TYR A 1 32  ? -17.212 -0.913  -0.638  1.00 21.38 ? 32  TYR A CZ    1 
ATOM   265  O OH    . TYR A 1 32  ? -18.577 -0.828  -0.479  1.00 22.15 ? 32  TYR A OH    1 
ATOM   266  N N     . PRO A 1 33  ? -13.554 1.643   0.540   1.00 17.71 ? 33  PRO A N     1 
ATOM   267  C CA    . PRO A 1 33  ? -14.437 2.272   -0.468  1.00 17.18 ? 33  PRO A CA    1 
ATOM   268  C C     . PRO A 1 33  ? -13.842 3.455   -1.190  1.00 16.66 ? 33  PRO A C     1 
ATOM   269  O O     . PRO A 1 33  ? -14.472 3.954   -2.107  1.00 17.32 ? 33  PRO A O     1 
ATOM   270  C CB    . PRO A 1 33  ? -15.624 2.767   0.378   1.00 17.53 ? 33  PRO A CB    1 
ATOM   271  C CG    . PRO A 1 33  ? -15.025 3.087   1.657   1.00 17.90 ? 33  PRO A CG    1 
ATOM   272  C CD    . PRO A 1 33  ? -13.914 2.084   1.898   1.00 17.55 ? 33  PRO A CD    1 
ATOM   273  N N     . GLY A 1 34  ? -12.698 3.949   -0.727  1.00 16.32 ? 34  GLY A N     1 
ATOM   274  C CA    . GLY A 1 34  ? -11.933 4.924   -1.509  1.00 15.45 ? 34  GLY A CA    1 
ATOM   275  C C     . GLY A 1 34  ? -11.441 6.174   -0.837  1.00 15.60 ? 34  GLY A C     1 
ATOM   276  O O     . GLY A 1 34  ? -10.979 7.069   -1.529  1.00 16.29 ? 34  GLY A O     1 
ATOM   277  N N     . SER A 1 35  ? -11.470 6.238   0.499   1.00 15.56 ? 35  SER A N     1 
ATOM   278  C CA    . SER A 1 35  ? -11.090 7.486   1.164   1.00 16.12 ? 35  SER A CA    1 
ATOM   279  C C     . SER A 1 35  ? -9.610  7.837   1.096   1.00 15.34 ? 35  SER A C     1 
ATOM   280  O O     . SER A 1 35  ? -9.269  9.016   1.098   1.00 14.95 ? 35  SER A O     1 
ATOM   281  C CB    . SER A 1 35  ? -11.630 7.568   2.608   1.00 16.40 ? 35  SER A CB    1 
ATOM   282  O OG    . SER A 1 35  ? -10.842 6.801   3.498   1.00 17.91 ? 35  SER A OG    1 
ATOM   283  N N     . TRP A 1 36  ? -8.716  6.845   1.037   1.00 14.74 ? 36  TRP A N     1 
ATOM   284  C CA    . TRP A 1 36  ? -7.291  7.151   0.851   1.00 14.52 ? 36  TRP A CA    1 
ATOM   285  C C     . TRP A 1 36  ? -7.097  7.764   -0.519  1.00 14.85 ? 36  TRP A C     1 
ATOM   286  O O     . TRP A 1 36  ? -6.301  8.680   -0.693  1.00 14.17 ? 36  TRP A O     1 
ATOM   287  C CB    . TRP A 1 36  ? -6.417  5.885   1.035   1.00 14.50 ? 36  TRP A CB    1 
ATOM   288  C CG    . TRP A 1 36  ? -6.131  5.593   2.496   1.00 14.48 ? 36  TRP A CG    1 
ATOM   289  C CD1   . TRP A 1 36  ? -6.899  5.963   3.597   1.00 14.95 ? 36  TRP A CD1   1 
ATOM   290  C CD2   . TRP A 1 36  ? -4.978  4.910   3.037   1.00 15.53 ? 36  TRP A CD2   1 
ATOM   291  N NE1   . TRP A 1 36  ? -6.287  5.554   4.765   1.00 14.32 ? 36  TRP A NE1   1 
ATOM   292  C CE2   . TRP A 1 36  ? -5.110  4.914   4.456   1.00 14.41 ? 36  TRP A CE2   1 
ATOM   293  C CE3   . TRP A 1 36  ? -3.839  4.313   2.464   1.00 15.41 ? 36  TRP A CE3   1 
ATOM   294  C CZ2   . TRP A 1 36  ? -4.172  4.318   5.303   1.00 13.16 ? 36  TRP A CZ2   1 
ATOM   295  C CZ3   . TRP A 1 36  ? -2.885  3.750   3.311   1.00 13.99 ? 36  TRP A CZ3   1 
ATOM   296  C CH2   . TRP A 1 36  ? -3.060  3.747   4.716   1.00 15.37 ? 36  TRP A CH2   1 
ATOM   297  N N     . CYS A 1 37  ? -7.826  7.238   -1.498  1.00 15.13 ? 37  CYS A N     1 
ATOM   298  C CA    . CYS A 1 37  ? -7.785  7.794   -2.847  1.00 15.66 ? 37  CYS A CA    1 
ATOM   299  C C     . CYS A 1 37  ? -8.250  9.263   -2.805  1.00 15.77 ? 37  CYS A C     1 
ATOM   300  O O     . CYS A 1 37  ? -7.653  10.119  -3.445  1.00 15.07 ? 37  CYS A O     1 
ATOM   301  C CB    . CYS A 1 37  ? -8.634  6.981   -3.807  1.00 16.30 ? 37  CYS A CB    1 
ATOM   302  S SG    . CYS A 1 37  ? -7.765  5.477   -4.384  1.00 20.12 ? 37  CYS A SG    1 
ATOM   303  N N     . GLN A 1 38  ? -9.304  9.529   -2.046  1.00 16.08 ? 38  GLN A N     1 
ATOM   304  C CA    . GLN A 1 38  ? -9.775  10.911  -1.876  1.00 16.73 ? 38  GLN A CA    1 
ATOM   305  C C     . GLN A 1 38  ? -8.746  11.803  -1.216  1.00 16.70 ? 38  GLN A C     1 
ATOM   306  O O     . GLN A 1 38  ? -8.559  12.936  -1.646  1.00 17.78 ? 38  GLN A O     1 
ATOM   307  C CB    . GLN A 1 38  ? -11.049 10.945  -1.039  1.00 16.55 ? 38  GLN A CB    1 
ATOM   308  C CG    . GLN A 1 38  ? -12.197 10.284  -1.715  1.00 16.65 ? 38  GLN A CG    1 
ATOM   309  C CD    . GLN A 1 38  ? -13.386 10.277  -0.821  1.00 16.20 ? 38  GLN A CD    1 
ATOM   310  O OE1   . GLN A 1 38  ? -13.420 9.543   0.162   1.00 16.86 ? 38  GLN A OE1   1 
ATOM   311  N NE2   . GLN A 1 38  ? -14.389 11.084  -1.159  1.00 19.73 ? 38  GLN A NE2   1 
ATOM   312  N N     . VAL A 1 39  ? -8.073  11.307  -0.174  1.00 17.23 ? 39  VAL A N     1 
ATOM   313  C CA    . VAL A 1 39  ? -7.031  12.091  0.513   1.00 16.96 ? 39  VAL A CA    1 
ATOM   314  C C     . VAL A 1 39  ? -5.872  12.380  -0.443  1.00 16.87 ? 39  VAL A C     1 
ATOM   315  O O     . VAL A 1 39  ? -5.351  13.499  -0.504  1.00 17.38 ? 39  VAL A O     1 
ATOM   316  C CB    . VAL A 1 39  ? -6.487  11.336  1.764   1.00 16.97 ? 39  VAL A CB    1 
ATOM   317  C CG1   . VAL A 1 39  ? -5.200  11.969  2.269   1.00 16.97 ? 39  VAL A CG1   1 
ATOM   318  C CG2   . VAL A 1 39  ? -7.548  11.290  2.867   1.00 16.61 ? 39  VAL A CG2   1 
ATOM   319  N N     . ILE A 1 40  ? -5.474  11.358  -1.201  1.00 15.59 ? 40  ILE A N     1 
ATOM   320  C CA    . ILE A 1 40  ? -4.408  11.512  -2.181  1.00 15.77 ? 40  ILE A CA    1 
ATOM   321  C C     . ILE A 1 40  ? -4.759  12.581  -3.213  1.00 17.15 ? 40  ILE A C     1 
ATOM   322  O O     . ILE A 1 40  ? -3.908  13.413  -3.557  1.00 18.30 ? 40  ILE A O     1 
ATOM   323  C CB    . ILE A 1 40  ? -4.038  10.156  -2.866  1.00 15.20 ? 40  ILE A CB    1 
ATOM   324  C CG1   . ILE A 1 40  ? -3.489  9.163   -1.827  1.00 14.62 ? 40  ILE A CG1   1 
ATOM   325  C CG2   . ILE A 1 40  ? -2.981  10.394  -3.969  1.00 15.66 ? 40  ILE A CG2   1 
ATOM   326  C CD1   . ILE A 1 40  ? -3.541  7.672   -2.327  1.00 14.02 ? 40  ILE A CD1   1 
ATOM   327  N N     . LEU A 1 41  ? -6.007  12.573  -3.674  1.00 18.43 ? 41  LEU A N     1 
ATOM   328  C CA    . LEU A 1 41  ? -6.497  13.631  -4.575  1.00 19.67 ? 41  LEU A CA    1 
ATOM   329  C C     . LEU A 1 41  ? -6.386  15.027  -3.956  1.00 20.84 ? 41  LEU A C     1 
ATOM   330  O O     . LEU A 1 41  ? -5.865  15.930  -4.594  1.00 19.66 ? 41  LEU A O     1 
ATOM   331  C CB    . LEU A 1 41  ? -7.924  13.349  -5.044  1.00 20.03 ? 41  LEU A CB    1 
ATOM   332  C CG    . LEU A 1 41  ? -8.164  12.305  -6.121  1.00 20.71 ? 41  LEU A CG    1 
ATOM   333  C CD1   . LEU A 1 41  ? -9.647  11.993  -6.177  1.00 21.94 ? 41  LEU A CD1   1 
ATOM   334  C CD2   . LEU A 1 41  ? -7.691  12.781  -7.509  1.00 22.59 ? 41  LEU A CD2   1 
ATOM   335  N N     . GLU A 1 42  ? -6.842  15.184  -2.716  1.00 22.12 ? 42  GLU A N     1 
ATOM   336  C CA    . GLU A 1 42  ? -6.776  16.473  -2.006  1.00 24.19 ? 42  GLU A CA    1 
ATOM   337  C C     . GLU A 1 42  ? -5.372  17.021  -1.860  1.00 24.71 ? 42  GLU A C     1 
ATOM   338  O O     . GLU A 1 42  ? -5.127  18.218  -2.061  1.00 25.55 ? 42  GLU A O     1 
ATOM   339  C CB    . GLU A 1 42  ? -7.333  16.324  -0.596  1.00 25.20 ? 42  GLU A CB    1 
ATOM   340  C CG    . GLU A 1 42  ? -8.808  16.197  -0.533  1.00 28.29 ? 42  GLU A CG    1 
ATOM   341  C CD    . GLU A 1 42  ? -9.286  15.888  0.868   1.00 30.91 ? 42  GLU A CD    1 
ATOM   342  O OE1   . GLU A 1 42  ? -8.453  15.516  1.745   1.00 32.47 ? 42  GLU A OE1   1 
ATOM   343  O OE2   . GLU A 1 42  ? -10.507 16.000  1.084   1.00 35.22 ? 42  GLU A OE2   1 
ATOM   344  N N     . ARG A 1 43  ? -4.459  16.143  -1.462  1.00 24.11 ? 43  ARG A N     1 
ATOM   345  C CA    . ARG A 1 43  ? -3.109  16.543  -1.144  1.00 24.74 ? 43  ARG A CA    1 
ATOM   346  C C     . ARG A 1 43  ? -2.273  16.758  -2.396  1.00 24.91 ? 43  ARG A C     1 
ATOM   347  O O     . ARG A 1 43  ? -1.212  17.369  -2.335  1.00 26.00 ? 43  ARG A O     1 
ATOM   348  C CB    . ARG A 1 43  ? -2.479  15.540  -0.200  1.00 24.52 ? 43  ARG A CB    1 
ATOM   349  C CG    . ARG A 1 43  ? -3.260  15.459  1.086   1.00 25.28 ? 43  ARG A CG    1 
ATOM   350  C CD    . ARG A 1 43  ? -2.390  15.179  2.242   1.00 27.75 ? 43  ARG A CD    1 
ATOM   351  N NE    . ARG A 1 43  ? -2.981  15.735  3.449   1.00 28.51 ? 43  ARG A NE    1 
ATOM   352  C CZ    . ARG A 1 43  ? -2.300  16.044  4.541   1.00 25.16 ? 43  ARG A CZ    1 
ATOM   353  N NH1   . ARG A 1 43  ? -0.998  15.819  4.610   1.00 23.12 ? 43  ARG A NH1   1 
ATOM   354  N NH2   . ARG A 1 43  ? -2.943  16.545  5.582   1.00 27.25 ? 43  ARG A NH2   1 
ATOM   355  N N     . THR A 1 44  ? -2.761  16.272  -3.532  1.00 24.51 ? 44  THR A N     1 
ATOM   356  C CA    . THR A 1 44  ? -2.037  16.477  -4.782  1.00 24.83 ? 44  THR A CA    1 
ATOM   357  C C     . THR A 1 44  ? -2.866  17.355  -5.736  1.00 26.10 ? 44  THR A C     1 
ATOM   358  O O     . THR A 1 44  ? -2.684  17.291  -6.934  1.00 27.04 ? 44  THR A O     1 
ATOM   359  C CB    . THR A 1 44  ? -1.641  15.121  -5.448  1.00 24.12 ? 44  THR A CB    1 
ATOM   360  O OG1   . THR A 1 44  ? -2.816  14.372  -5.740  1.00 20.53 ? 44  THR A OG1   1 
ATOM   361  C CG2   . THR A 1 44  ? -0.739  14.277  -4.546  1.00 23.05 ? 44  THR A CG2   1 
ATOM   362  N N     . LYS A 1 45  ? -3.752  18.193  -5.193  1.00 28.07 ? 45  LYS A N     1 
ATOM   363  C CA    . LYS A 1 45  ? -4.817  18.861  -5.990  1.00 29.97 ? 45  LYS A CA    1 
ATOM   364  C C     . LYS A 1 45  ? -4.369  19.610  -7.261  1.00 31.24 ? 45  LYS A C     1 
ATOM   365  O O     . LYS A 1 45  ? -4.982  19.476  -8.329  1.00 32.21 ? 45  LYS A O     1 
ATOM   366  C CB    . LYS A 1 45  ? -5.680  19.777  -5.098  1.00 30.64 ? 45  LYS A CB    1 
ATOM   367  N N     . ASN A 1 46  ? -3.298  20.388  -7.155  1.00 32.31 ? 46  ASN A N     1 
ATOM   368  C CA    . ASN A 1 46  ? -2.824  21.156  -8.313  1.00 33.04 ? 46  ASN A CA    1 
ATOM   369  C C     . ASN A 1 46  ? -1.499  20.599  -8.795  1.00 31.96 ? 46  ASN A C     1 
ATOM   370  O O     . ASN A 1 46  ? -0.642  21.341  -9.275  1.00 32.40 ? 46  ASN A O     1 
ATOM   371  C CB    . ASN A 1 46  ? -2.648  22.630  -7.959  1.00 34.20 ? 46  ASN A CB    1 
ATOM   372  C CG    . ASN A 1 46  ? -3.711  23.132  -7.024  1.00 36.27 ? 46  ASN A CG    1 
ATOM   373  O OD1   . ASN A 1 46  ? -3.426  23.463  -5.872  1.00 37.86 ? 46  ASN A OD1   1 
ATOM   374  N ND2   . ASN A 1 46  ? -4.958  23.175  -7.508  1.00 39.28 ? 46  ASN A ND2   1 
ATOM   375  N N     . TYR A 1 47  ? -1.321  19.295  -8.603  1.00 30.20 ? 47  TYR A N     1 
ATOM   376  C CA    . TYR A 1 47  ? -0.121  18.601  -9.042  1.00 28.77 ? 47  TYR A CA    1 
ATOM   377  C C     . TYR A 1 47  ? -0.454  17.616  -10.149 1.00 26.94 ? 47  TYR A C     1 
ATOM   378  O O     . TYR A 1 47  ? -1.594  17.152  -10.289 1.00 25.81 ? 47  TYR A O     1 
ATOM   379  C CB    . TYR A 1 47  ? 0.496   17.800  -7.890  1.00 30.60 ? 47  TYR A CB    1 
ATOM   380  C CG    . TYR A 1 47  ? 0.968   18.585  -6.686  1.00 31.89 ? 47  TYR A CG    1 
ATOM   381  C CD1   . TYR A 1 47  ? 1.172   17.945  -5.470  1.00 33.06 ? 47  TYR A CD1   1 
ATOM   382  C CD2   . TYR A 1 47  ? 1.232   19.951  -6.768  1.00 33.27 ? 47  TYR A CD2   1 
ATOM   383  C CE1   . TYR A 1 47  ? 1.619   18.650  -4.349  1.00 34.83 ? 47  TYR A CE1   1 
ATOM   384  C CE2   . TYR A 1 47  ? 1.674   20.667  -5.661  1.00 35.03 ? 47  TYR A CE2   1 
ATOM   385  C CZ    . TYR A 1 47  ? 1.869   20.009  -4.459  1.00 34.38 ? 47  TYR A CZ    1 
ATOM   386  O OH    . TYR A 1 47  ? 2.312   20.716  -3.365  1.00 35.87 ? 47  TYR A OH    1 
ATOM   387  N N     . LYS A 1 48  ? 0.560   17.280  -10.926 1.00 24.60 ? 48  LYS A N     1 
ATOM   388  C CA    . LYS A 1 48  ? 0.409   16.217  -11.904 1.00 22.80 ? 48  LYS A CA    1 
ATOM   389  C C     . LYS A 1 48  ? 0.733   14.922  -11.151 1.00 22.02 ? 48  LYS A C     1 
ATOM   390  O O     . LYS A 1 48  ? 1.796   14.828  -10.524 1.00 21.23 ? 48  LYS A O     1 
ATOM   391  C CB    . LYS A 1 48  ? 1.392   16.455  -13.043 1.00 22.82 ? 48  LYS A CB    1 
ATOM   392  C CG    . LYS A 1 48  ? 1.571   15.272  -13.946 1.00 21.08 ? 48  LYS A CG    1 
ATOM   393  C CD    . LYS A 1 48  ? 2.537   15.578  -15.071 1.00 19.75 ? 48  LYS A CD    1 
ATOM   394  C CE    . LYS A 1 48  ? 2.769   14.313  -15.907 1.00 17.09 ? 48  LYS A CE    1 
ATOM   395  N NZ    . LYS A 1 48  ? 3.644   13.365  -15.130 1.00 19.83 ? 48  LYS A NZ    1 
ATOM   396  N N     . ASN A 1 49  ? -0.179  13.945  -11.209 1.00 20.52 ? 49  ASN A N     1 
ATOM   397  C CA    . ASN A 1 49  ? 0.036   12.634  -10.581 1.00 19.87 ? 49  ASN A CA    1 
ATOM   398  C C     . ASN A 1 49  ? -0.760  11.600  -11.345 1.00 19.15 ? 49  ASN A C     1 
ATOM   399  O O     . ASN A 1 49  ? -1.625  11.966  -12.129 1.00 19.48 ? 49  ASN A O     1 
ATOM   400  C CB    . ASN A 1 49  ? -0.484  12.643  -9.129  1.00 19.62 ? 49  ASN A CB    1 
ATOM   401  C CG    . ASN A 1 49  ? 0.328   13.542  -8.200  1.00 20.95 ? 49  ASN A CG    1 
ATOM   402  O OD1   . ASN A 1 49  ? -0.051  14.697  -7.968  1.00 24.24 ? 49  ASN A OD1   1 
ATOM   403  N ND2   . ASN A 1 49  ? 1.435   13.019  -7.647  1.00 17.25 ? 49  ASN A ND2   1 
ATOM   404  N N     . LYS A 1 50  ? -0.461  10.315  -11.130 1.00 18.01 ? 50  LYS A N     1 
ATOM   405  C CA    . LYS A 1 50  ? -1.380  9.228   -11.473 1.00 17.42 ? 50  LYS A CA    1 
ATOM   406  C C     . LYS A 1 50  ? -1.714  8.553   -10.155 1.00 16.44 ? 50  LYS A C     1 
ATOM   407  O O     . LYS A 1 50  ? -0.812  8.198   -9.397  1.00 18.00 ? 50  LYS A O     1 
ATOM   408  C CB    . LYS A 1 50  ? -0.728  8.190   -12.372 1.00 17.87 ? 50  LYS A CB    1 
ATOM   409  C CG    . LYS A 1 50  ? -0.830  8.459   -13.836 1.00 19.99 ? 50  LYS A CG    1 
ATOM   410  C CD    . LYS A 1 50  ? -0.091  7.380   -14.633 1.00 21.95 ? 50  LYS A CD    1 
ATOM   411  C CE    . LYS A 1 50  ? -0.324  7.569   -16.137 1.00 22.98 ? 50  LYS A CE    1 
ATOM   412  N NZ    . LYS A 1 50  ? -0.110  8.961   -16.648 1.00 23.94 ? 50  LYS A NZ    1 
ATOM   413  N N     . ILE A 1 51  ? -3.001  8.424   -9.879  1.00 15.16 ? 51  ILE A N     1 
ATOM   414  C CA    . ILE A 1 51  ? -3.482  7.765   -8.667  1.00 14.23 ? 51  ILE A CA    1 
ATOM   415  C C     . ILE A 1 51  ? -4.200  6.470   -9.072  1.00 13.17 ? 51  ILE A C     1 
ATOM   416  O O     . ILE A 1 51  ? -5.142  6.505   -9.860  1.00 13.65 ? 51  ILE A O     1 
ATOM   417  C CB    . ILE A 1 51  ? -4.406  8.701   -7.866  1.00 14.45 ? 51  ILE A CB    1 
ATOM   418  C CG1   . ILE A 1 51  ? -3.677  10.017  -7.565  1.00 17.21 ? 51  ILE A CG1   1 
ATOM   419  C CG2   . ILE A 1 51  ? -4.831  8.053   -6.558  1.00 12.69 ? 51  ILE A CG2   1 
ATOM   420  C CD1   . ILE A 1 51  ? -4.631  11.147  -7.279  1.00 17.27 ? 51  ILE A CD1   1 
ATOM   421  N N     . ILE A 1 52  ? -3.728  5.342   -8.546  1.00 12.72 ? 52  ILE A N     1 
ATOM   422  C CA    . ILE A 1 52  ? -4.283  4.017   -8.868  1.00 11.91 ? 52  ILE A CA    1 
ATOM   423  C C     . ILE A 1 52  ? -4.736  3.346   -7.568  1.00 11.28 ? 52  ILE A C     1 
ATOM   424  O O     . ILE A 1 52  ? -4.019  3.352   -6.578  1.00 12.77 ? 52  ILE A O     1 
ATOM   425  C CB    . ILE A 1 52  ? -3.251  3.103   -9.603  1.00 11.64 ? 52  ILE A CB    1 
ATOM   426  C CG1   . ILE A 1 52  ? -2.636  3.827   -10.812 1.00 11.85 ? 52  ILE A CG1   1 
ATOM   427  C CG2   . ILE A 1 52  ? -3.914  1.783   -10.025 1.00 13.74 ? 52  ILE A CG2   1 
ATOM   428  C CD1   . ILE A 1 52  ? -1.299  3.282   -11.224 1.00 15.07 ? 52  ILE A CD1   1 
ATOM   429  N N     . GLY A 1 53  ? -5.923  2.753   -7.601  1.00 11.69 ? 53  GLY A N     1 
ATOM   430  C CA    . GLY A 1 53  ? -6.459  2.021   -6.454  1.00 11.88 ? 53  GLY A CA    1 
ATOM   431  C C     . GLY A 1 53  ? -6.638  0.575   -6.831  1.00 12.31 ? 53  GLY A C     1 
ATOM   432  O O     . GLY A 1 53  ? -7.136  0.281   -7.933  1.00 12.91 ? 53  GLY A O     1 
ATOM   433  N N     . ILE A 1 54  ? -6.305  -0.323  -5.906  1.00 11.61 ? 54  ILE A N     1 
ATOM   434  C CA    . ILE A 1 54  ? -6.542  -1.749  -6.142  1.00 12.41 ? 54  ILE A CA    1 
ATOM   435  C C     . ILE A 1 54  ? -7.325  -2.288  -4.964  1.00 12.38 ? 54  ILE A C     1 
ATOM   436  O O     . ILE A 1 54  ? -6.951  -2.041  -3.831  1.00 11.39 ? 54  ILE A O     1 
ATOM   437  C CB    . ILE A 1 54  ? -5.232  -2.551  -6.285  1.00 12.18 ? 54  ILE A CB    1 
ATOM   438  C CG1   . ILE A 1 54  ? -4.564  -2.231  -7.629  1.00 15.06 ? 54  ILE A CG1   1 
ATOM   439  C CG2   . ILE A 1 54  ? -5.563  -4.093  -6.308  1.00 12.77 ? 54  ILE A CG2   1 
ATOM   440  C CD1   . ILE A 1 54  ? -3.196  -2.883  -7.798  1.00 13.45 ? 54  ILE A CD1   1 
ATOM   441  N N     . ASP A 1 55  ? -8.399  -3.029  -5.217  1.00 13.02 ? 55  ASP A N     1 
ATOM   442  C CA    . ASP A 1 55  ? -9.047  -3.786  -4.127  1.00 13.94 ? 55  ASP A CA    1 
ATOM   443  C C     . ASP A 1 55  ? -9.726  -4.998  -4.714  1.00 14.10 ? 55  ASP A C     1 
ATOM   444  O O     . ASP A 1 55  ? -10.107 -4.979  -5.874  1.00 14.83 ? 55  ASP A O     1 
ATOM   445  C CB    . ASP A 1 55  ? -10.098 -2.920  -3.420  1.00 12.76 ? 55  ASP A CB    1 
ATOM   446  C CG    . ASP A 1 55  ? -10.458 -3.416  -2.052  1.00 13.15 ? 55  ASP A CG    1 
ATOM   447  O OD1   . ASP A 1 55  ? -11.078 -4.494  -1.916  1.00 16.72 ? 55  ASP A OD1   1 
ATOM   448  O OD2   . ASP A 1 55  ? -10.146 -2.708  -1.084  1.00 14.94 ? 55  ASP A OD2   1 
ATOM   449  N N     . LYS A 1 56  ? -9.885  -6.047  -3.908  1.00 15.66 ? 56  LYS A N     1 
ATOM   450  C CA    . LYS A 1 56  ? -10.659 -7.212  -4.374  1.00 18.06 ? 56  LYS A CA    1 
ATOM   451  C C     . LYS A 1 56  ? -12.153 -6.858  -4.502  1.00 18.20 ? 56  LYS A C     1 
ATOM   452  O O     . LYS A 1 56  ? -12.855 -7.466  -5.290  1.00 19.98 ? 56  LYS A O     1 
ATOM   453  C CB    . LYS A 1 56  ? -10.420 -8.446  -3.491  1.00 18.13 ? 56  LYS A CB    1 
ATOM   454  C CG    . LYS A 1 56  ? -10.813 -8.274  -2.049  1.00 19.95 ? 56  LYS A CG    1 
ATOM   455  C CD    . LYS A 1 56  ? -10.128 -9.294  -1.102  1.00 22.35 ? 56  LYS A CD    1 
ATOM   456  C CE    . LYS A 1 56  ? -10.607 -10.714 -1.359  1.00 28.07 ? 56  LYS A CE    1 
ATOM   457  N NZ    . LYS A 1 56  ? -10.139 -11.620 -0.266  1.00 33.17 ? 56  LYS A NZ    1 
ATOM   458  N N     . LYS A 1 57  ? -12.600 -5.861  -3.743  1.00 18.63 ? 57  LYS A N     1 
ATOM   459  C CA    . LYS A 1 57  ? -13.972 -5.333  -3.826  1.00 20.01 ? 57  LYS A CA    1 
ATOM   460  C C     . LYS A 1 57  ? -14.070 -4.161  -4.812  1.00 20.21 ? 57  LYS A C     1 
ATOM   461  O O     . LYS A 1 57  ? -13.202 -3.280  -4.846  1.00 20.01 ? 57  LYS A O     1 
ATOM   462  C CB    . LYS A 1 57  ? -14.449 -4.852  -2.461  1.00 20.57 ? 57  LYS A CB    1 
ATOM   463  C CG    . LYS A 1 57  ? -14.678 -5.940  -1.419  1.00 23.47 ? 57  LYS A CG    1 
ATOM   464  C CD    . LYS A 1 57  ? -15.358 -5.336  -0.167  1.00 23.77 ? 57  LYS A CD    1 
ATOM   465  C CE    . LYS A 1 57  ? -14.297 -5.016  0.910   1.00 30.71 ? 57  LYS A CE    1 
ATOM   466  N NZ    . LYS A 1 57  ? -14.641 -3.934  1.905   1.00 32.16 ? 57  LYS A NZ    1 
ATOM   467  N N     . ILE A 1 58  ? -15.154 -4.131  -5.572  1.00 20.33 ? 58  ILE A N     1 
ATOM   468  C CA    . ILE A 1 58  ? -15.343 -3.095  -6.578  1.00 20.26 ? 58  ILE A CA    1 
ATOM   469  C C     . ILE A 1 58  ? -15.673 -1.770  -5.915  1.00 20.93 ? 58  ILE A C     1 
ATOM   470  O O     . ILE A 1 58  ? -16.619 -1.676  -5.124  1.00 21.38 ? 58  ILE A O     1 
ATOM   471  C CB    . ILE A 1 58  ? -16.419 -3.484  -7.632  1.00 21.23 ? 58  ILE A CB    1 
ATOM   472  C CG1   . ILE A 1 58  ? -15.911 -4.652  -8.477  1.00 21.85 ? 58  ILE A CG1   1 
ATOM   473  C CG2   . ILE A 1 58  ? -16.647 -2.321  -8.609  1.00 21.70 ? 58  ILE A CG2   1 
ATOM   474  C CD1   . ILE A 1 58  ? -16.993 -5.471  -9.117  1.00 25.64 ? 58  ILE A CD1   1 
ATOM   475  N N     . MET A 1 59  ? -14.874 -0.751  -6.227  1.00 20.52 ? 59  MET A N     1 
ATOM   476  C CA    . MET A 1 59  ? -15.045 0.550   -5.622  1.00 20.09 ? 59  MET A CA    1 
ATOM   477  C C     . MET A 1 59  ? -15.890 1.384   -6.582  1.00 19.39 ? 59  MET A C     1 
ATOM   478  O O     . MET A 1 59  ? -15.764 1.249   -7.797  1.00 20.29 ? 59  MET A O     1 
ATOM   479  C CB    . MET A 1 59  ? -13.661 1.169   -5.421  1.00 20.03 ? 59  MET A CB    1 
ATOM   480  C CG    . MET A 1 59  ? -13.653 2.612   -5.037  1.00 21.93 ? 59  MET A CG    1 
ATOM   481  S SD    . MET A 1 59  ? -11.983 3.234   -4.790  1.00 20.61 ? 59  MET A SD    1 
ATOM   482  C CE    . MET A 1 59  ? -11.543 3.726   -6.461  1.00 21.08 ? 59  MET A CE    1 
ATOM   483  N N     . ASP A 1 60  ? -16.752 2.249   -6.044  1.00 18.65 ? 60  ASP A N     1 
ATOM   484  C CA    . ASP A 1 60  ? -17.433 3.214   -6.901  1.00 19.40 ? 60  ASP A CA    1 
ATOM   485  C C     . ASP A 1 60  ? -16.394 4.133   -7.546  1.00 17.95 ? 60  ASP A C     1 
ATOM   486  O O     . ASP A 1 60  ? -15.449 4.540   -6.879  1.00 17.96 ? 60  ASP A O     1 
ATOM   487  C CB    . ASP A 1 60  ? -18.403 4.061   -6.088  1.00 19.96 ? 60  ASP A CB    1 
ATOM   488  C CG    . ASP A 1 60  ? -19.664 3.319   -5.734  1.00 24.39 ? 60  ASP A CG    1 
ATOM   489  O OD1   . ASP A 1 60  ? -19.930 2.237   -6.327  1.00 26.94 ? 60  ASP A OD1   1 
ATOM   490  O OD2   . ASP A 1 60  ? -20.372 3.858   -4.867  1.00 28.74 ? 60  ASP A OD2   1 
ATOM   491  N N     . PRO A 1 61  ? -16.552 4.443   -8.843  1.00 17.48 ? 61  PRO A N     1 
ATOM   492  C CA    . PRO A 1 61  ? -15.531 5.280   -9.479  1.00 16.05 ? 61  PRO A CA    1 
ATOM   493  C C     . PRO A 1 61  ? -15.302 6.625   -8.760  1.00 15.73 ? 61  PRO A C     1 
ATOM   494  O O     . PRO A 1 61  ? -16.224 7.179   -8.162  1.00 15.88 ? 61  PRO A O     1 
ATOM   495  C CB    . PRO A 1 61  ? -16.093 5.533   -10.889 1.00 16.50 ? 61  PRO A CB    1 
ATOM   496  C CG    . PRO A 1 61  ? -17.036 4.431   -11.137 1.00 16.62 ? 61  PRO A CG    1 
ATOM   497  C CD    . PRO A 1 61  ? -17.599 4.028   -9.794  1.00 17.53 ? 61  PRO A CD    1 
ATOM   498  N N     . ILE A 1 62  ? -14.077 7.122   -8.855  1.00 15.01 ? 62  ILE A N     1 
ATOM   499  C CA    . ILE A 1 62  ? -13.713 8.463   -8.361  1.00 14.75 ? 62  ILE A CA    1 
ATOM   500  C C     . ILE A 1 62  ? -13.109 9.142   -9.559  1.00 15.14 ? 62  ILE A C     1 
ATOM   501  O O     . ILE A 1 62  ? -12.255 8.550   -10.224 1.00 15.40 ? 62  ILE A O     1 
ATOM   502  C CB    . ILE A 1 62  ? -12.668 8.395   -7.232  1.00 15.10 ? 62  ILE A CB    1 
ATOM   503  C CG1   . ILE A 1 62  ? -13.217 7.614   -6.038  1.00 14.57 ? 62  ILE A CG1   1 
ATOM   504  C CG2   . ILE A 1 62  ? -12.239 9.828   -6.809  1.00 14.79 ? 62  ILE A CG2   1 
ATOM   505  C CD1   . ILE A 1 62  ? -12.167 7.196   -5.041  1.00 15.56 ? 62  ILE A CD1   1 
ATOM   506  N N     . PRO A 1 63  ? -13.584 10.358  -9.900  1.00 16.02 ? 63  PRO A N     1 
ATOM   507  C CA    . PRO A 1 63  ? -12.978 11.034  -11.040 1.00 16.37 ? 63  PRO A CA    1 
ATOM   508  C C     . PRO A 1 63  ? -11.462 11.186  -10.850 1.00 15.98 ? 63  PRO A C     1 
ATOM   509  O O     . PRO A 1 63  ? -10.997 11.518  -9.751  1.00 16.62 ? 63  PRO A O     1 
ATOM   510  C CB    . PRO A 1 63  ? -13.665 12.406  -11.057 1.00 16.94 ? 63  PRO A CB    1 
ATOM   511  C CG    . PRO A 1 63  ? -15.007 12.192  -10.376 1.00 16.42 ? 63  PRO A CG    1 
ATOM   512  C CD    . PRO A 1 63  ? -14.717 11.111  -9.326  1.00 17.23 ? 63  PRO A CD    1 
ATOM   513  N N     . ASN A 1 64  ? -10.725 10.904  -11.923 1.00 15.97 ? 64  ASN A N     1 
ATOM   514  C CA    . ASN A 1 64  ? -9.262  11.036  -11.969 1.00 16.81 ? 64  ASN A CA    1 
ATOM   515  C C     . ASN A 1 64  ? -8.487  10.034  -11.127 1.00 15.89 ? 64  ASN A C     1 
ATOM   516  O O     . ASN A 1 64  ? -7.332  10.274  -10.773 1.00 16.09 ? 64  ASN A O     1 
ATOM   517  C CB    . ASN A 1 64  ? -8.853  12.480  -11.645 1.00 18.58 ? 64  ASN A CB    1 
ATOM   518  C CG    . ASN A 1 64  ? -9.558  13.491  -12.553 1.00 22.32 ? 64  ASN A CG    1 
ATOM   519  O OD1   . ASN A 1 64  ? -10.189 14.436  -12.071 1.00 28.14 ? 64  ASN A OD1   1 
ATOM   520  N ND2   . ASN A 1 64  ? -9.500  13.258  -13.870 1.00 26.68 ? 64  ASN A ND2   1 
ATOM   521  N N     . VAL A 1 65  ? -9.141  8.923   -10.808 1.00 14.22 ? 65  VAL A N     1 
ATOM   522  C CA    . VAL A 1 65  ? -8.489  7.798   -10.163 1.00 13.92 ? 65  VAL A CA    1 
ATOM   523  C C     . VAL A 1 65  ? -8.698  6.561   -11.015 1.00 13.69 ? 65  VAL A C     1 
ATOM   524  O O     . VAL A 1 65  ? -9.833  6.302   -11.464 1.00 13.50 ? 65  VAL A O     1 
ATOM   525  C CB    . VAL A 1 65  ? -9.077  7.560   -8.767  1.00 13.62 ? 65  VAL A CB    1 
ATOM   526  C CG1   . VAL A 1 65  ? -8.452  6.274   -8.123  1.00 15.01 ? 65  VAL A CG1   1 
ATOM   527  C CG2   . VAL A 1 65  ? -8.851  8.823   -7.877  1.00 15.84 ? 65  VAL A CG2   1 
ATOM   528  N N     . TYR A 1 66  ? -7.624  5.799   -11.227 1.00 12.71 ? 66  TYR A N     1 
ATOM   529  C CA    . TYR A 1 66  ? -7.722  4.537   -11.968 1.00 13.59 ? 66  TYR A CA    1 
ATOM   530  C C     . TYR A 1 66  ? -8.006  3.462   -10.940 1.00 13.30 ? 66  TYR A C     1 
ATOM   531  O O     . TYR A 1 66  ? -7.307  3.383   -9.928  1.00 15.78 ? 66  TYR A O     1 
ATOM   532  C CB    . TYR A 1 66  ? -6.411  4.189   -12.648 1.00 14.53 ? 66  TYR A CB    1 
ATOM   533  C CG    . TYR A 1 66  ? -5.920  5.184   -13.663 1.00 14.78 ? 66  TYR A CG    1 
ATOM   534  C CD1   . TYR A 1 66  ? -6.277  5.068   -14.998 1.00 16.99 ? 66  TYR A CD1   1 
ATOM   535  C CD2   . TYR A 1 66  ? -5.066  6.226   -13.291 1.00 14.16 ? 66  TYR A CD2   1 
ATOM   536  C CE1   . TYR A 1 66  ? -5.801  5.975   -15.945 1.00 18.78 ? 66  TYR A CE1   1 
ATOM   537  C CE2   . TYR A 1 66  ? -4.607  7.148   -14.239 1.00 16.54 ? 66  TYR A CE2   1 
ATOM   538  C CZ    . TYR A 1 66  ? -4.976  7.009   -15.559 1.00 18.90 ? 66  TYR A CZ    1 
ATOM   539  O OH    . TYR A 1 66  ? -4.536  7.911   -16.512 1.00 18.87 ? 66  TYR A OH    1 
ATOM   540  N N     . PHE A 1 67  ? -9.019  2.639   -11.173 1.00 13.37 ? 67  PHE A N     1 
ATOM   541  C CA    . PHE A 1 67  ? -9.272  1.546   -10.257 1.00 12.36 ? 67  PHE A CA    1 
ATOM   542  C C     . PHE A 1 67  ? -8.994  0.210   -10.953 1.00 13.32 ? 67  PHE A C     1 
ATOM   543  O O     . PHE A 1 67  ? -9.261  0.046   -12.157 1.00 13.63 ? 67  PHE A O     1 
ATOM   544  C CB    . PHE A 1 67  ? -10.714 1.588   -9.718  1.00 13.34 ? 67  PHE A CB    1 
ATOM   545  C CG    . PHE A 1 67  ? -11.084 0.366   -8.921  1.00 13.51 ? 67  PHE A CG    1 
ATOM   546  C CD1   . PHE A 1 67  ? -10.528 0.155   -7.668  1.00 13.73 ? 67  PHE A CD1   1 
ATOM   547  C CD2   . PHE A 1 67  ? -11.982 -0.562  -9.430  1.00 15.46 ? 67  PHE A CD2   1 
ATOM   548  C CE1   . PHE A 1 67  ? -10.876 -0.968  -6.929  1.00 15.42 ? 67  PHE A CE1   1 
ATOM   549  C CE2   . PHE A 1 67  ? -12.337 -1.703  -8.700  1.00 17.05 ? 67  PHE A CE2   1 
ATOM   550  C CZ    . PHE A 1 67  ? -11.766 -1.913  -7.464  1.00 16.04 ? 67  PHE A CZ    1 
ATOM   551  N N     . ILE A 1 68  ? -8.454  -0.730  -10.183 1.00 12.35 ? 68  ILE A N     1 
ATOM   552  C CA    . ILE A 1 68  ? -8.208  -2.088  -10.675 1.00 13.65 ? 68  ILE A CA    1 
ATOM   553  C C     . ILE A 1 68  ? -8.786  -3.048  -9.661  1.00 14.13 ? 68  ILE A C     1 
ATOM   554  O O     . ILE A 1 68  ? -8.373  -3.060  -8.503  1.00 13.74 ? 68  ILE A O     1 
ATOM   555  C CB    . ILE A 1 68  ? -6.694  -2.368  -10.891 1.00 13.11 ? 68  ILE A CB    1 
ATOM   556  C CG1   . ILE A 1 68  ? -6.149  -1.473  -12.017 1.00 13.64 ? 68  ILE A CG1   1 
ATOM   557  C CG2   . ILE A 1 68  ? -6.466  -3.877  -11.140 1.00 14.06 ? 68  ILE A CG2   1 
ATOM   558  C CD1   . ILE A 1 68  ? -4.601  -1.480  -12.132 1.00 15.88 ? 68  ILE A CD1   1 
ATOM   559  N N     . GLN A 1 69  ? -9.755  -3.856  -10.087 1.00 15.54 ? 69  GLN A N     1 
ATOM   560  C CA    . GLN A 1 69  ? -10.226 -4.881  -9.184  1.00 15.70 ? 69  GLN A CA    1 
ATOM   561  C C     . GLN A 1 69  ? -9.251  -6.062  -9.206  1.00 15.86 ? 69  GLN A C     1 
ATOM   562  O O     . GLN A 1 69  ? -8.895  -6.590  -10.269 1.00 17.27 ? 69  GLN A O     1 
ATOM   563  C CB    . GLN A 1 69  ? -11.649 -5.350  -9.501  1.00 17.21 ? 69  GLN A CB    1 
ATOM   564  C CG    . GLN A 1 69  ? -12.150 -6.275  -8.417  1.00 18.09 ? 69  GLN A CG    1 
ATOM   565  C CD    . GLN A 1 69  ? -13.487 -6.929  -8.744  1.00 24.42 ? 69  GLN A CD    1 
ATOM   566  O OE1   . GLN A 1 69  ? -13.883 -6.997  -9.899  1.00 25.79 ? 69  GLN A OE1   1 
ATOM   567  N NE2   . GLN A 1 69  ? -14.182 -7.415  -7.711  1.00 24.74 ? 69  GLN A NE2   1 
ATOM   568  N N     . GLY A 1 70  ? -8.810  -6.466  -8.031  1.00 15.12 ? 70  GLY A N     1 
ATOM   569  C CA    . GLY A 1 70  ? -7.895  -7.603  -7.928  1.00 15.74 ? 70  GLY A CA    1 
ATOM   570  C C     . GLY A 1 70  ? -7.413  -7.876  -6.529  1.00 16.86 ? 70  GLY A C     1 
ATOM   571  O O     . GLY A 1 70  ? -7.334  -6.979  -5.701  1.00 16.27 ? 70  GLY A O     1 
ATOM   572  N N     . GLU A 1 71  ? -7.118  -9.138  -6.248  1.00 17.49 ? 71  GLU A N     1 
ATOM   573  C CA    . GLU A 1 71  ? -6.590  -9.489  -4.955  1.00 18.20 ? 71  GLU A CA    1 
ATOM   574  C C     . GLU A 1 71  ? -5.069  -9.654  -5.076  1.00 17.96 ? 71  GLU A C     1 
ATOM   575  O O     . GLU A 1 71  ? -4.588  -10.560 -5.759  1.00 18.64 ? 71  GLU A O     1 
ATOM   576  C CB    . GLU A 1 71  ? -7.250  -10.781 -4.452  1.00 18.05 ? 71  GLU A CB    1 
ATOM   577  C CG    . GLU A 1 71  ? -6.660  -11.290 -3.142  1.00 20.10 ? 71  GLU A CG    1 
ATOM   578  C CD    . GLU A 1 71  ? -7.396  -12.513 -2.609  1.00 21.09 ? 71  GLU A CD    1 
ATOM   579  O OE1   . GLU A 1 71  ? -8.239  -13.077 -3.337  1.00 27.98 ? 71  GLU A OE1   1 
ATOM   580  O OE2   . GLU A 1 71  ? -7.119  -12.906 -1.467  1.00 28.22 ? 71  GLU A OE2   1 
ATOM   581  N N     . ILE A 1 72  ? -4.308  -8.762  -4.442  1.00 17.13 ? 72  ILE A N     1 
ATOM   582  C CA    . ILE A 1 72  ? -2.858  -8.902  -4.497  1.00 16.96 ? 72  ILE A CA    1 
ATOM   583  C C     . ILE A 1 72  ? -2.457  -10.220 -3.824  1.00 18.01 ? 72  ILE A C     1 
ATOM   584  O O     . ILE A 1 72  ? -2.999  -10.580 -2.783  1.00 17.80 ? 72  ILE A O     1 
ATOM   585  C CB    . ILE A 1 72  ? -2.142  -7.671  -3.876  1.00 16.40 ? 72  ILE A CB    1 
ATOM   586  C CG1   . ILE A 1 72  ? -2.511  -6.425  -4.678  1.00 13.86 ? 72  ILE A CG1   1 
ATOM   587  C CG2   . ILE A 1 72  ? -0.640  -7.911  -3.809  1.00 15.72 ? 72  ILE A CG2   1 
ATOM   588  C CD1   . ILE A 1 72  ? -2.023  -6.404  -6.143  1.00 16.28 ? 72  ILE A CD1   1 
ATOM   589  N N     . GLY A 1 73  ? -1.556  -10.960 -4.451  1.00 19.56 ? 73  GLY A N     1 
ATOM   590  C CA    . GLY A 1 73  ? -1.229  -12.301 -3.975  1.00 21.21 ? 73  GLY A CA    1 
ATOM   591  C C     . GLY A 1 73  ? -1.988  -13.375 -4.735  1.00 21.68 ? 73  GLY A C     1 
ATOM   592  O O     . GLY A 1 73  ? -1.725  -14.560 -4.552  1.00 23.16 ? 73  GLY A O     1 
ATOM   593  N N     . LYS A 1 74  ? -2.930  -12.965 -5.583  1.00 22.71 ? 74  LYS A N     1 
ATOM   594  C CA    . LYS A 1 74  ? -3.731  -13.897 -6.392  1.00 22.83 ? 74  LYS A CA    1 
ATOM   595  C C     . LYS A 1 74  ? -3.888  -13.464 -7.858  1.00 22.51 ? 74  LYS A C     1 
ATOM   596  O O     . LYS A 1 74  ? -3.530  -14.198 -8.790  1.00 22.03 ? 74  LYS A O     1 
ATOM   597  C CB    . LYS A 1 74  ? -5.110  -14.090 -5.745  1.00 23.35 ? 74  LYS A CB    1 
ATOM   598  C CG    . LYS A 1 74  ? -6.087  -14.948 -6.540  1.00 28.08 ? 74  LYS A CG    1 
ATOM   599  C CD    . LYS A 1 74  ? -7.509  -14.767 -6.061  1.00 32.06 ? 74  LYS A CD    1 
ATOM   600  C CE    . LYS A 1 74  ? -8.482  -15.656 -6.828  1.00 36.94 ? 74  LYS A CE    1 
ATOM   601  N NZ    . LYS A 1 74  ? -8.392  -15.482 -8.319  1.00 38.59 ? 74  LYS A NZ    1 
ATOM   602  N N     . ASP A 1 75  ? -4.442  -12.266 -8.050  1.00 20.76 ? 75  ASP A N     1 
ATOM   603  C CA    . ASP A 1 75  ? -4.709  -11.699 -9.379  1.00 20.32 ? 75  ASP A CA    1 
ATOM   604  C C     . ASP A 1 75  ? -3.536  -10.954 -10.018 1.00 19.29 ? 75  ASP A C     1 
ATOM   605  O O     . ASP A 1 75  ? -3.642  -10.461 -11.131 1.00 20.20 ? 75  ASP A O     1 
ATOM   606  C CB    . ASP A 1 75  ? -5.929  -10.782 -9.300  1.00 20.42 ? 75  ASP A CB    1 
ATOM   607  C CG    . ASP A 1 75  ? -7.161  -11.515 -8.818  1.00 23.74 ? 75  ASP A CG    1 
ATOM   608  O OD1   . ASP A 1 75  ? -7.448  -12.609 -9.378  1.00 25.50 ? 75  ASP A OD1   1 
ATOM   609  O OD2   . ASP A 1 75  ? -7.839  -11.008 -7.896  1.00 23.54 ? 75  ASP A OD2   1 
ATOM   610  N N     . ASN A 1 76  ? -2.434  -10.811 -9.301  1.00 18.83 ? 76  ASN A N     1 
ATOM   611  C CA    . ASN A 1 76  ? -1.186  -10.481 -9.982  1.00 18.22 ? 76  ASN A CA    1 
ATOM   612  C C     . ASN A 1 76  ? -0.454  -11.799 -10.184 1.00 18.45 ? 76  ASN A C     1 
ATOM   613  O O     . ASN A 1 76  ? -0.632  -12.736 -9.408  1.00 17.34 ? 76  ASN A O     1 
ATOM   614  C CB    . ASN A 1 76  ? -0.318  -9.472  -9.220  1.00 17.51 ? 76  ASN A CB    1 
ATOM   615  C CG    . ASN A 1 76  ? 0.061   -9.950  -7.828  1.00 18.35 ? 76  ASN A CG    1 
ATOM   616  O OD1   . ASN A 1 76  ? -0.784  -10.096 -6.949  1.00 19.28 ? 76  ASN A OD1   1 
ATOM   617  N ND2   . ASN A 1 76  ? 1.334   -10.236 -7.632  1.00 15.00 ? 76  ASN A ND2   1 
ATOM   618  N N     . MET A 1 77  ? 0.353   -11.866 -11.232 1.00 18.93 ? 77  MET A N     1 
ATOM   619  C CA    . MET A 1 77  ? 0.873   -13.174 -11.686 1.00 20.17 ? 77  MET A CA    1 
ATOM   620  C C     . MET A 1 77  ? 2.060   -13.703 -10.875 1.00 19.75 ? 77  MET A C     1 
ATOM   621  O O     . MET A 1 77  ? 2.194   -14.926 -10.641 1.00 19.91 ? 77  MET A O     1 
ATOM   622  C CB    . MET A 1 77  ? 1.196   -13.109 -13.177 1.00 20.70 ? 77  MET A CB    1 
ATOM   623  C CG    . MET A 1 77  ? 1.670   -14.437 -13.731 1.00 25.11 ? 77  MET A CG    1 
ATOM   624  S SD    . MET A 1 77  ? 0.373   -15.681 -13.578 1.00 33.61 ? 77  MET A SD    1 
ATOM   625  C CE    . MET A 1 77  ? -0.144  -15.821 -15.291 1.00 32.64 ? 77  MET A CE    1 
ATOM   626  N N     . ASN A 1 78  ? 2.927   -12.789 -10.439 1.00 17.33 ? 78  ASN A N     1 
ATOM   627  C CA    . ASN A 1 78  ? 4.139   -13.180 -9.761  1.00 16.73 ? 78  ASN A CA    1 
ATOM   628  C C     . ASN A 1 78  ? 3.954   -13.021 -8.255  1.00 18.38 ? 78  ASN A C     1 
ATOM   629  O O     . ASN A 1 78  ? 4.001   -11.906 -7.705  1.00 17.25 ? 78  ASN A O     1 
ATOM   630  C CB    . ASN A 1 78  ? 5.338   -12.401 -10.323 1.00 16.35 ? 78  ASN A CB    1 
ATOM   631  C CG    . ASN A 1 78  ? 6.642   -12.658 -9.566  1.00 13.04 ? 78  ASN A CG    1 
ATOM   632  O OD1   . ASN A 1 78  ? 6.708   -13.448 -8.602  1.00 16.37 ? 78  ASN A OD1   1 
ATOM   633  N ND2   . ASN A 1 78  ? 7.692   -12.031 -10.034 1.00 15.84 ? 78  ASN A ND2   1 
ATOM   634  N N     . ASN A 1 79  ? 3.742   -14.158 -7.603  1.00 20.56 ? 79  ASN A N     1 
ATOM   635  C CA    . ASN A 1 79  ? 3.559   -14.222 -6.149  1.00 24.21 ? 79  ASN A CA    1 
ATOM   636  C C     . ASN A 1 79  ? 4.660   -15.066 -5.493  1.00 26.56 ? 79  ASN A C     1 
ATOM   637  O O     . ASN A 1 79  ? 5.515   -15.610 -6.199  1.00 27.92 ? 79  ASN A O     1 
ATOM   638  C CB    . ASN A 1 79  ? 2.192   -14.807 -5.859  1.00 24.65 ? 79  ASN A CB    1 
ATOM   639  C CG    . ASN A 1 79  ? 1.090   -14.009 -6.492  1.00 25.75 ? 79  ASN A CG    1 
ATOM   640  O OD1   . ASN A 1 79  ? 0.989   -12.792 -6.267  1.00 29.64 ? 79  ASN A OD1   1 
ATOM   641  N ND2   . ASN A 1 79  ? 0.244   -14.678 -7.290  1.00 26.71 ? 79  ASN A ND2   1 
ATOM   642  N N     . ILE A 1 80  ? 4.655   -15.170 -4.167  1.00 28.37 ? 80  ILE A N     1 
ATOM   643  C CA    . ILE A 1 80  ? 5.624   -16.028 -3.468  1.00 30.01 ? 80  ILE A CA    1 
ATOM   644  C C     . ILE A 1 80  ? 5.603   -17.446 -4.014  1.00 31.10 ? 80  ILE A C     1 
ATOM   645  O O     . ILE A 1 80  ? 4.528   -18.024 -4.191  1.00 32.19 ? 80  ILE A O     1 
ATOM   646  C CB    . ILE A 1 80  ? 5.306   -16.137 -1.982  1.00 30.60 ? 80  ILE A CB    1 
ATOM   647  N N     . ASN A 1 92  ? -2.143  -12.905 -14.435 1.00 25.29 ? 92  ASN A N     1 
ATOM   648  C CA    . ASN A 1 92  ? -1.928  -11.740 -15.338 1.00 25.49 ? 92  ASN A CA    1 
ATOM   649  C C     . ASN A 1 92  ? -2.748  -10.445 -15.135 1.00 23.59 ? 92  ASN A C     1 
ATOM   650  O O     . ASN A 1 92  ? -2.300  -9.394  -15.569 1.00 22.17 ? 92  ASN A O     1 
ATOM   651  C CB    . ASN A 1 92  ? -2.096  -12.137 -16.843 1.00 25.53 ? 92  ASN A CB    1 
ATOM   652  C CG    . ASN A 1 92  ? -0.822  -12.673 -17.462 1.00 29.08 ? 92  ASN A CG    1 
ATOM   653  O OD1   . ASN A 1 92  ? -0.035  -13.335 -16.806 1.00 36.65 ? 92  ASN A OD1   1 
ATOM   654  N ND2   . ASN A 1 92  ? -0.632  -12.414 -18.740 1.00 32.81 ? 92  ASN A ND2   1 
ATOM   655  N N     . SER A 1 93  ? -3.933  -10.521 -14.522 1.00 21.91 ? 93  SER A N     1 
ATOM   656  C CA    . SER A 1 93  ? -4.931  -9.476  -14.752 1.00 21.13 ? 93  SER A CA    1 
ATOM   657  C C     . SER A 1 93  ? -4.511  -8.131  -14.158 1.00 19.38 ? 93  SER A C     1 
ATOM   658  O O     . SER A 1 93  ? -4.549  -7.147  -14.868 1.00 19.19 ? 93  SER A O     1 
ATOM   659  C CB    . SER A 1 93  ? -6.337  -9.862  -14.299 1.00 22.05 ? 93  SER A CB    1 
ATOM   660  O OG    . SER A 1 93  ? -6.370  -10.085 -12.896 1.00 23.75 ? 93  SER A OG    1 
ATOM   661  N N     . VAL A 1 94  ? -4.105  -8.113  -12.887 1.00 17.94 ? 94  VAL A N     1 
ATOM   662  C CA    . VAL A 1 94  ? -3.596  -6.873  -12.250 1.00 16.37 ? 94  VAL A CA    1 
ATOM   663  C C     . VAL A 1 94  ? -2.397  -6.334  -13.039 1.00 15.92 ? 94  VAL A C     1 
ATOM   664  O O     . VAL A 1 94  ? -2.314  -5.142  -13.366 1.00 15.20 ? 94  VAL A O     1 
ATOM   665  C CB    . VAL A 1 94  ? -3.273  -7.073  -10.745 1.00 16.48 ? 94  VAL A CB    1 
ATOM   666  C CG1   . VAL A 1 94  ? -2.448  -5.903  -10.171 1.00 15.12 ? 94  VAL A CG1   1 
ATOM   667  C CG2   . VAL A 1 94  ? -4.567  -7.225  -9.928  1.00 17.58 ? 94  VAL A CG2   1 
ATOM   668  N N     . ASP A 1 95  ? -1.481  -7.220  -13.409 1.00 15.61 ? 95  ASP A N     1 
ATOM   669  C CA    . ASP A 1 95  ? -0.279  -6.777  -14.126 1.00 15.66 ? 95  ASP A CA    1 
ATOM   670  C C     . ASP A 1 95  ? -0.579  -6.110  -15.466 1.00 16.01 ? 95  ASP A C     1 
ATOM   671  O O     . ASP A 1 95  ? 0.014   -5.098  -15.810 1.00 15.64 ? 95  ASP A O     1 
ATOM   672  C CB    . ASP A 1 95  ? 0.658   -7.942  -14.320 1.00 15.37 ? 95  ASP A CB    1 
ATOM   673  C CG    . ASP A 1 95  ? 0.956   -8.642  -13.019 1.00 17.65 ? 95  ASP A CG    1 
ATOM   674  O OD1   . ASP A 1 95  ? 1.858   -8.197  -12.277 1.00 17.18 ? 95  ASP A OD1   1 
ATOM   675  O OD2   . ASP A 1 95  ? 0.261   -9.642  -12.745 1.00 17.60 ? 95  ASP A OD2   1 
ATOM   676  N N     . TYR A 1 96  ? -1.482  -6.710  -16.234 1.00 17.68 ? 96  TYR A N     1 
ATOM   677  C CA    . TYR A 1 96  ? -1.810  -6.154  -17.540 1.00 18.78 ? 96  TYR A CA    1 
ATOM   678  C C     . TYR A 1 96  ? -2.617  -4.858  -17.451 1.00 17.47 ? 96  TYR A C     1 
ATOM   679  O O     . TYR A 1 96  ? -2.403  -3.921  -18.239 1.00 17.57 ? 96  TYR A O     1 
ATOM   680  C CB    . TYR A 1 96  ? -2.388  -7.237  -18.459 1.00 20.61 ? 96  TYR A CB    1 
ATOM   681  C CG    . TYR A 1 96  ? -1.206  -7.983  -19.064 1.00 23.61 ? 96  TYR A CG    1 
ATOM   682  C CD1   . TYR A 1 96  ? -0.793  -9.224  -18.557 1.00 24.46 ? 96  TYR A CD1   1 
ATOM   683  C CD2   . TYR A 1 96  ? -0.438  -7.399  -20.076 1.00 25.19 ? 96  TYR A CD2   1 
ATOM   684  C CE1   . TYR A 1 96  ? 0.306   -9.867  -19.065 1.00 24.88 ? 96  TYR A CE1   1 
ATOM   685  C CE2   . TYR A 1 96  ? 0.678   -8.064  -20.608 1.00 28.78 ? 96  TYR A CE2   1 
ATOM   686  C CZ    . TYR A 1 96  ? 1.035   -9.294  -20.087 1.00 25.93 ? 96  TYR A CZ    1 
ATOM   687  O OH    . TYR A 1 96  ? 2.124   -9.948  -20.588 1.00 28.02 ? 96  TYR A OH    1 
ATOM   688  N N     . LYS A 1 97  ? -3.446  -4.758  -16.418 1.00 17.50 ? 97  LYS A N     1 
ATOM   689  C CA    . LYS A 1 97  ? -4.116  -3.490  -16.132 1.00 16.58 ? 97  LYS A CA    1 
ATOM   690  C C     . LYS A 1 97  ? -3.122  -2.405  -15.707 1.00 17.09 ? 97  LYS A C     1 
ATOM   691  O O     . LYS A 1 97  ? -3.226  -1.268  -16.147 1.00 16.84 ? 97  LYS A O     1 
ATOM   692  C CB    . LYS A 1 97  ? -5.195  -3.688  -15.074 1.00 17.27 ? 97  LYS A CB    1 
ATOM   693  C CG    . LYS A 1 97  ? -6.366  -4.514  -15.597 1.00 19.49 ? 97  LYS A CG    1 
ATOM   694  C CD    . LYS A 1 97  ? -7.435  -4.625  -14.550 1.00 25.32 ? 97  LYS A CD    1 
ATOM   695  C CE    . LYS A 1 97  ? -8.285  -5.895  -14.705 1.00 29.55 ? 97  LYS A CE    1 
ATOM   696  N NZ    . LYS A 1 97  ? -9.050  -6.190  -13.431 1.00 29.77 ? 97  LYS A NZ    1 
ATOM   697  N N     . LEU A 1 98  ? -2.158  -2.752  -14.855 1.00 16.02 ? 98  LEU A N     1 
ATOM   698  C CA    . LEU A 1 98  ? -1.054  -1.824  -14.550 1.00 17.05 ? 98  LEU A CA    1 
ATOM   699  C C     . LEU A 1 98  ? -0.255  -1.423  -15.775 1.00 17.83 ? 98  LEU A C     1 
ATOM   700  O O     . LEU A 1 98  ? 0.103   -0.264  -15.923 1.00 17.73 ? 98  LEU A O     1 
ATOM   701  C CB    . LEU A 1 98  ? -0.116  -2.368  -13.459 1.00 16.80 ? 98  LEU A CB    1 
ATOM   702  C CG    . LEU A 1 98  ? -0.730  -2.357  -12.070 1.00 16.52 ? 98  LEU A CG    1 
ATOM   703  C CD1   . LEU A 1 98  ? 0.129   -3.200  -11.100 1.00 18.29 ? 98  LEU A CD1   1 
ATOM   704  C CD2   . LEU A 1 98  ? -0.943  -0.905  -11.531 1.00 15.81 ? 98  LEU A CD2   1 
ATOM   705  N N     . LYS A 1 99  ? 0.022   -2.385  -16.651 1.00 18.30 ? 99  LYS A N     1 
ATOM   706  C CA    . LYS A 1 99  ? 0.777   -2.118  -17.889 1.00 21.24 ? 99  LYS A CA    1 
ATOM   707  C C     . LYS A 1 99  ? 0.073   -1.067  -18.765 1.00 20.64 ? 99  LYS A C     1 
ATOM   708  O O     . LYS A 1 99  ? 0.715   -0.163  -19.283 1.00 21.12 ? 99  LYS A O     1 
ATOM   709  C CB    . LYS A 1 99  ? 0.952   -3.429  -18.669 1.00 20.80 ? 99  LYS A CB    1 
ATOM   710  C CG    . LYS A 1 99  ? 1.905   -3.357  -19.864 1.00 24.37 ? 99  LYS A CG    1 
ATOM   711  C CD    . LYS A 1 99  ? 2.079   -4.736  -20.519 1.00 23.85 ? 99  LYS A CD    1 
ATOM   712  C CE    . LYS A 1 99  ? 3.090   -5.602  -19.760 1.00 27.67 ? 99  LYS A CE    1 
ATOM   713  N NZ    . LYS A 1 99  ? 4.501   -5.250  -20.150 1.00 28.87 ? 99  LYS A NZ    1 
ATOM   714  N N     . GLU A 1 100 ? -1.245  -1.209  -18.924 1.00 21.04 ? 100 GLU A N     1 
ATOM   715  C CA    . GLU A 1 100 ? -2.085  -0.258  -19.651 1.00 22.76 ? 100 GLU A CA    1 
ATOM   716  C C     . GLU A 1 100 ? -1.873  1.158   -19.133 1.00 21.70 ? 100 GLU A C     1 
ATOM   717  O O     . GLU A 1 100 ? -1.819  2.099   -19.905 1.00 22.83 ? 100 GLU A O     1 
ATOM   718  C CB    . GLU A 1 100 ? -3.567  -0.604  -19.481 1.00 23.59 ? 100 GLU A CB    1 
ATOM   719  C CG    . GLU A 1 100 ? -4.140  -1.626  -20.436 1.00 27.06 ? 100 GLU A CG    1 
ATOM   720  C CD    . GLU A 1 100 ? -5.669  -1.680  -20.338 1.00 27.67 ? 100 GLU A CD    1 
ATOM   721  O OE1   . GLU A 1 100 ? -6.345  -1.258  -21.309 1.00 34.02 ? 100 GLU A OE1   1 
ATOM   722  O OE2   . GLU A 1 100 ? -6.192  -2.131  -19.280 1.00 31.98 ? 100 GLU A OE2   1 
ATOM   723  N N     . ILE A 1 101 ? -1.746  1.287   -17.820 1.00 20.32 ? 101 ILE A N     1 
ATOM   724  C CA    . ILE A 1 101 ? -1.680  2.590   -17.145 1.00 19.60 ? 101 ILE A CA    1 
ATOM   725  C C     . ILE A 1 101 ? -0.246  3.153   -17.102 1.00 20.12 ? 101 ILE A C     1 
ATOM   726  O O     . ILE A 1 101 ? -0.014  4.327   -17.429 1.00 20.70 ? 101 ILE A O     1 
ATOM   727  C CB    . ILE A 1 101 ? -2.306  2.511   -15.703 1.00 19.20 ? 101 ILE A CB    1 
ATOM   728  C CG1   . ILE A 1 101 ? -3.783  2.116   -15.726 1.00 18.74 ? 101 ILE A CG1   1 
ATOM   729  C CG2   . ILE A 1 101 ? -2.198  3.849   -14.973 1.00 18.76 ? 101 ILE A CG2   1 
ATOM   730  C CD1   . ILE A 1 101 ? -4.280  1.553   -14.384 1.00 19.11 ? 101 ILE A CD1   1 
ATOM   731  N N     . LEU A 1 102 ? 0.705   2.306   -16.715 1.00 19.94 ? 102 LEU A N     1 
ATOM   732  C CA    . LEU A 1 102 ? 2.098   2.697   -16.493 1.00 20.55 ? 102 LEU A CA    1 
ATOM   733  C C     . LEU A 1 102 ? 2.987   2.687   -17.733 1.00 21.65 ? 102 LEU A C     1 
ATOM   734  O O     . LEU A 1 102 ? 4.002   3.393   -17.757 1.00 21.22 ? 102 LEU A O     1 
ATOM   735  C CB    . LEU A 1 102 ? 2.754   1.764   -15.458 1.00 20.74 ? 102 LEU A CB    1 
ATOM   736  C CG    . LEU A 1 102 ? 2.171   1.709   -14.042 1.00 20.21 ? 102 LEU A CG    1 
ATOM   737  C CD1   . LEU A 1 102 ? 2.813   0.581   -13.289 1.00 21.29 ? 102 LEU A CD1   1 
ATOM   738  C CD2   . LEU A 1 102 ? 2.372   3.055   -13.345 1.00 21.89 ? 102 LEU A CD2   1 
ATOM   739  N N     . GLN A 1 103 ? 2.647   1.839   -18.710 1.00 23.77 ? 103 GLN A N     1 
ATOM   740  C CA    . GLN A 1 103 ? 3.545   1.519   -19.827 1.00 26.08 ? 103 GLN A CA    1 
ATOM   741  C C     . GLN A 1 103 ? 4.898   1.017   -19.308 1.00 26.47 ? 103 GLN A C     1 
ATOM   742  O O     . GLN A 1 103 ? 4.997   -0.113  -18.842 1.00 27.11 ? 103 GLN A O     1 
ATOM   743  C CB    . GLN A 1 103 ? 3.708   2.707   -20.786 1.00 26.37 ? 103 GLN A CB    1 
ATOM   744  C CG    . GLN A 1 103 ? 2.410   3.197   -21.421 1.00 31.14 ? 103 GLN A CG    1 
ATOM   745  C CD    . GLN A 1 103 ? 1.639   2.074   -22.081 1.00 37.38 ? 103 GLN A CD    1 
ATOM   746  O OE1   . GLN A 1 103 ? 2.194   1.302   -22.883 1.00 41.17 ? 103 GLN A OE1   1 
ATOM   747  N NE2   . GLN A 1 103 ? 0.351   1.969   -21.753 1.00 38.61 ? 103 GLN A NE2   1 
ATOM   748  N N     . ASP A 1 104 ? 5.921   1.856   -19.379 1.00 26.26 ? 104 ASP A N     1 
ATOM   749  C CA    . ASP A 1 104 ? 7.271   1.462   -18.975 1.00 26.71 ? 104 ASP A CA    1 
ATOM   750  C C     . ASP A 1 104 ? 7.691   2.028   -17.611 1.00 25.28 ? 104 ASP A C     1 
ATOM   751  O O     . ASP A 1 104 ? 8.867   1.920   -17.205 1.00 26.61 ? 104 ASP A O     1 
ATOM   752  C CB    . ASP A 1 104 ? 8.264   1.858   -20.070 1.00 27.13 ? 104 ASP A CB    1 
ATOM   753  C CG    . ASP A 1 104 ? 8.147   0.969   -21.306 1.00 30.52 ? 104 ASP A CG    1 
ATOM   754  O OD1   . ASP A 1 104 ? 7.676   -0.180  -21.163 1.00 33.60 ? 104 ASP A OD1   1 
ATOM   755  O OD2   . ASP A 1 104 ? 8.526   1.419   -22.412 1.00 35.37 ? 104 ASP A OD2   1 
ATOM   756  N N     . LYS A 1 105 ? 6.733   2.609   -16.894 1.00 22.75 ? 105 LYS A N     1 
ATOM   757  C CA    . LYS A 1 105 ? 7.040   3.305   -15.655 1.00 20.76 ? 105 LYS A CA    1 
ATOM   758  C C     . LYS A 1 105 ? 6.825   2.430   -14.431 1.00 19.39 ? 105 LYS A C     1 
ATOM   759  O O     . LYS A 1 105 ? 6.008   1.522   -14.436 1.00 19.03 ? 105 LYS A O     1 
ATOM   760  C CB    . LYS A 1 105 ? 6.210   4.579   -15.537 1.00 20.71 ? 105 LYS A CB    1 
ATOM   761  C CG    . LYS A 1 105 ? 6.610   5.673   -16.524 1.00 21.38 ? 105 LYS A CG    1 
ATOM   762  C CD    . LYS A 1 105 ? 5.741   6.920   -16.358 1.00 20.76 ? 105 LYS A CD    1 
ATOM   763  C CE    . LYS A 1 105 ? 4.326   6.665   -16.900 1.00 19.99 ? 105 LYS A CE    1 
ATOM   764  N NZ    . LYS A 1 105 ? 4.311   6.572   -18.400 1.00 22.95 ? 105 LYS A NZ    1 
ATOM   765  N N     . LYS A 1 106 ? 7.580   2.714   -13.387 1.00 17.55 ? 106 LYS A N     1 
ATOM   766  C CA    . LYS A 1 106 ? 7.318   2.115   -12.089 1.00 16.65 ? 106 LYS A CA    1 
ATOM   767  C C     . LYS A 1 106 ? 6.594   3.127   -11.182 1.00 15.67 ? 106 LYS A C     1 
ATOM   768  O O     . LYS A 1 106 ? 6.274   4.233   -11.603 1.00 16.45 ? 106 LYS A O     1 
ATOM   769  C CB    . LYS A 1 106 ? 8.594   1.528   -11.478 1.00 17.23 ? 106 LYS A CB    1 
ATOM   770  C CG    . LYS A 1 106 ? 9.046   0.247   -12.216 1.00 18.44 ? 106 LYS A CG    1 
ATOM   771  C CD    . LYS A 1 106 ? 10.053  -0.516  -11.416 1.00 20.51 ? 106 LYS A CD    1 
ATOM   772  C CE    . LYS A 1 106 ? 10.585  -1.701  -12.169 1.00 21.05 ? 106 LYS A CE    1 
ATOM   773  N NZ    . LYS A 1 106 ? 11.521  -2.456  -11.351 1.00 24.22 ? 106 LYS A NZ    1 
ATOM   774  N N     . ILE A 1 107 ? 6.262   2.693   -9.977  1.00 14.02 ? 107 ILE A N     1 
ATOM   775  C CA    . ILE A 1 107 ? 5.320   3.376   -9.128  1.00 13.46 ? 107 ILE A CA    1 
ATOM   776  C C     . ILE A 1 107 ? 6.110   4.033   -7.996  1.00 12.41 ? 107 ILE A C     1 
ATOM   777  O O     . ILE A 1 107 ? 6.874   3.374   -7.340  1.00 12.58 ? 107 ILE A O     1 
ATOM   778  C CB    . ILE A 1 107 ? 4.305   2.345   -8.533  1.00 12.09 ? 107 ILE A CB    1 
ATOM   779  C CG1   . ILE A 1 107 ? 3.558   1.628   -9.671  1.00 12.96 ? 107 ILE A CG1   1 
ATOM   780  C CG2   . ILE A 1 107 ? 3.299   3.028   -7.604  1.00 12.46 ? 107 ILE A CG2   1 
ATOM   781  C CD1   . ILE A 1 107 ? 2.522   0.682   -9.190  1.00 12.08 ? 107 ILE A CD1   1 
ATOM   782  N N     . ASP A 1 108 ? 5.918   5.324   -7.769  1.00 12.99 ? 108 ASP A N     1 
ATOM   783  C CA    . ASP A 1 108 ? 6.708   6.035   -6.769  1.00 12.41 ? 108 ASP A CA    1 
ATOM   784  C C     . ASP A 1 108 ? 6.315   5.840   -5.310  1.00 12.84 ? 108 ASP A C     1 
ATOM   785  O O     . ASP A 1 108 ? 7.174   5.909   -4.416  1.00 13.19 ? 108 ASP A O     1 
ATOM   786  C CB    . ASP A 1 108 ? 6.700   7.523   -7.096  1.00 13.65 ? 108 ASP A CB    1 
ATOM   787  C CG    . ASP A 1 108 ? 7.229   7.796   -8.471  1.00 15.06 ? 108 ASP A CG    1 
ATOM   788  O OD1   . ASP A 1 108 ? 8.440   7.628   -8.660  1.00 20.57 ? 108 ASP A OD1   1 
ATOM   789  O OD2   . ASP A 1 108 ? 6.430   8.108   -9.381  1.00 15.08 ? 108 ASP A OD2   1 
ATOM   790  N N     . ILE A 1 109 ? 5.021   5.655   -5.074  1.00 11.65 ? 109 ILE A N     1 
ATOM   791  C CA    . ILE A 1 109 ? 4.490   5.515   -3.738  1.00 12.65 ? 109 ILE A CA    1 
ATOM   792  C C     . ILE A 1 109 ? 3.497   4.380   -3.753  1.00 11.91 ? 109 ILE A C     1 
ATOM   793  O O     . ILE A 1 109 ? 2.526   4.398   -4.533  1.00 12.61 ? 109 ILE A O     1 
ATOM   794  C CB    . ILE A 1 109 ? 3.788   6.814   -3.251  1.00 12.68 ? 109 ILE A CB    1 
ATOM   795  C CG1   . ILE A 1 109 ? 4.734   8.010   -3.356  1.00 13.18 ? 109 ILE A CG1   1 
ATOM   796  C CG2   . ILE A 1 109 ? 3.271   6.625   -1.841  1.00 13.97 ? 109 ILE A CG2   1 
ATOM   797  C CD1   . ILE A 1 109 ? 4.009   9.390   -3.273  1.00 14.96 ? 109 ILE A CD1   1 
ATOM   798  N N     . ILE A 1 110 ? 3.778   3.368   -2.944  1.00 11.21 ? 110 ILE A N     1 
ATOM   799  C CA    . ILE A 1 110 ? 2.856   2.248   -2.834  1.00 11.50 ? 110 ILE A CA    1 
ATOM   800  C C     . ILE A 1 110 ? 2.379   2.188   -1.392  1.00 11.45 ? 110 ILE A C     1 
ATOM   801  O O     . ILE A 1 110 ? 3.176   2.040   -0.477  1.00 11.72 ? 110 ILE A O     1 
ATOM   802  C CB    . ILE A 1 110 ? 3.503   0.929   -3.286  1.00 12.16 ? 110 ILE A CB    1 
ATOM   803  C CG1   . ILE A 1 110 ? 3.821   0.979   -4.786  1.00 12.70 ? 110 ILE A CG1   1 
ATOM   804  C CG2   . ILE A 1 110 ? 2.553   -0.258  -3.007  1.00 12.44 ? 110 ILE A CG2   1 
ATOM   805  C CD1   . ILE A 1 110 ? 4.631   -0.271  -5.262  1.00 12.13 ? 110 ILE A CD1   1 
ATOM   806  N N     . LEU A 1 111 ? 1.073   2.321   -1.231  1.00 11.43 ? 111 LEU A N     1 
ATOM   807  C CA    . LEU A 1 111 ? 0.420   2.320   0.076   1.00 12.61 ? 111 LEU A CA    1 
ATOM   808  C C     . LEU A 1 111 ? -0.478  1.092   0.177   1.00 12.43 ? 111 LEU A C     1 
ATOM   809  O O     . LEU A 1 111 ? -1.137  0.711   -0.790  1.00 13.60 ? 111 LEU A O     1 
ATOM   810  C CB    . LEU A 1 111 ? -0.453  3.570   0.250   1.00 13.28 ? 111 LEU A CB    1 
ATOM   811  C CG    . LEU A 1 111 ? 0.200   4.928   -0.066  1.00 13.06 ? 111 LEU A CG    1 
ATOM   812  C CD1   . LEU A 1 111 ? -0.803  6.089   -0.067  1.00 14.28 ? 111 LEU A CD1   1 
ATOM   813  C CD2   . LEU A 1 111 ? 1.345   5.233   0.904   1.00 12.41 ? 111 LEU A CD2   1 
ATOM   814  N N     . SER A 1 112 ? -0.515  0.490   1.353   1.00 12.74 ? 112 SER A N     1 
ATOM   815  C CA    . SER A 1 112 ? -1.472  -0.566  1.602   1.00 12.94 ? 112 SER A CA    1 
ATOM   816  C C     . SER A 1 112 ? -2.159  -0.390  2.943   1.00 13.61 ? 112 SER A C     1 
ATOM   817  O O     . SER A 1 112 ? -1.514  -0.386  3.996   1.00 13.60 ? 112 SER A O     1 
ATOM   818  C CB    . SER A 1 112 ? -0.815  -1.945  1.527   1.00 14.19 ? 112 SER A CB    1 
ATOM   819  O OG    . SER A 1 112 ? -1.718  -2.913  1.994   1.00 14.95 ? 112 SER A OG    1 
ATOM   820  N N     . ASP A 1 113 ? -3.476  -0.254  2.871   1.00 13.87 ? 113 ASP A N     1 
ATOM   821  C CA    . ASP A 1 113 ? -4.342  -0.296  4.046   1.00 15.33 ? 113 ASP A CA    1 
ATOM   822  C C     . ASP A 1 113 ? -5.113  -1.623  4.066   1.00 15.58 ? 113 ASP A C     1 
ATOM   823  O O     . ASP A 1 113 ? -6.130  -1.743  4.764   1.00 15.91 ? 113 ASP A O     1 
ATOM   824  C CB    . ASP A 1 113 ? -5.324  0.886   4.005   1.00 15.61 ? 113 ASP A CB    1 
ATOM   825  C CG    . ASP A 1 113 ? -5.997  1.146   5.346   1.00 16.72 ? 113 ASP A CG    1 
ATOM   826  O OD1   . ASP A 1 113 ? -5.320  0.964   6.388   1.00 18.73 ? 113 ASP A OD1   1 
ATOM   827  O OD2   . ASP A 1 113 ? -7.192  1.549   5.338   1.00 20.39 ? 113 ASP A OD2   1 
ATOM   828  N N     . ALA A 1 114 ? -4.634  -2.633  3.330   1.00 16.31 ? 114 ALA A N     1 
ATOM   829  C CA    . ALA A 1 114 ? -5.326  -3.933  3.269   1.00 17.64 ? 114 ALA A CA    1 
ATOM   830  C C     . ALA A 1 114 ? -5.209  -4.691  4.597   1.00 18.07 ? 114 ALA A C     1 
ATOM   831  O O     . ALA A 1 114 ? -4.253  -4.512  5.341   1.00 17.65 ? 114 ALA A O     1 
ATOM   832  C CB    . ALA A 1 114 ? -4.760  -4.806  2.133   1.00 17.02 ? 114 ALA A CB    1 
ATOM   833  N N     . ALA A 1 115 ? -6.200  -5.534  4.873   1.00 20.43 ? 115 ALA A N     1 
ATOM   834  C CA    . ALA A 1 115 ? -6.165  -6.409  6.045   1.00 22.17 ? 115 ALA A CA    1 
ATOM   835  C C     . ALA A 1 115 ? -6.945  -7.688  5.743   1.00 24.67 ? 115 ALA A C     1 
ATOM   836  O O     . ALA A 1 115 ? -7.818  -7.695  4.884   1.00 25.17 ? 115 ALA A O     1 
ATOM   837  C CB    . ALA A 1 115 ? -6.729  -5.689  7.282   1.00 22.57 ? 115 ALA A CB    1 
ATOM   838  N N     . VAL A 1 116 ? -6.577  -8.773  6.412   1.00 26.54 ? 116 VAL A N     1 
ATOM   839  C CA    . VAL A 1 116 ? -7.283  -10.043 6.261   1.00 29.20 ? 116 VAL A CA    1 
ATOM   840  C C     . VAL A 1 116 ? -8.320  -10.139 7.380   1.00 29.66 ? 116 VAL A C     1 
ATOM   841  O O     . VAL A 1 116 ? -8.046  -9.693  8.488   1.00 29.70 ? 116 VAL A O     1 
ATOM   842  C CB    . VAL A 1 116 ? -6.307  -11.249 6.260   1.00 29.09 ? 116 VAL A CB    1 
ATOM   843  C CG1   . VAL A 1 116 ? -5.880  -11.574 4.837   1.00 31.34 ? 116 VAL A CG1   1 
ATOM   844  C CG2   . VAL A 1 116 ? -5.067  -10.972 7.106   1.00 31.25 ? 116 VAL A CG2   1 
ATOM   845  N N     . PRO A 1 117 ? -9.521  -10.694 7.090   1.00 31.05 ? 117 PRO A N     1 
ATOM   846  C CA    . PRO A 1 117 ? -10.546 -10.883 8.140   1.00 31.76 ? 117 PRO A CA    1 
ATOM   847  C C     . PRO A 1 117 ? -10.004 -11.618 9.362   1.00 31.08 ? 117 PRO A C     1 
ATOM   848  O O     . PRO A 1 117 ? -9.281  -12.604 9.211   1.00 31.98 ? 117 PRO A O     1 
ATOM   849  C CB    . PRO A 1 117 ? -11.606 -11.752 7.450   1.00 31.83 ? 117 PRO A CB    1 
ATOM   850  C CG    . PRO A 1 117 ? -11.454 -11.420 5.983   1.00 32.54 ? 117 PRO A CG    1 
ATOM   851  C CD    . PRO A 1 117 ? -9.986  -11.170 5.770   1.00 31.49 ? 117 PRO A CD    1 
ATOM   852  N N     . CYS A 1 118 ? -10.342 -11.132 10.554  1.00 31.76 ? 118 CYS A N     1 
ATOM   853  C CA    . CYS A 1 118 ? -9.924  -11.775 11.803  1.00 32.40 ? 118 CYS A CA    1 
ATOM   854  C C     . CYS A 1 118 ? -10.752 -12.996 12.176  1.00 32.55 ? 118 CYS A C     1 
ATOM   855  O O     . CYS A 1 118 ? -11.984 -12.938 12.158  1.00 32.97 ? 118 CYS A O     1 
ATOM   856  C CB    . CYS A 1 118 ? -9.950  -10.775 12.953  1.00 32.53 ? 118 CYS A CB    1 
ATOM   857  S SG    . CYS A 1 118 ? -8.440  -9.801  13.021  1.00 35.62 ? 118 CYS A SG    1 
ATOM   858  N N     . ILE A 1 119 ? -10.074 -14.090 12.528  1.00 32.41 ? 119 ILE A N     1 
ATOM   859  C CA    . ILE A 1 119 ? -10.768 -15.319 12.966  1.00 32.22 ? 119 ILE A CA    1 
ATOM   860  C C     . ILE A 1 119 ? -10.984 -15.379 14.485  1.00 31.91 ? 119 ILE A C     1 
ATOM   861  O O     . ILE A 1 119 ? -11.625 -16.304 15.009  1.00 32.91 ? 119 ILE A O     1 
ATOM   862  C CB    . ILE A 1 119 ? -10.064 -16.599 12.456  1.00 32.31 ? 119 ILE A CB    1 
ATOM   863  C CG1   . ILE A 1 119 ? -8.783  -16.888 13.264  1.00 32.12 ? 119 ILE A CG1   1 
ATOM   864  C CG2   . ILE A 1 119 ? -9.795  -16.498 10.963  1.00 31.43 ? 119 ILE A CG2   1 
ATOM   865  C CD1   . ILE A 1 119 ? -8.071  -18.188 12.862  1.00 31.97 ? 119 ILE A CD1   1 
ATOM   866  N N     . GLY A 1 120 ? -10.472 -14.379 15.192  1.00 31.51 ? 120 GLY A N     1 
ATOM   867  C CA    . GLY A 1 120 ? -10.539 -14.381 16.645  1.00 30.46 ? 120 GLY A CA    1 
ATOM   868  C C     . GLY A 1 120 ? -9.689  -15.507 17.204  1.00 29.39 ? 120 GLY A C     1 
ATOM   869  O O     . GLY A 1 120 ? -10.179 -16.368 17.941  1.00 29.81 ? 120 GLY A O     1 
ATOM   870  N N     . ASN A 1 121 ? -8.438  -15.553 16.765  1.00 27.32 ? 121 ASN A N     1 
ATOM   871  C CA    . ASN A 1 121 ? -7.357  -16.196 17.492  1.00 25.64 ? 121 ASN A CA    1 
ATOM   872  C C     . ASN A 1 121 ? -6.154  -15.339 17.177  1.00 25.26 ? 121 ASN A C     1 
ATOM   873  O O     . ASN A 1 121 ? -5.639  -15.386 16.054  1.00 24.53 ? 121 ASN A O     1 
ATOM   874  C CB    . ASN A 1 121 ? -7.077  -17.622 17.039  1.00 25.35 ? 121 ASN A CB    1 
ATOM   875  C CG    . ASN A 1 121 ? -6.017  -18.299 17.908  1.00 25.85 ? 121 ASN A CG    1 
ATOM   876  O OD1   . ASN A 1 121 ? -5.973  -18.096 19.133  1.00 26.61 ? 121 ASN A OD1   1 
ATOM   877  N ND2   . ASN A 1 121 ? -5.157  -19.091 17.284  1.00 24.68 ? 121 ASN A ND2   1 
ATOM   878  N N     . LYS A 1 122 ? -5.739  -14.541 18.157  1.00 24.14 ? 122 LYS A N     1 
ATOM   879  C CA    . LYS A 1 122 ? -4.762  -13.470 17.932  1.00 23.86 ? 122 LYS A CA    1 
ATOM   880  C C     . LYS A 1 122 ? -3.534  -13.931 17.138  1.00 22.25 ? 122 LYS A C     1 
ATOM   881  O O     . LYS A 1 122 ? -3.180  -13.315 16.126  1.00 20.27 ? 122 LYS A O     1 
ATOM   882  C CB    . LYS A 1 122 ? -4.334  -12.846 19.267  1.00 23.89 ? 122 LYS A CB    1 
ATOM   883  C CG    . LYS A 1 122 ? -3.254  -11.768 19.140  1.00 25.68 ? 122 LYS A CG    1 
ATOM   884  C CD    . LYS A 1 122 ? -2.961  -11.032 20.436  1.00 26.81 ? 122 LYS A CD    1 
ATOM   885  C CE    . LYS A 1 122 ? -1.816  -10.044 20.203  1.00 29.14 ? 122 LYS A CE    1 
ATOM   886  N NZ    . LYS A 1 122 ? -2.122  -8.664  20.681  1.00 31.73 ? 122 LYS A NZ    1 
ATOM   887  N N     . ILE A 1 123 ? -2.902  -15.019 17.578  1.00 21.13 ? 123 ILE A N     1 
ATOM   888  C CA    . ILE A 1 123 ? -1.653  -15.446 16.936  1.00 21.44 ? 123 ILE A CA    1 
ATOM   889  C C     . ILE A 1 123 ? -1.881  -15.856 15.488  1.00 20.50 ? 123 ILE A C     1 
ATOM   890  O O     . ILE A 1 123 ? -1.075  -15.520 14.627  1.00 20.34 ? 123 ILE A O     1 
ATOM   891  C CB    . ILE A 1 123 ? -0.897  -16.571 17.718  1.00 21.37 ? 123 ILE A CB    1 
ATOM   892  C CG1   . ILE A 1 123 ? 0.532   -16.751 17.186  1.00 21.16 ? 123 ILE A CG1   1 
ATOM   893  C CG2   . ILE A 1 123 ? -1.620  -17.910 17.668  1.00 23.72 ? 123 ILE A CG2   1 
ATOM   894  C CD1   . ILE A 1 123 ? 1.444   -15.565 17.465  1.00 22.15 ? 123 ILE A CD1   1 
ATOM   895  N N     . ASP A 1 124 ? -2.959  -16.587 15.218  1.00 20.17 ? 124 ASP A N     1 
ATOM   896  C CA    . ASP A 1 124 ? -3.280  -16.976 13.838  1.00 20.96 ? 124 ASP A CA    1 
ATOM   897  C C     . ASP A 1 124 ? -3.535  -15.739 12.975  1.00 20.41 ? 124 ASP A C     1 
ATOM   898  O O     . ASP A 1 124 ? -3.094  -15.669 11.831  1.00 21.26 ? 124 ASP A O     1 
ATOM   899  C CB    . ASP A 1 124 ? -4.530  -17.857 13.808  1.00 21.11 ? 124 ASP A CB    1 
ATOM   900  C CG    . ASP A 1 124 ? -4.230  -19.331 13.962  1.00 24.21 ? 124 ASP A CG    1 
ATOM   901  O OD1   . ASP A 1 124 ? -3.236  -19.822 13.380  1.00 29.57 ? 124 ASP A OD1   1 
ATOM   902  O OD2   . ASP A 1 124 ? -5.021  -20.007 14.641  1.00 23.27 ? 124 ASP A OD2   1 
ATOM   903  N N     . ASP A 1 125 ? -4.264  -14.773 13.529  1.00 20.19 ? 125 ASP A N     1 
ATOM   904  C CA    . ASP A 1 125 ? -4.583  -13.551 12.803  1.00 20.12 ? 125 ASP A CA    1 
ATOM   905  C C     . ASP A 1 125 ? -3.303  -12.767 12.486  1.00 19.39 ? 125 ASP A C     1 
ATOM   906  O O     . ASP A 1 125 ? -3.184  -12.178 11.415  1.00 20.00 ? 125 ASP A O     1 
ATOM   907  C CB    . ASP A 1 125 ? -5.560  -12.676 13.604  1.00 20.43 ? 125 ASP A CB    1 
ATOM   908  C CG    . ASP A 1 125 ? -6.970  -13.263 13.632  1.00 22.30 ? 125 ASP A CG    1 
ATOM   909  O OD1   . ASP A 1 125 ? -7.313  -14.045 12.730  1.00 24.52 ? 125 ASP A OD1   1 
ATOM   910  O OD2   . ASP A 1 125 ? -7.720  -12.933 14.570  1.00 25.31 ? 125 ASP A OD2   1 
ATOM   911  N N     . HIS A 1 126 ? -2.352  -12.785 13.416  1.00 17.52 ? 126 HIS A N     1 
ATOM   912  C CA    . HIS A 1 126 ? -1.055  -12.144 13.168  1.00 17.53 ? 126 HIS A CA    1 
ATOM   913  C C     . HIS A 1 126 ? -0.322  -12.862 12.040  1.00 17.03 ? 126 HIS A C     1 
ATOM   914  O O     . HIS A 1 126 ? 0.182   -12.211 11.117  1.00 16.34 ? 126 HIS A O     1 
ATOM   915  C CB    . HIS A 1 126 ? -0.204  -12.110 14.434  1.00 17.72 ? 126 HIS A CB    1 
ATOM   916  C CG    . HIS A 1 126 ? 1.193   -11.617 14.203  1.00 18.51 ? 126 HIS A CG    1 
ATOM   917  N ND1   . HIS A 1 126 ? 1.462   -10.319 13.818  1.00 16.98 ? 126 HIS A ND1   1 
ATOM   918  C CD2   . HIS A 1 126 ? 2.383   -12.261 14.233  1.00 18.69 ? 126 HIS A CD2   1 
ATOM   919  C CE1   . HIS A 1 126 ? 2.766   -10.178 13.650  1.00 18.13 ? 126 HIS A CE1   1 
ATOM   920  N NE2   . HIS A 1 126 ? 3.350   -11.337 13.906  1.00 19.69 ? 126 HIS A NE2   1 
ATOM   921  N N     . LEU A 1 127 ? -0.239  -14.190 12.104  1.00 16.19 ? 127 LEU A N     1 
ATOM   922  C CA    . LEU A 1 127 ? 0.425   -14.961 11.038  1.00 16.30 ? 127 LEU A CA    1 
ATOM   923  C C     . LEU A 1 127 ? -0.226  -14.730 9.673   1.00 16.56 ? 127 LEU A C     1 
ATOM   924  O O     . LEU A 1 127 ? 0.474   -14.583 8.640   1.00 16.05 ? 127 LEU A O     1 
ATOM   925  C CB    . LEU A 1 127 ? 0.458   -16.466 11.352  1.00 16.61 ? 127 LEU A CB    1 
ATOM   926  C CG    . LEU A 1 127 ? 1.373   -17.319 10.458  1.00 17.76 ? 127 LEU A CG    1 
ATOM   927  C CD1   . LEU A 1 127 ? 2.816   -16.873 10.693  1.00 17.61 ? 127 LEU A CD1   1 
ATOM   928  C CD2   . LEU A 1 127 ? 1.166   -18.815 10.755  1.00 17.12 ? 127 LEU A CD2   1 
ATOM   929  N N     . ASN A 1 128 ? -1.561  -14.699 9.652   1.00 16.60 ? 128 ASN A N     1 
ATOM   930  C CA    . ASN A 1 128 ? -2.281  -14.400 8.405   1.00 16.49 ? 128 ASN A CA    1 
ATOM   931  C C     . ASN A 1 128 ? -1.938  -13.016 7.895   1.00 16.19 ? 128 ASN A C     1 
ATOM   932  O O     . ASN A 1 128 ? -1.821  -12.811 6.689   1.00 15.52 ? 128 ASN A O     1 
ATOM   933  C CB    . ASN A 1 128 ? -3.797  -14.476 8.589   1.00 16.88 ? 128 ASN A CB    1 
ATOM   934  C CG    . ASN A 1 128 ? -4.285  -15.868 8.887   1.00 19.15 ? 128 ASN A CG    1 
ATOM   935  O OD1   . ASN A 1 128 ? -3.546  -16.838 8.754   1.00 23.01 ? 128 ASN A OD1   1 
ATOM   936  N ND2   . ASN A 1 128 ? -5.560  -15.972 9.289   1.00 22.04 ? 128 ASN A ND2   1 
ATOM   937  N N     . SER A 1 129 ? -1.855  -12.064 8.819   1.00 15.76 ? 129 SER A N     1 
ATOM   938  C CA    . SER A 1 129 ? -1.455  -10.697 8.494   1.00 16.06 ? 129 SER A CA    1 
ATOM   939  C C     . SER A 1 129 ? -0.045  -10.673 7.927   1.00 15.64 ? 129 SER A C     1 
ATOM   940  O O     . SER A 1 129 ? 0.240   -9.904  6.995   1.00 15.66 ? 129 SER A O     1 
ATOM   941  C CB    . SER A 1 129 ? -1.542  -9.801  9.736   1.00 15.80 ? 129 SER A CB    1 
ATOM   942  O OG    . SER A 1 129 ? -1.142  -8.453  9.477   1.00 19.31 ? 129 SER A OG    1 
ATOM   943  N N     . CYS A 1 130 ? 0.849   -11.457 8.520   1.00 14.65 ? 130 CYS A N     1 
ATOM   944  C CA    . CYS A 1 130 ? 2.224   -11.576 8.001   1.00 15.23 ? 130 CYS A CA    1 
ATOM   945  C C     . CYS A 1 130 ? 2.205   -12.078 6.563   1.00 15.32 ? 130 CYS A C     1 
ATOM   946  O O     . CYS A 1 130 ? 2.918   -11.569 5.691   1.00 14.74 ? 130 CYS A O     1 
ATOM   947  C CB    . CYS A 1 130 ? 3.019   -12.532 8.888   1.00 15.50 ? 130 CYS A CB    1 
ATOM   948  S SG    . CYS A 1 130 ? 3.427   -11.763 10.459  1.00 18.69 ? 130 CYS A SG    1 
ATOM   949  N N     . GLU A 1 131 ? 1.359   -13.077 6.320   1.00 15.39 ? 131 GLU A N     1 
ATOM   950  C CA    . GLU A 1 131 ? 1.276   -13.706 5.001   1.00 16.48 ? 131 GLU A CA    1 
ATOM   951  C C     . GLU A 1 131 ? 0.829   -12.676 3.963   1.00 15.01 ? 131 GLU A C     1 
ATOM   952  O O     . GLU A 1 131 ? 1.429   -12.578 2.900   1.00 15.79 ? 131 GLU A O     1 
ATOM   953  C CB    . GLU A 1 131 ? 0.327   -14.915 5.002   1.00 17.29 ? 131 GLU A CB    1 
ATOM   954  C CG    . GLU A 1 131 ? 0.222   -15.541 3.597   1.00 20.08 ? 131 GLU A CG    1 
ATOM   955  C CD    . GLU A 1 131 ? -0.690  -16.780 3.520   1.00 21.37 ? 131 GLU A CD    1 
ATOM   956  O OE1   . GLU A 1 131 ? -1.799  -16.756 4.103   1.00 25.57 ? 131 GLU A OE1   1 
ATOM   957  O OE2   . GLU A 1 131 ? -0.289  -17.753 2.834   1.00 29.81 ? 131 GLU A OE2   1 
ATOM   958  N N     . LEU A 1 132 ? -0.191  -11.886 4.309   1.00 14.82 ? 132 LEU A N     1 
ATOM   959  C CA    . LEU A 1 132 ? -0.694  -10.839 3.426   1.00 13.51 ? 132 LEU A CA    1 
ATOM   960  C C     . LEU A 1 132 ? 0.385   -9.788  3.205   1.00 13.35 ? 132 LEU A C     1 
ATOM   961  O O     . LEU A 1 132 ? 0.585   -9.323  2.077   1.00 12.90 ? 132 LEU A O     1 
ATOM   962  C CB    . LEU A 1 132 ? -1.957  -10.194 4.004   1.00 13.14 ? 132 LEU A CB    1 
ATOM   963  C CG    . LEU A 1 132 ? -2.530  -9.021  3.184   1.00 14.64 ? 132 LEU A CG    1 
ATOM   964  C CD1   . LEU A 1 132 ? -2.781  -9.440  1.731   1.00 16.43 ? 132 LEU A CD1   1 
ATOM   965  C CD2   . LEU A 1 132 ? -3.802  -8.542  3.821   1.00 13.88 ? 132 LEU A CD2   1 
ATOM   966  N N     . THR A 1 133 ? 1.070   -9.413  4.280   1.00 13.05 ? 133 THR A N     1 
ATOM   967  C CA    . THR A 1 133 ? 2.130   -8.413  4.191   1.00 12.59 ? 133 THR A CA    1 
ATOM   968  C C     . THR A 1 133 ? 3.259   -8.885  3.255   1.00 13.07 ? 133 THR A C     1 
ATOM   969  O O     . THR A 1 133 ? 3.790   -8.125  2.456   1.00 12.77 ? 133 THR A O     1 
ATOM   970  C CB    . THR A 1 133 ? 2.663   -8.077  5.592   1.00 14.04 ? 133 THR A CB    1 
ATOM   971  O OG1   . THR A 1 133 ? 1.594   -7.478  6.340   1.00 16.45 ? 133 THR A OG1   1 
ATOM   972  C CG2   . THR A 1 133 ? 3.809   -7.079  5.482   1.00 15.74 ? 133 THR A CG2   1 
ATOM   973  N N     . LEU A 1 134 ? 3.604   -10.160 3.365   1.00 11.73 ? 134 LEU A N     1 
ATOM   974  C CA    . LEU A 1 134 ? 4.612   -10.734 2.487   1.00 11.90 ? 134 LEU A CA    1 
ATOM   975  C C     . LEU A 1 134 ? 4.127   -10.718 1.027   1.00 12.19 ? 134 LEU A C     1 
ATOM   976  O O     . LEU A 1 134 ? 4.912   -10.379 0.159   1.00 12.41 ? 134 LEU A O     1 
ATOM   977  C CB    . LEU A 1 134 ? 5.004   -12.147 2.952   1.00 12.09 ? 134 LEU A CB    1 
ATOM   978  C CG    . LEU A 1 134 ? 5.864   -12.149 4.219   1.00 13.07 ? 134 LEU A CG    1 
ATOM   979  C CD1   . LEU A 1 134 ? 5.964   -13.567 4.800   1.00 15.79 ? 134 LEU A CD1   1 
ATOM   980  C CD2   . LEU A 1 134 ? 7.257   -11.580 3.906   1.00 15.26 ? 134 LEU A CD2   1 
ATOM   981  N N     . SER A 1 135 ? 2.856   -11.060 0.767   1.00 12.78 ? 135 SER A N     1 
ATOM   982  C CA    . SER A 1 135 ? 2.299   -11.051 -0.595  1.00 14.37 ? 135 SER A CA    1 
ATOM   983  C C     . SER A 1 135 ? 2.358   -9.656  -1.197  1.00 13.89 ? 135 SER A C     1 
ATOM   984  O O     . SER A 1 135 ? 2.814   -9.477  -2.332  1.00 13.54 ? 135 SER A O     1 
ATOM   985  C CB    . SER A 1 135 ? 0.848   -11.579 -0.641  1.00 14.56 ? 135 SER A CB    1 
ATOM   986  O OG    . SER A 1 135 ? 0.848   -12.965 -0.331  1.00 16.94 ? 135 SER A OG    1 
ATOM   987  N N     . ILE A 1 136 ? 1.935   -8.668  -0.408  1.00 13.79 ? 136 ILE A N     1 
ATOM   988  C CA    . ILE A 1 136 ? 1.927   -7.294  -0.880  1.00 14.15 ? 136 ILE A CA    1 
ATOM   989  C C     . ILE A 1 136 ? 3.361   -6.816  -1.086  1.00 13.41 ? 136 ILE A C     1 
ATOM   990  O O     . ILE A 1 136 ? 3.649   -6.156  -2.076  1.00 13.69 ? 136 ILE A O     1 
ATOM   991  C CB    . ILE A 1 136 ? 1.173   -6.363  0.094   1.00 13.54 ? 136 ILE A CB    1 
ATOM   992  C CG1   . ILE A 1 136 ? -0.323  -6.701  0.090   1.00 15.60 ? 136 ILE A CG1   1 
ATOM   993  C CG2   . ILE A 1 136 ? 1.328   -4.907  -0.359  1.00 12.60 ? 136 ILE A CG2   1 
ATOM   994  C CD1   . ILE A 1 136 ? -1.067  -6.105  1.279   1.00 17.96 ? 136 ILE A CD1   1 
ATOM   995  N N     . THR A 1 137 ? 4.271   -7.169  -0.173  1.00 12.90 ? 137 THR A N     1 
ATOM   996  C CA    . THR A 1 137 ? 5.699   -6.812  -0.316  1.00 13.02 ? 137 THR A CA    1 
ATOM   997  C C     . THR A 1 137 ? 6.355   -7.406  -1.589  1.00 13.17 ? 137 THR A C     1 
ATOM   998  O O     . THR A 1 137 ? 7.060   -6.722  -2.315  1.00 12.92 ? 137 THR A O     1 
ATOM   999  C CB    . THR A 1 137 ? 6.462   -7.205  0.961   1.00 13.71 ? 137 THR A CB    1 
ATOM   1000 O OG1   . THR A 1 137 ? 5.856   -6.522  2.075   1.00 13.58 ? 137 THR A OG1   1 
ATOM   1001 C CG2   . THR A 1 137 ? 7.986   -6.879  0.861   1.00 13.22 ? 137 THR A CG2   1 
ATOM   1002 N N     . HIS A 1 138 ? 6.038   -8.668  -1.875  1.00 12.16 ? 138 HIS A N     1 
ATOM   1003 C CA    . HIS A 1 138 ? 6.528   -9.324  -3.081  1.00 13.43 ? 138 HIS A CA    1 
ATOM   1004 C C     . HIS A 1 138 ? 6.051   -8.611  -4.342  1.00 13.21 ? 138 HIS A C     1 
ATOM   1005 O O     . HIS A 1 138 ? 6.815   -8.443  -5.286  1.00 13.44 ? 138 HIS A O     1 
ATOM   1006 C CB    . HIS A 1 138 ? 6.058   -10.775 -3.081  1.00 13.41 ? 138 HIS A CB    1 
ATOM   1007 C CG    . HIS A 1 138 ? 6.587   -11.564 -4.231  1.00 16.45 ? 138 HIS A CG    1 
ATOM   1008 N ND1   . HIS A 1 138 ? 7.866   -12.079 -4.255  1.00 21.47 ? 138 HIS A ND1   1 
ATOM   1009 C CD2   . HIS A 1 138 ? 6.016   -11.903 -5.411  1.00 16.20 ? 138 HIS A CD2   1 
ATOM   1010 C CE1   . HIS A 1 138 ? 8.059   -12.709 -5.402  1.00 20.72 ? 138 HIS A CE1   1 
ATOM   1011 N NE2   . HIS A 1 138 ? 6.953   -12.615 -6.119  1.00 19.05 ? 138 HIS A NE2   1 
ATOM   1012 N N     . PHE A 1 139 ? 4.778   -8.211  -4.352  1.00 12.50 ? 139 PHE A N     1 
ATOM   1013 C CA    . PHE A 1 139 ? 4.204   -7.477  -5.462  1.00 12.53 ? 139 PHE A CA    1 
ATOM   1014 C C     . PHE A 1 139 ? 4.865   -6.076  -5.554  1.00 12.90 ? 139 PHE A C     1 
ATOM   1015 O O     . PHE A 1 139 ? 5.277   -5.612  -6.637  1.00 12.12 ? 139 PHE A O     1 
ATOM   1016 C CB    . PHE A 1 139 ? 2.689   -7.404  -5.272  1.00 14.04 ? 139 PHE A CB    1 
ATOM   1017 C CG    . PHE A 1 139 ? 2.028   -6.361  -6.106  1.00 13.10 ? 139 PHE A CG    1 
ATOM   1018 C CD1   . PHE A 1 139 ? 1.706   -6.622  -7.421  1.00 15.19 ? 139 PHE A CD1   1 
ATOM   1019 C CD2   . PHE A 1 139 ? 1.789   -5.091  -5.586  1.00 15.96 ? 139 PHE A CD2   1 
ATOM   1020 C CE1   . PHE A 1 139 ? 1.101   -5.663  -8.205  1.00 15.79 ? 139 PHE A CE1   1 
ATOM   1021 C CE2   . PHE A 1 139 ? 1.181   -4.103  -6.367  1.00 20.21 ? 139 PHE A CE2   1 
ATOM   1022 C CZ    . PHE A 1 139 ? 0.837   -4.393  -7.675  1.00 17.87 ? 139 PHE A CZ    1 
ATOM   1023 N N     . MET A 1 140 ? 5.007   -5.425  -4.403  1.00 13.66 ? 140 MET A N     1 
ATOM   1024 C CA    . MET A 1 140 ? 5.636   -4.083  -4.316  1.00 14.01 ? 140 MET A CA    1 
ATOM   1025 C C     . MET A 1 140 ? 7.027   -4.056  -4.963  1.00 14.69 ? 140 MET A C     1 
ATOM   1026 O O     . MET A 1 140 ? 7.358   -3.155  -5.760  1.00 13.79 ? 140 MET A O     1 
ATOM   1027 C CB    . MET A 1 140 ? 5.687   -3.630  -2.829  1.00 14.48 ? 140 MET A CB    1 
ATOM   1028 C CG    . MET A 1 140 ? 6.573   -2.339  -2.581  1.00 15.10 ? 140 MET A CG    1 
ATOM   1029 S SD    . MET A 1 140 ? 8.290   -2.579  -2.546  1.00 18.77 ? 140 MET A SD    1 
ATOM   1030 C CE    . MET A 1 140 ? 8.493   -3.629  -1.113  1.00 17.67 ? 140 MET A CE    1 
ATOM   1031 N N     . GLU A 1 141 ? 7.841   -5.055  -4.640  1.00 14.87 ? 141 GLU A N     1 
ATOM   1032 C CA    . GLU A 1 141 ? 9.189   -5.135  -5.167  1.00 16.03 ? 141 GLU A CA    1 
ATOM   1033 C C     . GLU A 1 141 ? 9.250   -5.095  -6.684  1.00 15.41 ? 141 GLU A C     1 
ATOM   1034 O O     . GLU A 1 141 ? 10.238  -4.616  -7.259  1.00 16.14 ? 141 GLU A O     1 
ATOM   1035 C CB    . GLU A 1 141 ? 9.830   -6.437  -4.727  1.00 16.63 ? 141 GLU A CB    1 
ATOM   1036 C CG    . GLU A 1 141 ? 10.543  -6.425  -3.409  1.00 23.65 ? 141 GLU A CG    1 
ATOM   1037 C CD    . GLU A 1 141 ? 11.593  -7.513  -3.407  1.00 29.17 ? 141 GLU A CD    1 
ATOM   1038 O OE1   . GLU A 1 141 ? 11.192  -8.689  -3.502  1.00 29.46 ? 141 GLU A OE1   1 
ATOM   1039 O OE2   . GLU A 1 141 ? 12.811  -7.192  -3.384  1.00 32.60 ? 141 GLU A OE2   1 
ATOM   1040 N N     . GLN A 1 142 ? 8.216   -5.637  -7.333  1.00 13.21 ? 142 GLN A N     1 
ATOM   1041 C CA    . GLN A 1 142 ? 8.163   -5.664  -8.798  1.00 13.14 ? 142 GLN A CA    1 
ATOM   1042 C C     . GLN A 1 142 ? 7.875   -4.307  -9.377  1.00 13.37 ? 142 GLN A C     1 
ATOM   1043 O O     . GLN A 1 142 ? 8.394   -3.985  -10.442 1.00 14.43 ? 142 GLN A O     1 
ATOM   1044 C CB    . GLN A 1 142 ? 7.090   -6.656  -9.271  1.00 12.54 ? 142 GLN A CB    1 
ATOM   1045 C CG    . GLN A 1 142 ? 7.352   -8.106  -8.800  1.00 12.52 ? 142 GLN A CG    1 
ATOM   1046 C CD    . GLN A 1 142 ? 6.140   -9.007  -9.013  1.00 12.16 ? 142 GLN A CD    1 
ATOM   1047 O OE1   . GLN A 1 142 ? 5.561   -9.040  -10.093 1.00 13.29 ? 142 GLN A OE1   1 
ATOM   1048 N NE2   . GLN A 1 142 ? 5.727   -9.696  -7.959  1.00 12.93 ? 142 GLN A NE2   1 
ATOM   1049 N N     . TYR A 1 143 ? 7.075   -3.509  -8.660  1.00 11.79 ? 143 TYR A N     1 
ATOM   1050 C CA    . TYR A 1 143 ? 6.488   -2.278  -9.239  1.00 12.11 ? 143 TYR A CA    1 
ATOM   1051 C C     . TYR A 1 143 ? 7.026   -0.969  -8.680  1.00 12.42 ? 143 TYR A C     1 
ATOM   1052 O O     . TYR A 1 143 ? 6.798   0.069   -9.274  1.00 13.50 ? 143 TYR A O     1 
ATOM   1053 C CB    . TYR A 1 143 ? 4.945   -2.304  -9.158  1.00 12.48 ? 143 TYR A CB    1 
ATOM   1054 C CG    . TYR A 1 143 ? 4.393   -3.306  -10.156 1.00 12.09 ? 143 TYR A CG    1 
ATOM   1055 C CD1   . TYR A 1 143 ? 4.257   -2.952  -11.489 1.00 13.70 ? 143 TYR A CD1   1 
ATOM   1056 C CD2   . TYR A 1 143 ? 4.057   -4.598  -9.755  1.00 11.44 ? 143 TYR A CD2   1 
ATOM   1057 C CE1   . TYR A 1 143 ? 3.794   -3.879  -12.443 1.00 14.38 ? 143 TYR A CE1   1 
ATOM   1058 C CE2   . TYR A 1 143 ? 3.587   -5.555  -10.713 1.00 13.18 ? 143 TYR A CE2   1 
ATOM   1059 C CZ    . TYR A 1 143 ? 3.463   -5.166  -12.035 1.00 13.68 ? 143 TYR A CZ    1 
ATOM   1060 O OH    . TYR A 1 143 ? 3.014   -6.051  -13.017 1.00 16.17 ? 143 TYR A OH    1 
ATOM   1061 N N     . ILE A 1 144 ? 7.753   -1.036  -7.575  1.00 12.82 ? 144 ILE A N     1 
ATOM   1062 C CA    . ILE A 1 144 ? 8.219   0.179   -6.916  1.00 13.13 ? 144 ILE A CA    1 
ATOM   1063 C C     . ILE A 1 144 ? 9.404   0.778   -7.690  1.00 13.02 ? 144 ILE A C     1 
ATOM   1064 O O     . ILE A 1 144 ? 10.296  0.052   -8.140  1.00 13.05 ? 144 ILE A O     1 
ATOM   1065 C CB    . ILE A 1 144 ? 8.604   -0.060  -5.430  1.00 13.23 ? 144 ILE A CB    1 
ATOM   1066 C CG1   . ILE A 1 144 ? 8.753   1.279   -4.692  1.00 16.39 ? 144 ILE A CG1   1 
ATOM   1067 C CG2   . ILE A 1 144 ? 9.859   -0.902  -5.285  1.00 14.42 ? 144 ILE A CG2   1 
ATOM   1068 C CD1   . ILE A 1 144 ? 7.496   1.853   -4.291  1.00 20.78 ? 144 ILE A CD1   1 
ATOM   1069 N N     . ASN A 1 145 ? 9.379   2.099   -7.831  1.00 13.24 ? 145 ASN A N     1 
ATOM   1070 C CA    . ASN A 1 145 ? 10.471  2.854   -8.433  1.00 13.94 ? 145 ASN A CA    1 
ATOM   1071 C C     . ASN A 1 145 ? 11.628  2.993   -7.455  1.00 13.19 ? 145 ASN A C     1 
ATOM   1072 O O     . ASN A 1 145 ? 11.425  3.029   -6.244  1.00 13.36 ? 145 ASN A O     1 
ATOM   1073 C CB    . ASN A 1 145 ? 9.986   4.252   -8.766  1.00 14.63 ? 145 ASN A CB    1 
ATOM   1074 C CG    . ASN A 1 145 ? 10.650  4.829   -9.977  1.00 18.96 ? 145 ASN A CG    1 
ATOM   1075 O OD1   . ASN A 1 145 ? 11.556  4.243   -10.573 1.00 22.56 ? 145 ASN A OD1   1 
ATOM   1076 N ND2   . ASN A 1 145 ? 10.212  6.026   -10.348 1.00 24.68 ? 145 ASN A ND2   1 
ATOM   1077 N N     . ILE A 1 146 ? 12.843  3.039   -7.979  1.00 14.46 ? 146 ILE A N     1 
ATOM   1078 C CA    . ILE A 1 146 ? 14.011  3.349   -7.156  1.00 14.61 ? 146 ILE A CA    1 
ATOM   1079 C C     . ILE A 1 146 ? 13.733  4.682   -6.504  1.00 14.05 ? 146 ILE A C     1 
ATOM   1080 O O     . ILE A 1 146 ? 13.216  5.609   -7.137  1.00 14.68 ? 146 ILE A O     1 
ATOM   1081 C CB    . ILE A 1 146 ? 15.282  3.436   -8.016  1.00 16.11 ? 146 ILE A CB    1 
ATOM   1082 C CG1   . ILE A 1 146 ? 15.646  2.059   -8.594  1.00 17.02 ? 146 ILE A CG1   1 
ATOM   1083 C CG2   . ILE A 1 146 ? 16.449  4.047   -7.212  1.00 17.64 ? 146 ILE A CG2   1 
ATOM   1084 C CD1   . ILE A 1 146 ? 15.959  1.016   -7.572  1.00 20.74 ? 146 ILE A CD1   1 
ATOM   1085 N N     . GLY A 1 147 ? 13.975  4.738   -5.203  1.00 13.14 ? 147 GLY A N     1 
ATOM   1086 C CA    . GLY A 1 147 ? 13.729  5.984   -4.466  1.00 13.05 ? 147 GLY A CA    1 
ATOM   1087 C C     . GLY A 1 147 ? 12.317  6.052   -3.920  1.00 12.64 ? 147 GLY A C     1 
ATOM   1088 O O     . GLY A 1 147 ? 11.959  6.996   -3.216  1.00 11.90 ? 147 GLY A O     1 
ATOM   1089 N N     . GLY A 1 148 ? 11.502  5.032   -4.238  1.00 11.94 ? 148 GLY A N     1 
ATOM   1090 C CA    . GLY A 1 148 ? 10.101  5.041   -3.892  1.00 11.15 ? 148 GLY A CA    1 
ATOM   1091 C C     . GLY A 1 148 ? 9.818   4.778   -2.400  1.00 11.94 ? 148 GLY A C     1 
ATOM   1092 O O     . GLY A 1 148 ? 10.697  4.289   -1.658  1.00 11.70 ? 148 GLY A O     1 
ATOM   1093 N N     . THR A 1 149 ? 8.599   5.145   -2.007  1.00 13.06 ? 149 THR A N     1 
ATOM   1094 C CA    . THR A 1 149 ? 8.059   4.973   -0.636  1.00 12.69 ? 149 THR A CA    1 
ATOM   1095 C C     . THR A 1 149 ? 7.032   3.847   -0.598  1.00 12.46 ? 149 THR A C     1 
ATOM   1096 O O     . THR A 1 149 ? 6.196   3.718   -1.479  1.00 12.09 ? 149 THR A O     1 
ATOM   1097 C CB    . THR A 1 149 ? 7.396   6.299   -0.132  1.00 13.69 ? 149 THR A CB    1 
ATOM   1098 O OG1   . THR A 1 149 ? 8.393   7.323   -0.064  1.00 16.14 ? 149 THR A OG1   1 
ATOM   1099 C CG2   . THR A 1 149 ? 6.743   6.154   1.248   1.00 14.59 ? 149 THR A CG2   1 
ATOM   1100 N N     . TYR A 1 150 ? 7.089   3.048   0.452   1.00 12.24 ? 150 TYR A N     1 
ATOM   1101 C CA    . TYR A 1 150 ? 6.156   1.935   0.608   1.00 11.57 ? 150 TYR A CA    1 
ATOM   1102 C C     . TYR A 1 150 ? 5.664   1.964   2.024   1.00 12.09 ? 150 TYR A C     1 
ATOM   1103 O O     . TYR A 1 150 ? 6.489   1.963   2.946   1.00 12.78 ? 150 TYR A O     1 
ATOM   1104 C CB    . TYR A 1 150 ? 6.915   0.645   0.356   1.00 11.75 ? 150 TYR A CB    1 
ATOM   1105 C CG    . TYR A 1 150 ? 6.177   -0.635  0.706   1.00 10.86 ? 150 TYR A CG    1 
ATOM   1106 C CD1   . TYR A 1 150 ? 4.867   -0.855  0.244   1.00 10.83 ? 150 TYR A CD1   1 
ATOM   1107 C CD2   . TYR A 1 150 ? 6.837   -1.669  1.374   1.00 11.76 ? 150 TYR A CD2   1 
ATOM   1108 C CE1   . TYR A 1 150 ? 4.186   -2.078  0.509   1.00 12.74 ? 150 TYR A CE1   1 
ATOM   1109 C CE2   . TYR A 1 150 ? 6.172   -2.893  1.644   1.00 12.69 ? 150 TYR A CE2   1 
ATOM   1110 C CZ    . TYR A 1 150 ? 4.862   -3.085  1.202   1.00 12.15 ? 150 TYR A CZ    1 
ATOM   1111 O OH    . TYR A 1 150 ? 4.196   -4.271  1.459   1.00 13.15 ? 150 TYR A OH    1 
ATOM   1112 N N     . ILE A 1 151 ? 4.345   2.004   2.197   1.00 12.45 ? 151 ILE A N     1 
ATOM   1113 C CA    . ILE A 1 151 ? 3.731   1.963   3.535   1.00 13.47 ? 151 ILE A CA    1 
ATOM   1114 C C     . ILE A 1 151 ? 2.717   0.839   3.587   1.00 13.47 ? 151 ILE A C     1 
ATOM   1115 O O     . ILE A 1 151 ? 1.841   0.731   2.739   1.00 14.93 ? 151 ILE A O     1 
ATOM   1116 C CB    . ILE A 1 151 ? 3.086   3.319   3.912   1.00 13.28 ? 151 ILE A CB    1 
ATOM   1117 C CG1   . ILE A 1 151 ? 4.149   4.406   3.795   1.00 14.83 ? 151 ILE A CG1   1 
ATOM   1118 C CG2   . ILE A 1 151 ? 2.549   3.216   5.337   1.00 16.28 ? 151 ILE A CG2   1 
ATOM   1119 C CD1   . ILE A 1 151 ? 3.648   5.795   4.140   1.00 19.22 ? 151 ILE A CD1   1 
ATOM   1120 N N     . VAL A 1 152 ? 2.862   -0.054  4.562   1.00 12.95 ? 152 VAL A N     1 
ATOM   1121 C CA    . VAL A 1 152 ? 1.979   -1.219  4.598   1.00 13.30 ? 152 VAL A CA    1 
ATOM   1122 C C     . VAL A 1 152 ? 1.485   -1.465  6.017   1.00 13.72 ? 152 VAL A C     1 
ATOM   1123 O O     . VAL A 1 152 ? 2.267   -1.444  6.975   1.00 14.53 ? 152 VAL A O     1 
ATOM   1124 C CB    . VAL A 1 152 ? 2.673   -2.475  4.003   1.00 13.05 ? 152 VAL A CB    1 
ATOM   1125 C CG1   . VAL A 1 152 ? 3.986   -2.802  4.731   1.00 13.25 ? 152 VAL A CG1   1 
ATOM   1126 C CG2   . VAL A 1 152 ? 1.721   -3.685  3.969   1.00 13.70 ? 152 VAL A CG2   1 
ATOM   1127 N N     . LYS A 1 153 ? 0.181   -1.689  6.129   1.00 14.40 ? 153 LYS A N     1 
ATOM   1128 C CA    . LYS A 1 153 ? -0.415  -2.014  7.431   1.00 15.07 ? 153 LYS A CA    1 
ATOM   1129 C C     . LYS A 1 153 ? -0.260  -3.497  7.785   1.00 16.45 ? 153 LYS A C     1 
ATOM   1130 O O     . LYS A 1 153 ? -0.282  -4.361  6.913   1.00 16.04 ? 153 LYS A O     1 
ATOM   1131 C CB    . LYS A 1 153 ? -1.894  -1.607  7.446   1.00 15.87 ? 153 LYS A CB    1 
ATOM   1132 C CG    . LYS A 1 153 ? -2.548  -1.670  8.828   1.00 13.26 ? 153 LYS A CG    1 
ATOM   1133 C CD    . LYS A 1 153 ? -3.988  -1.154  8.783   1.00 14.40 ? 153 LYS A CD    1 
ATOM   1134 C CE    . LYS A 1 153 ? -4.950  -1.948  7.945   1.00 12.78 ? 153 LYS A CE    1 
ATOM   1135 N NZ    . LYS A 1 153 ? -6.283  -1.262  7.892   1.00 15.98 ? 153 LYS A NZ    1 
ATOM   1136 N N     . MET A 1 154 ? -0.116  -3.786  9.077   1.00 17.67 ? 154 MET A N     1 
ATOM   1137 C CA    . MET A 1 154 ? -0.225  -5.179  9.524   1.00 19.33 ? 154 MET A CA    1 
ATOM   1138 C C     . MET A 1 154 ? -0.654  -5.212  10.978  1.00 20.05 ? 154 MET A C     1 
ATOM   1139 O O     . MET A 1 154 ? -0.535  -4.184  11.684  1.00 20.89 ? 154 MET A O     1 
ATOM   1140 C CB    . MET A 1 154 ? 1.098   -5.923  9.363   1.00 18.88 ? 154 MET A CB    1 
ATOM   1141 C CG    . MET A 1 154 ? 2.186   -5.508  10.360  1.00 18.51 ? 154 MET A CG    1 
ATOM   1142 S SD    . MET A 1 154 ? 3.650   -6.576  10.285  1.00 20.89 ? 154 MET A SD    1 
ATOM   1143 C CE    . MET A 1 154 ? 2.921   -8.206  10.512  1.00 23.05 ? 154 MET A CE    1 
ATOM   1144 N N     . TYR A 1 155 ? -1.148  -6.375  11.414  1.00 20.93 ? 155 TYR A N     1 
ATOM   1145 C CA    . TYR A 1 155 ? -1.364  -6.603  12.857  1.00 22.34 ? 155 TYR A CA    1 
ATOM   1146 C C     . TYR A 1 155 ? -0.025  -6.774  13.532  1.00 22.01 ? 155 TYR A C     1 
ATOM   1147 O O     . TYR A 1 155 ? 0.747   -7.662  13.165  1.00 21.57 ? 155 TYR A O     1 
ATOM   1148 C CB    . TYR A 1 155 ? -2.256  -7.825  13.136  1.00 24.20 ? 155 TYR A CB    1 
ATOM   1149 C CG    . TYR A 1 155 ? -3.699  -7.581  12.782  1.00 27.56 ? 155 TYR A CG    1 
ATOM   1150 C CD1   . TYR A 1 155 ? -4.436  -6.579  13.418  1.00 29.06 ? 155 TYR A CD1   1 
ATOM   1151 C CD2   . TYR A 1 155 ? -4.324  -8.332  11.785  1.00 28.66 ? 155 TYR A CD2   1 
ATOM   1152 C CE1   . TYR A 1 155 ? -5.765  -6.339  13.069  1.00 29.55 ? 155 TYR A CE1   1 
ATOM   1153 C CE2   . TYR A 1 155 ? -5.647  -8.096  11.431  1.00 31.08 ? 155 TYR A CE2   1 
ATOM   1154 C CZ    . TYR A 1 155 ? -6.357  -7.101  12.082  1.00 29.52 ? 155 TYR A CZ    1 
ATOM   1155 O OH    . TYR A 1 155 ? -7.668  -6.866  11.741  1.00 30.25 ? 155 TYR A OH    1 
ATOM   1156 N N     . LEU A 1 156 ? 0.254   -5.922  14.518  1.00 21.55 ? 156 LEU A N     1 
ATOM   1157 C CA    . LEU A 1 156 ? 1.493   -6.001  15.270  1.00 21.63 ? 156 LEU A CA    1 
ATOM   1158 C C     . LEU A 1 156 ? 1.573   -7.325  16.012  1.00 21.18 ? 156 LEU A C     1 
ATOM   1159 O O     . LEU A 1 156 ? 0.574   -7.812  16.571  1.00 21.90 ? 156 LEU A O     1 
ATOM   1160 C CB    . LEU A 1 156 ? 1.608   -4.850  16.271  1.00 21.31 ? 156 LEU A CB    1 
ATOM   1161 C CG    . LEU A 1 156 ? 2.821   -4.817  17.222  1.00 23.27 ? 156 LEU A CG    1 
ATOM   1162 C CD1   . LEU A 1 156 ? 4.111   -4.437  16.527  1.00 22.07 ? 156 LEU A CD1   1 
ATOM   1163 C CD2   . LEU A 1 156 ? 2.593   -3.832  18.366  1.00 23.14 ? 156 LEU A CD2   1 
ATOM   1164 N N     . GLY A 1 157 ? 2.765   -7.894  16.026  1.00 19.52 ? 157 GLY A N     1 
ATOM   1165 C CA    . GLY A 1 157 ? 2.969   -9.141  16.755  1.00 19.40 ? 157 GLY A CA    1 
ATOM   1166 C C     . GLY A 1 157 ? 4.350   -9.702  16.613  1.00 19.62 ? 157 GLY A C     1 
ATOM   1167 O O     . GLY A 1 157 ? 5.294   -9.002  16.262  1.00 19.10 ? 157 GLY A O     1 
ATOM   1168 N N     . SER A 1 158 ? 4.457   -10.989 16.901  1.00 19.28 ? 158 SER A N     1 
ATOM   1169 C CA    . SER A 1 158 ? 5.758   -11.620 17.062  1.00 20.56 ? 158 SER A CA    1 
ATOM   1170 C C     . SER A 1 158 ? 6.694   -11.488 15.859  1.00 18.51 ? 158 SER A C     1 
ATOM   1171 O O     . SER A 1 158 ? 7.912   -11.452 16.027  1.00 19.34 ? 158 SER A O     1 
ATOM   1172 C CB    . SER A 1 158 ? 5.578   -13.084 17.491  1.00 21.42 ? 158 SER A CB    1 
ATOM   1173 O OG    . SER A 1 158 ? 5.652   -14.010 16.432  1.00 22.00 ? 158 SER A OG    1 
ATOM   1174 N N     . GLN A 1 159 ? 6.117   -11.405 14.654  1.00 17.17 ? 159 GLN A N     1 
ATOM   1175 C CA    . GLN A 1 159 ? 6.898   -11.376 13.418  1.00 16.36 ? 159 GLN A CA    1 
ATOM   1176 C C     . GLN A 1 159 ? 7.121   -9.982  12.846  1.00 15.63 ? 159 GLN A C     1 
ATOM   1177 O O     . GLN A 1 159 ? 7.811   -9.817  11.849  1.00 15.10 ? 159 GLN A O     1 
ATOM   1178 C CB    . GLN A 1 159 ? 6.204   -12.205 12.328  1.00 15.36 ? 159 GLN A CB    1 
ATOM   1179 C CG    . GLN A 1 159 ? 5.977   -13.660 12.756  1.00 15.12 ? 159 GLN A CG    1 
ATOM   1180 C CD    . GLN A 1 159 ? 7.293   -14.368 12.978  1.00 13.60 ? 159 GLN A CD    1 
ATOM   1181 O OE1   . GLN A 1 159 ? 8.043   -14.587 12.040  1.00 15.70 ? 159 GLN A OE1   1 
ATOM   1182 N NE2   . GLN A 1 159 ? 7.587   -14.708 14.224  1.00 16.24 ? 159 GLN A NE2   1 
ATOM   1183 N N     . THR A 1 160 ? 6.516   -8.978  13.452  1.00 15.39 ? 160 THR A N     1 
ATOM   1184 C CA    . THR A 1 160 ? 6.637   -7.631  12.928  1.00 16.42 ? 160 THR A CA    1 
ATOM   1185 C C     . THR A 1 160 ? 8.091   -7.220  12.737  1.00 16.87 ? 160 THR A C     1 
ATOM   1186 O O     . THR A 1 160 ? 8.473   -6.708  11.674  1.00 15.71 ? 160 THR A O     1 
ATOM   1187 C CB    . THR A 1 160 ? 5.850   -6.633  13.812  1.00 16.18 ? 160 THR A CB    1 
ATOM   1188 O OG1   . THR A 1 160 ? 4.478   -7.014  13.790  1.00 15.82 ? 160 THR A OG1   1 
ATOM   1189 C CG2   . THR A 1 160 ? 5.960   -5.205  13.281  1.00 17.93 ? 160 THR A CG2   1 
ATOM   1190 N N     . ASN A 1 161 ? 8.923   -7.447  13.746  1.00 18.08 ? 161 ASN A N     1 
ATOM   1191 C CA    . ASN A 1 161 ? 10.283  -6.991  13.607  1.00 19.41 ? 161 ASN A CA    1 
ATOM   1192 C C     . ASN A 1 161 ? 11.084  -7.761  12.557  1.00 18.60 ? 161 ASN A C     1 
ATOM   1193 O O     . ASN A 1 161 ? 11.923  -7.179  11.858  1.00 18.22 ? 161 ASN A O     1 
ATOM   1194 C CB    . ASN A 1 161 ? 10.996  -6.909  14.951  1.00 20.46 ? 161 ASN A CB    1 
ATOM   1195 C CG    . ASN A 1 161 ? 11.627  -5.556  15.149  1.00 25.88 ? 161 ASN A CG    1 
ATOM   1196 O OD1   . ASN A 1 161 ? 12.847  -5.403  15.043  1.00 31.12 ? 161 ASN A OD1   1 
ATOM   1197 N ND2   . ASN A 1 161 ? 10.786  -4.538  15.352  1.00 29.72 ? 161 ASN A ND2   1 
ATOM   1198 N N     . ASN A 1 162 ? 10.791  -9.051  12.407  1.00 17.77 ? 162 ASN A N     1 
ATOM   1199 C CA    . ASN A 1 162 ? 11.363  -9.808  11.296  1.00 18.13 ? 162 ASN A CA    1 
ATOM   1200 C C     . ASN A 1 162 ? 11.056  -9.141  9.949   1.00 16.54 ? 162 ASN A C     1 
ATOM   1201 O O     . ASN A 1 162 ? 11.933  -9.017  9.080   1.00 15.85 ? 162 ASN A O     1 
ATOM   1202 C CB    . ASN A 1 162 ? 10.834  -11.238 11.275  1.00 18.43 ? 162 ASN A CB    1 
ATOM   1203 C CG    . ASN A 1 162 ? 11.299  -12.075 12.449  1.00 20.77 ? 162 ASN A CG    1 
ATOM   1204 O OD1   . ASN A 1 162 ? 12.342  -11.808 13.095  1.00 24.24 ? 162 ASN A OD1   1 
ATOM   1205 N ND2   . ASN A 1 162 ? 10.520  -13.111 12.743  1.00 22.01 ? 162 ASN A ND2   1 
ATOM   1206 N N     . LEU A 1 163 ? 9.806   -8.722  9.784   1.00 15.44 ? 163 LEU A N     1 
ATOM   1207 C CA    . LEU A 1 163 ? 9.375   -8.100  8.531   1.00 15.29 ? 163 LEU A CA    1 
ATOM   1208 C C     . LEU A 1 163 ? 10.043  -6.754  8.365   1.00 15.30 ? 163 LEU A C     1 
ATOM   1209 O O     . LEU A 1 163 ? 10.483  -6.379  7.265   1.00 14.88 ? 163 LEU A O     1 
ATOM   1210 C CB    . LEU A 1 163 ? 7.851   -7.955  8.510   1.00 15.11 ? 163 LEU A CB    1 
ATOM   1211 C CG    . LEU A 1 163 ? 7.130   -9.303  8.346   1.00 18.90 ? 163 LEU A CG    1 
ATOM   1212 C CD1   . LEU A 1 163 ? 5.654   -9.088  8.125   1.00 19.62 ? 163 LEU A CD1   1 
ATOM   1213 C CD2   . LEU A 1 163 ? 7.695   -10.079 7.200   1.00 21.87 ? 163 LEU A CD2   1 
ATOM   1214 N N     . LYS A 1 164 ? 10.143  -6.033  9.459   1.00 15.33 ? 164 LYS A N     1 
ATOM   1215 C CA    . LYS A 1 164 ? 10.826  -4.730  9.412   1.00 16.64 ? 164 LYS A CA    1 
ATOM   1216 C C     . LYS A 1 164 ? 12.271  -4.908  8.931   1.00 16.39 ? 164 LYS A C     1 
ATOM   1217 O O     . LYS A 1 164 ? 12.728  -4.211  8.019   1.00 15.60 ? 164 LYS A O     1 
ATOM   1218 C CB    . LYS A 1 164 ? 10.771  -4.076  10.777  1.00 17.69 ? 164 LYS A CB    1 
ATOM   1219 C CG    . LYS A 1 164 ? 11.321  -2.677  10.794  1.00 20.47 ? 164 LYS A CG    1 
ATOM   1220 C CD    . LYS A 1 164 ? 11.233  -2.143  12.211  1.00 25.97 ? 164 LYS A CD    1 
ATOM   1221 C CE    . LYS A 1 164 ? 11.743  -0.749  12.291  1.00 28.85 ? 164 LYS A CE    1 
ATOM   1222 N NZ    . LYS A 1 164 ? 11.469  -0.214  13.671  1.00 30.73 ? 164 LYS A NZ    1 
ATOM   1223 N N     . THR A 1 165 ? 12.966  -5.907  9.483   1.00 15.95 ? 165 THR A N     1 
ATOM   1224 C CA    . THR A 1 165 ? 14.358  -6.176  9.115   1.00 16.22 ? 165 THR A CA    1 
ATOM   1225 C C     . THR A 1 165 ? 14.474  -6.597  7.661   1.00 15.13 ? 165 THR A C     1 
ATOM   1226 O O     . THR A 1 165 ? 15.390  -6.194  6.930   1.00 15.39 ? 165 THR A O     1 
ATOM   1227 C CB    . THR A 1 165 ? 14.961  -7.211  10.048  1.00 17.26 ? 165 THR A CB    1 
ATOM   1228 O OG1   . THR A 1 165 ? 15.033  -6.627  11.350  1.00 17.78 ? 165 THR A OG1   1 
ATOM   1229 C CG2   . THR A 1 165 ? 16.352  -7.622  9.583   1.00 19.14 ? 165 THR A CG2   1 
ATOM   1230 N N     . TYR A 1 166 ? 13.507  -7.383  7.221   1.00 15.04 ? 166 TYR A N     1 
ATOM   1231 C CA    . TYR A 1 166 ? 13.493  -7.790  5.839   1.00 15.65 ? 166 TYR A CA    1 
ATOM   1232 C C     . TYR A 1 166 ? 13.387  -6.558  4.923   1.00 14.74 ? 166 TYR A C     1 
ATOM   1233 O O     . TYR A 1 166 ? 14.107  -6.434  3.928   1.00 14.95 ? 166 TYR A O     1 
ATOM   1234 C CB    . TYR A 1 166 ? 12.322  -8.749  5.616   1.00 16.28 ? 166 TYR A CB    1 
ATOM   1235 C CG    . TYR A 1 166 ? 12.236  -9.260  4.211   1.00 18.13 ? 166 TYR A CG    1 
ATOM   1236 C CD1   . TYR A 1 166 ? 13.290  -9.955  3.627   1.00 19.98 ? 166 TYR A CD1   1 
ATOM   1237 C CD2   . TYR A 1 166 ? 11.081  -9.052  3.458   1.00 19.79 ? 166 TYR A CD2   1 
ATOM   1238 C CE1   . TYR A 1 166 ? 13.198  -10.437 2.311   1.00 21.21 ? 166 TYR A CE1   1 
ATOM   1239 C CE2   . TYR A 1 166 ? 10.982  -9.531  2.162   1.00 22.89 ? 166 TYR A CE2   1 
ATOM   1240 C CZ    . TYR A 1 166 ? 12.040  -10.211 1.594   1.00 22.14 ? 166 TYR A CZ    1 
ATOM   1241 O OH    . TYR A 1 166 ? 11.896  -10.668 0.300   1.00 24.60 ? 166 TYR A OH    1 
ATOM   1242 N N     . LEU A 1 167 ? 12.510  -5.629  5.283   1.00 15.20 ? 167 LEU A N     1 
ATOM   1243 C CA    . LEU A 1 167 ? 12.313  -4.422  4.469   1.00 13.76 ? 167 LEU A CA    1 
ATOM   1244 C C     . LEU A 1 167 ? 13.544  -3.507  4.468   1.00 14.94 ? 167 LEU A C     1 
ATOM   1245 O O     . LEU A 1 167 ? 13.832  -2.869  3.464   1.00 13.97 ? 167 LEU A O     1 
ATOM   1246 C CB    . LEU A 1 167 ? 11.065  -3.666  4.936   1.00 14.61 ? 167 LEU A CB    1 
ATOM   1247 C CG    . LEU A 1 167 ? 9.765   -4.391  4.558   1.00 12.65 ? 167 LEU A CG    1 
ATOM   1248 C CD1   . LEU A 1 167 ? 8.605   -3.909  5.399   1.00 14.41 ? 167 LEU A CD1   1 
ATOM   1249 C CD2   . LEU A 1 167 ? 9.416   -4.258  3.071   1.00 12.12 ? 167 LEU A CD2   1 
ATOM   1250 N N     . LYS A 1 168 ? 14.267  -3.490  5.586   1.00 15.74 ? 168 LYS A N     1 
ATOM   1251 C CA    . LYS A 1 168 ? 15.511  -2.727  5.719   1.00 17.56 ? 168 LYS A CA    1 
ATOM   1252 C C     . LYS A 1 168 ? 16.562  -3.244  4.760   1.00 18.38 ? 168 LYS A C     1 
ATOM   1253 O O     . LYS A 1 168 ? 17.560  -2.575  4.490   1.00 19.22 ? 168 LYS A O     1 
ATOM   1254 C CB    . LYS A 1 168 ? 16.033  -2.804  7.147   1.00 17.76 ? 168 LYS A CB    1 
ATOM   1255 C CG    . LYS A 1 168 ? 15.270  -1.944  8.127   1.00 19.72 ? 168 LYS A CG    1 
ATOM   1256 C CD    . LYS A 1 168 ? 15.852  -2.031  9.511   1.00 20.89 ? 168 LYS A CD    1 
ATOM   1257 C CE    . LYS A 1 168 ? 15.145  -1.079  10.445  1.00 25.99 ? 168 LYS A CE    1 
ATOM   1258 N NZ    . LYS A 1 168 ? 15.825  -1.113  11.778  1.00 27.63 ? 168 LYS A NZ    1 
ATOM   1259 N N     . GLY A 1 169 ? 16.339  -4.440  4.222   1.00 18.96 ? 169 GLY A N     1 
ATOM   1260 C CA    . GLY A 1 169 ? 17.198  -4.970  3.192   1.00 20.27 ? 169 GLY A CA    1 
ATOM   1261 C C     . GLY A 1 169 ? 16.926  -4.409  1.810   1.00 21.75 ? 169 GLY A C     1 
ATOM   1262 O O     . GLY A 1 169 ? 17.685  -4.670  0.883   1.00 23.59 ? 169 GLY A O     1 
ATOM   1263 N N     . MET A 1 170 ? 15.860  -3.631  1.646   1.00 20.27 ? 170 MET A N     1 
ATOM   1264 C CA    . MET A 1 170 ? 15.607  -3.064  0.338   1.00 20.83 ? 170 MET A CA    1 
ATOM   1265 C C     . MET A 1 170 ? 15.314  -1.561  0.306   1.00 18.31 ? 170 MET A C     1 
ATOM   1266 O O     . MET A 1 170 ? 15.222  -0.982  -0.774  1.00 17.97 ? 170 MET A O     1 
ATOM   1267 C CB    . MET A 1 170 ? 14.583  -3.893  -0.444  1.00 20.65 ? 170 MET A CB    1 
ATOM   1268 C CG    . MET A 1 170 ? 13.218  -3.964  0.118   1.00 23.79 ? 170 MET A CG    1 
ATOM   1269 S SD    . MET A 1 170 ? 12.363  -5.397  -0.632  1.00 27.97 ? 170 MET A SD    1 
ATOM   1270 C CE    . MET A 1 170 ? 12.201  -6.469  0.771   1.00 28.61 ? 170 MET A CE    1 
ATOM   1271 N N     . PHE A 1 171 ? 15.151  -0.966  1.483   1.00 16.11 ? 171 PHE A N     1 
ATOM   1272 C CA    . PHE A 1 171 ? 14.923  0.469   1.626   1.00 15.50 ? 171 PHE A CA    1 
ATOM   1273 C C     . PHE A 1 171 ? 16.007  1.104   2.480   1.00 15.78 ? 171 PHE A C     1 
ATOM   1274 O O     . PHE A 1 171 ? 16.528  0.486   3.413   1.00 16.76 ? 171 PHE A O     1 
ATOM   1275 C CB    . PHE A 1 171 ? 13.578  0.745   2.299   1.00 14.20 ? 171 PHE A CB    1 
ATOM   1276 C CG    . PHE A 1 171 ? 12.402  0.431   1.448   1.00 14.16 ? 171 PHE A CG    1 
ATOM   1277 C CD1   . PHE A 1 171 ? 11.818  1.412   0.648   1.00 11.15 ? 171 PHE A CD1   1 
ATOM   1278 C CD2   . PHE A 1 171 ? 11.878  -0.873  1.425   1.00 13.48 ? 171 PHE A CD2   1 
ATOM   1279 C CE1   . PHE A 1 171 ? 10.728  1.118   -0.143  1.00 13.08 ? 171 PHE A CE1   1 
ATOM   1280 C CE2   . PHE A 1 171 ? 10.775  -1.189  0.630   1.00 14.36 ? 171 PHE A CE2   1 
ATOM   1281 C CZ    . PHE A 1 171 ? 10.186  -0.185  -0.167  1.00 11.95 ? 171 PHE A CZ    1 
ATOM   1282 N N     . GLN A 1 172 ? 16.293  2.370   2.204   1.00 15.88 ? 172 GLN A N     1 
ATOM   1283 C CA    . GLN A 1 172 ? 17.246  3.068   3.043   1.00 16.71 ? 172 GLN A CA    1 
ATOM   1284 C C     . GLN A 1 172 ? 16.815  3.080   4.502   1.00 17.19 ? 172 GLN A C     1 
ATOM   1285 O O     . GLN A 1 172 ? 17.646  2.816   5.379   1.00 18.07 ? 172 GLN A O     1 
ATOM   1286 C CB    . GLN A 1 172 ? 17.452  4.483   2.552   1.00 15.44 ? 172 GLN A CB    1 
ATOM   1287 C CG    . GLN A 1 172 ? 18.545  5.200   3.342   1.00 16.78 ? 172 GLN A CG    1 
ATOM   1288 C CD    . GLN A 1 172 ? 18.503  6.668   3.082   1.00 16.12 ? 172 GLN A CD    1 
ATOM   1289 O OE1   . GLN A 1 172 ? 17.845  7.105   2.154   1.00 16.68 ? 172 GLN A OE1   1 
ATOM   1290 N NE2   . GLN A 1 172 ? 19.166  7.462   3.938   1.00 16.53 ? 172 GLN A NE2   1 
ATOM   1291 N N     . LEU A 1 173 ? 15.541  3.398   4.763   1.00 17.58 ? 173 LEU A N     1 
ATOM   1292 C CA    . LEU A 1 173 ? 15.030  3.471   6.142   1.00 19.40 ? 173 LEU A CA    1 
ATOM   1293 C C     . LEU A 1 173 ? 13.660  2.833   6.261   1.00 18.30 ? 173 LEU A C     1 
ATOM   1294 O O     . LEU A 1 173 ? 12.832  2.961   5.365   1.00 18.09 ? 173 LEU A O     1 
ATOM   1295 C CB    . LEU A 1 173 ? 14.916  4.906   6.678   1.00 19.31 ? 173 LEU A CB    1 
ATOM   1296 C CG    . LEU A 1 173 ? 15.674  6.192   6.324   1.00 24.46 ? 173 LEU A CG    1 
ATOM   1297 C CD1   . LEU A 1 173 ? 14.910  6.978   5.280   1.00 25.97 ? 173 LEU A CD1   1 
ATOM   1298 C CD2   . LEU A 1 173 ? 15.802  7.044   7.596   1.00 23.16 ? 173 LEU A CD2   1 
ATOM   1299 N N     . VAL A 1 174 ? 13.403  2.211   7.407   1.00 17.04 ? 174 VAL A N     1 
ATOM   1300 C CA    . VAL A 1 174 ? 12.100  1.635   7.695   1.00 18.33 ? 174 VAL A CA    1 
ATOM   1301 C C     . VAL A 1 174 ? 11.704  1.959   9.123   1.00 19.41 ? 174 VAL A C     1 
ATOM   1302 O O     . VAL A 1 174 ? 12.480  1.701   10.052  1.00 19.96 ? 174 VAL A O     1 
ATOM   1303 C CB    . VAL A 1 174 ? 12.091  0.090   7.510   1.00 17.74 ? 174 VAL A CB    1 
ATOM   1304 C CG1   . VAL A 1 174 ? 10.700  -0.463  7.804   1.00 19.74 ? 174 VAL A CG1   1 
ATOM   1305 C CG2   . VAL A 1 174 ? 12.506  -0.285  6.078   1.00 18.14 ? 174 VAL A CG2   1 
ATOM   1306 N N     . HIS A 1 175 ? 10.504  2.513   9.276   1.00 20.69 ? 175 HIS A N     1 
ATOM   1307 C CA    . HIS A 1 175 ? 9.981   2.974   10.575  1.00 22.85 ? 175 HIS A CA    1 
ATOM   1308 C C     . HIS A 1 175 ? 8.719   2.204   10.915  1.00 23.06 ? 175 HIS A C     1 
ATOM   1309 O O     . HIS A 1 175 ? 7.921   1.893   10.035  1.00 22.98 ? 175 HIS A O     1 
ATOM   1310 C CB    . HIS A 1 175 ? 9.661   4.477   10.545  1.00 23.71 ? 175 HIS A CB    1 
ATOM   1311 C CG    . HIS A 1 175 ? 10.763  5.325   9.989   1.00 29.47 ? 175 HIS A CG    1 
ATOM   1312 N ND1   . HIS A 1 175 ? 10.910  5.573   8.638   1.00 34.88 ? 175 HIS A ND1   1 
ATOM   1313 C CD2   . HIS A 1 175 ? 11.778  5.982   10.602  1.00 34.00 ? 175 HIS A CD2   1 
ATOM   1314 C CE1   . HIS A 1 175 ? 11.965  6.346   8.445   1.00 37.17 ? 175 HIS A CE1   1 
ATOM   1315 N NE2   . HIS A 1 175 ? 12.510  6.608   9.621   1.00 37.08 ? 175 HIS A NE2   1 
ATOM   1316 N N     . THR A 1 176 ? 8.542   1.864   12.188  1.00 23.34 ? 176 THR A N     1 
ATOM   1317 C CA    . THR A 1 176 ? 7.260   1.358   12.641  1.00 24.70 ? 176 THR A CA    1 
ATOM   1318 C C     . THR A 1 176 ? 6.504   2.513   13.308  1.00 25.39 ? 176 THR A C     1 
ATOM   1319 O O     . THR A 1 176 ? 7.066   3.238   14.153  1.00 24.44 ? 176 THR A O     1 
ATOM   1320 C CB    . THR A 1 176 ? 7.427   0.186   13.627  1.00 25.75 ? 176 THR A CB    1 
ATOM   1321 O OG1   . THR A 1 176 ? 8.357   -0.759  13.093  1.00 27.55 ? 176 THR A OG1   1 
ATOM   1322 C CG2   . THR A 1 176 ? 6.104   -0.517  13.821  1.00 27.11 ? 176 THR A CG2   1 
ATOM   1323 N N     . THR A 1 177 ? 5.246   2.704   12.918  1.00 24.95 ? 177 THR A N     1 
ATOM   1324 C CA    . THR A 1 177 ? 4.417   3.738   13.533  1.00 26.25 ? 177 THR A CA    1 
ATOM   1325 C C     . THR A 1 177 ? 3.886   3.229   14.878  1.00 27.20 ? 177 THR A C     1 
ATOM   1326 O O     . THR A 1 177 ? 4.016   2.053   15.187  1.00 27.13 ? 177 THR A O     1 
ATOM   1327 C CB    . THR A 1 177 ? 3.235   4.109   12.625  1.00 25.95 ? 177 THR A CB    1 
ATOM   1328 O OG1   . THR A 1 177 ? 2.323   3.008   12.566  1.00 23.02 ? 177 THR A OG1   1 
ATOM   1329 C CG2   . THR A 1 177 ? 3.725   4.420   11.228  1.00 25.18 ? 177 THR A CG2   1 
ATOM   1330 N N     . LYS A 1 178 ? 3.270   4.120   15.651  1.00 29.15 ? 178 LYS A N     1 
ATOM   1331 C CA    . LYS A 1 178 ? 2.645   3.769   16.933  1.00 31.35 ? 178 LYS A CA    1 
ATOM   1332 C C     . LYS A 1 178 ? 1.409   2.868   16.778  1.00 32.04 ? 178 LYS A C     1 
ATOM   1333 O O     . LYS A 1 178 ? 0.533   3.168   15.967  1.00 32.16 ? 178 LYS A O     1 
ATOM   1334 C CB    . LYS A 1 178 ? 2.274   5.050   17.693  1.00 31.87 ? 178 LYS A CB    1 
ATOM   1335 C CG    . LYS A 1 178 ? 1.902   4.824   19.153  1.00 34.08 ? 178 LYS A CG    1 
ATOM   1336 C CD    . LYS A 1 178 ? 3.128   4.440   19.994  1.00 37.99 ? 178 LYS A CD    1 
ATOM   1337 C CE    . LYS A 1 178 ? 2.804   4.358   21.493  1.00 39.56 ? 178 LYS A CE    1 
ATOM   1338 N NZ    . LYS A 1 178 ? 2.312   3.004   21.911  1.00 40.71 ? 178 LYS A NZ    1 
ATOM   1339 N N     . PRO A 1 179 ? 1.348   1.746   17.538  1.00 33.20 ? 179 PRO A N     1 
ATOM   1340 C CA    . PRO A 1 179 ? 0.210   0.811   17.483  1.00 34.00 ? 179 PRO A CA    1 
ATOM   1341 C C     . PRO A 1 179 ? -1.162  1.471   17.719  1.00 35.09 ? 179 PRO A C     1 
ATOM   1342 O O     . PRO A 1 179 ? -1.265  2.432   18.493  1.00 35.27 ? 179 PRO A O     1 
ATOM   1343 C CB    . PRO A 1 179 ? 0.509   -0.183  18.612  1.00 33.73 ? 179 PRO A CB    1 
ATOM   1344 C CG    . PRO A 1 179 ? 1.956   -0.094  18.837  1.00 33.59 ? 179 PRO A CG    1 
ATOM   1345 C CD    . PRO A 1 179 ? 2.390   1.287   18.476  1.00 33.10 ? 179 PRO A CD    1 
ATOM   1346 N N     . LYS A 1 180 ? -2.195  0.945   17.062  1.00 36.02 ? 180 LYS A N     1 
ATOM   1347 C CA    . LYS A 1 180 ? -3.563  1.466   17.202  1.00 37.33 ? 180 LYS A CA    1 
ATOM   1348 C C     . LYS A 1 180 ? -4.571  0.348   17.470  1.00 37.57 ? 180 LYS A C     1 
ATOM   1349 O O     . LYS A 1 180 ? -4.553  -0.686  16.798  1.00 37.74 ? 180 LYS A O     1 
ATOM   1350 C CB    . LYS A 1 180 ? -3.975  2.279   15.961  1.00 37.56 ? 180 LYS A CB    1 
ATOM   1351 C CG    . LYS A 1 180 ? -3.382  3.698   15.904  1.00 38.27 ? 180 LYS A CG    1 
ATOM   1352 C CD    . LYS A 1 180 ? -3.492  4.328   14.513  1.00 38.00 ? 180 LYS A CD    1 
ATOM   1353 C CE    . LYS A 1 180 ? -3.534  5.870   14.590  1.00 38.90 ? 180 LYS A CE    1 
ATOM   1354 N NZ    . LYS A 1 180 ? -2.392  6.505   15.337  1.00 39.42 ? 180 LYS A NZ    1 
ATOM   1355 N N     . SER A 1 186 ? -5.903  -7.213  18.909  1.00 36.93 ? 186 SER A N     1 
ATOM   1356 C CA    . SER A 1 186 ? -5.194  -7.147  17.636  1.00 36.51 ? 186 SER A CA    1 
ATOM   1357 C C     . SER A 1 186 ? -4.928  -5.673  17.269  1.00 35.49 ? 186 SER A C     1 
ATOM   1358 O O     . SER A 1 186 ? -5.747  -5.023  16.610  1.00 35.76 ? 186 SER A O     1 
ATOM   1359 C CB    . SER A 1 186 ? -6.014  -7.861  16.553  1.00 37.21 ? 186 SER A CB    1 
ATOM   1360 O OG    . SER A 1 186 ? -5.293  -8.933  15.957  1.00 38.84 ? 186 SER A OG    1 
ATOM   1361 N N     . ARG A 1 187 ? -3.792  -5.156  17.739  1.00 34.20 ? 187 ARG A N     1 
ATOM   1362 C CA    . ARG A 1 187 ? -3.300  -3.800  17.409  1.00 32.15 ? 187 ARG A CA    1 
ATOM   1363 C C     . ARG A 1 187 ? -2.664  -3.758  16.010  1.00 30.91 ? 187 ARG A C     1 
ATOM   1364 O O     . ARG A 1 187 ? -2.049  -4.730  15.576  1.00 31.33 ? 187 ARG A O     1 
ATOM   1365 C CB    . ARG A 1 187 ? -2.251  -3.357  18.429  1.00 32.89 ? 187 ARG A CB    1 
ATOM   1366 C CG    . ARG A 1 187 ? -2.784  -2.872  19.772  1.00 32.82 ? 187 ARG A CG    1 
ATOM   1367 C CD    . ARG A 1 187 ? -1.924  -3.426  20.876  1.00 35.97 ? 187 ARG A CD    1 
ATOM   1368 N NE    . ARG A 1 187 ? -0.745  -2.619  21.181  1.00 37.59 ? 187 ARG A NE    1 
ATOM   1369 C CZ    . ARG A 1 187 ? 0.414   -3.118  21.612  1.00 38.81 ? 187 ARG A CZ    1 
ATOM   1370 N NH1   . ARG A 1 187 ? 1.427   -2.305  21.886  1.00 39.62 ? 187 ARG A NH1   1 
ATOM   1371 N NH2   . ARG A 1 187 ? 0.573   -4.434  21.762  1.00 39.52 ? 187 ARG A NH2   1 
ATOM   1372 N N     . GLU A 1 188 ? -2.800  -2.622  15.326  1.00 28.73 ? 188 GLU A N     1 
ATOM   1373 C CA    . GLU A 1 188 ? -2.258  -2.443  13.974  1.00 26.33 ? 188 GLU A CA    1 
ATOM   1374 C C     . GLU A 1 188 ? -1.195  -1.363  13.912  1.00 24.27 ? 188 GLU A C     1 
ATOM   1375 O O     . GLU A 1 188 ? -1.249  -0.375  14.643  1.00 23.46 ? 188 GLU A O     1 
ATOM   1376 C CB    . GLU A 1 188 ? -3.366  -2.094  12.997  1.00 27.08 ? 188 GLU A CB    1 
ATOM   1377 C CG    . GLU A 1 188 ? -4.167  -3.294  12.527  1.00 29.55 ? 188 GLU A CG    1 
ATOM   1378 C CD    . GLU A 1 188 ? -5.377  -2.887  11.724  1.00 33.74 ? 188 GLU A CD    1 
ATOM   1379 O OE1   . GLU A 1 188 ? -5.820  -1.724  11.862  1.00 34.94 ? 188 GLU A OE1   1 
ATOM   1380 O OE2   . GLU A 1 188 ? -5.885  -3.739  10.948  1.00 37.14 ? 188 GLU A OE2   1 
ATOM   1381 N N     . ILE A 1 189 ? -0.213  -1.563  13.035  1.00 20.94 ? 189 ILE A N     1 
ATOM   1382 C CA    . ILE A 1 189 ? 0.851   -0.588  12.838  1.00 18.92 ? 189 ILE A CA    1 
ATOM   1383 C C     . ILE A 1 189 ? 1.020   -0.451  11.344  1.00 17.60 ? 189 ILE A C     1 
ATOM   1384 O O     . ILE A 1 189 ? 0.479   -1.269  10.593  1.00 16.21 ? 189 ILE A O     1 
ATOM   1385 C CB    . ILE A 1 189 ? 2.213   -1.021  13.465  1.00 19.35 ? 189 ILE A CB    1 
ATOM   1386 C CG1   . ILE A 1 189 ? 2.650   -2.424  12.988  1.00 19.88 ? 189 ILE A CG1   1 
ATOM   1387 C CG2   . ILE A 1 189 ? 2.177   -0.974  15.012  1.00 19.86 ? 189 ILE A CG2   1 
ATOM   1388 C CD1   . ILE A 1 189 ? 3.687   -2.389  11.874  1.00 24.49 ? 189 ILE A CD1   1 
ATOM   1389 N N     . TYR A 1 190 ? 1.738   0.585   10.933  1.00 17.00 ? 190 TYR A N     1 
ATOM   1390 C CA    . TYR A 1 190 ? 2.208   0.684   9.557   1.00 17.56 ? 190 TYR A CA    1 
ATOM   1391 C C     . TYR A 1 190 ? 3.721   0.586   9.546   1.00 16.51 ? 190 TYR A C     1 
ATOM   1392 O O     . TYR A 1 190 ? 4.382   1.160   10.407  1.00 17.19 ? 190 TYR A O     1 
ATOM   1393 C CB    . TYR A 1 190 ? 1.754   1.994   8.905   1.00 18.23 ? 190 TYR A CB    1 
ATOM   1394 C CG    . TYR A 1 190 ? 0.263   2.105   8.718   1.00 18.57 ? 190 TYR A CG    1 
ATOM   1395 C CD1   . TYR A 1 190 ? -0.360  1.612   7.558   1.00 18.31 ? 190 TYR A CD1   1 
ATOM   1396 C CD2   . TYR A 1 190 ? -0.537  2.708   9.697   1.00 19.75 ? 190 TYR A CD2   1 
ATOM   1397 C CE1   . TYR A 1 190 ? -1.726  1.726   7.367   1.00 19.16 ? 190 TYR A CE1   1 
ATOM   1398 C CE2   . TYR A 1 190 ? -1.920  2.823   9.518   1.00 19.29 ? 190 TYR A CE2   1 
ATOM   1399 C CZ    . TYR A 1 190 ? -2.505  2.322   8.360   1.00 20.20 ? 190 TYR A CZ    1 
ATOM   1400 O OH    . TYR A 1 190 ? -3.874  2.449   8.217   1.00 21.74 ? 190 TYR A OH    1 
ATOM   1401 N N     . LEU A 1 191 ? 4.267   -0.145  8.565   1.00 15.41 ? 191 LEU A N     1 
ATOM   1402 C CA    . LEU A 1 191 ? 5.696   -0.122  8.295   1.00 15.17 ? 191 LEU A CA    1 
ATOM   1403 C C     . LEU A 1 191 ? 5.897   0.922   7.191   1.00 14.91 ? 191 LEU A C     1 
ATOM   1404 O O     . LEU A 1 191 ? 5.330   0.796   6.118   1.00 15.06 ? 191 LEU A O     1 
ATOM   1405 C CB    . LEU A 1 191 ? 6.206   -1.490  7.859   1.00 16.09 ? 191 LEU A CB    1 
ATOM   1406 C CG    . LEU A 1 191 ? 6.021   -2.612  8.898   1.00 16.95 ? 191 LEU A CG    1 
ATOM   1407 C CD1   . LEU A 1 191 ? 6.048   -4.016  8.229   1.00 19.46 ? 191 LEU A CD1   1 
ATOM   1408 C CD2   . LEU A 1 191 ? 7.063   -2.511  10.001  1.00 21.61 ? 191 LEU A CD2   1 
ATOM   1409 N N     . VAL A 1 192 ? 6.624   1.977   7.523   1.00 14.06 ? 192 VAL A N     1 
ATOM   1410 C CA    . VAL A 1 192 ? 6.890   3.095   6.615   1.00 13.85 ? 192 VAL A CA    1 
ATOM   1411 C C     . VAL A 1 192 ? 8.292   2.965   6.053   1.00 14.23 ? 192 VAL A C     1 
ATOM   1412 O O     . VAL A 1 192 ? 9.286   3.047   6.794   1.00 14.27 ? 192 VAL A O     1 
ATOM   1413 C CB    . VAL A 1 192 ? 6.726   4.456   7.359   1.00 14.77 ? 192 VAL A CB    1 
ATOM   1414 C CG1   . VAL A 1 192 ? 6.983   5.606   6.391   1.00 14.74 ? 192 VAL A CG1   1 
ATOM   1415 C CG2   . VAL A 1 192 ? 5.349   4.553   7.918   1.00 14.31 ? 192 VAL A CG2   1 
ATOM   1416 N N     . CYS A 1 193 ? 8.396   2.775   4.732   1.00 13.29 ? 193 CYS A N     1 
ATOM   1417 C CA    . CYS A 1 193 ? 9.661   2.458   4.126   1.00 13.08 ? 193 CYS A CA    1 
ATOM   1418 C C     . CYS A 1 193 ? 10.009  3.535   3.123   1.00 13.17 ? 193 CYS A C     1 
ATOM   1419 O O     . CYS A 1 193 ? 9.241   3.800   2.199   1.00 13.55 ? 193 CYS A O     1 
ATOM   1420 C CB    . CYS A 1 193 ? 9.554   1.116   3.378   1.00 13.42 ? 193 CYS A CB    1 
ATOM   1421 S SG    . CYS A 1 193 ? 8.881   -0.221  4.403   1.00 13.60 ? 193 CYS A SG    1 
ATOM   1422 N N     . LYS A 1 194 ? 11.185  4.127   3.311   1.00 13.81 ? 194 LYS A N     1 
ATOM   1423 C CA    . LYS A 1 194 ? 11.638  5.237   2.508   1.00 13.84 ? 194 LYS A CA    1 
ATOM   1424 C C     . LYS A 1 194 ? 12.891  4.937   1.727   1.00 12.59 ? 194 LYS A C     1 
ATOM   1425 O O     . LYS A 1 194 ? 13.865  4.374   2.248   1.00 12.41 ? 194 LYS A O     1 
ATOM   1426 C CB    . LYS A 1 194 ? 11.835  6.461   3.413   1.00 15.47 ? 194 LYS A CB    1 
ATOM   1427 C CG    . LYS A 1 194 ? 10.609  6.770   4.285   1.00 20.18 ? 194 LYS A CG    1 
ATOM   1428 C CD    . LYS A 1 194 ? 9.567   7.654   3.587   1.00 27.64 ? 194 LYS A CD    1 
ATOM   1429 C CE    . LYS A 1 194 ? 9.942   9.139   3.590   1.00 31.35 ? 194 LYS A CE    1 
ATOM   1430 N NZ    . LYS A 1 194 ? 9.612   9.884   4.859   1.00 33.59 ? 194 LYS A NZ    1 
ATOM   1431 N N     . ASN A 1 195 ? 12.842  5.324   0.448   1.00 11.03 ? 195 ASN A N     1 
ATOM   1432 C CA    . ASN A 1 195 ? 13.949  5.303   -0.482  1.00 11.21 ? 195 ASN A CA    1 
ATOM   1433 C C     . ASN A 1 195 ? 14.317  3.866   -0.860  1.00 11.36 ? 195 ASN A C     1 
ATOM   1434 O O     . ASN A 1 195 ? 15.315  3.305   -0.421  1.00 11.66 ? 195 ASN A O     1 
ATOM   1435 C CB    . ASN A 1 195 ? 15.139  6.167   0.034   1.00 11.63 ? 195 ASN A CB    1 
ATOM   1436 C CG    . ASN A 1 195 ? 16.205  6.377   -1.018  1.00 13.55 ? 195 ASN A CG    1 
ATOM   1437 O OD1   . ASN A 1 195 ? 15.950  6.261   -2.210  1.00 14.79 ? 195 ASN A OD1   1 
ATOM   1438 N ND2   . ASN A 1 195 ? 17.419  6.713   -0.569  1.00 12.81 ? 195 ASN A ND2   1 
ATOM   1439 N N     . PHE A 1 196 ? 13.469  3.302   -1.734  1.00 11.34 ? 196 PHE A N     1 
ATOM   1440 C CA    . PHE A 1 196 ? 13.751  1.976   -2.263  1.00 11.80 ? 196 PHE A CA    1 
ATOM   1441 C C     . PHE A 1 196 ? 15.098  1.959   -2.971  1.00 12.10 ? 196 PHE A C     1 
ATOM   1442 O O     . PHE A 1 196 ? 15.325  2.729   -3.909  1.00 11.22 ? 196 PHE A O     1 
ATOM   1443 C CB    . PHE A 1 196 ? 12.666  1.570   -3.256  1.00 11.98 ? 196 PHE A CB    1 
ATOM   1444 C CG    . PHE A 1 196 ? 12.842  0.146   -3.787  1.00 12.29 ? 196 PHE A CG    1 
ATOM   1445 C CD1   . PHE A 1 196 ? 12.642  -0.937  -2.934  1.00 13.36 ? 196 PHE A CD1   1 
ATOM   1446 C CD2   . PHE A 1 196 ? 13.216  -0.097  -5.115  1.00 12.83 ? 196 PHE A CD2   1 
ATOM   1447 C CE1   . PHE A 1 196 ? 12.791  -2.266  -3.407  1.00 14.85 ? 196 PHE A CE1   1 
ATOM   1448 C CE2   . PHE A 1 196 ? 13.384  -1.398  -5.595  1.00 16.87 ? 196 PHE A CE2   1 
ATOM   1449 C CZ    . PHE A 1 196 ? 13.167  -2.486  -4.739  1.00 14.33 ? 196 PHE A CZ    1 
ATOM   1450 N N     . LEU A 1 197 ? 15.956  1.035   -2.545  1.00 13.72 ? 197 LEU A N     1 
ATOM   1451 C CA    . LEU A 1 197 ? 17.279  0.870   -3.144  1.00 16.37 ? 197 LEU A CA    1 
ATOM   1452 C C     . LEU A 1 197 ? 17.462  -0.456  -3.876  1.00 18.32 ? 197 LEU A C     1 
ATOM   1453 O O     . LEU A 1 197 ? 18.515  -0.685  -4.464  1.00 19.25 ? 197 LEU A O     1 
ATOM   1454 C CB    . LEU A 1 197 ? 18.379  0.992   -2.068  1.00 16.21 ? 197 LEU A CB    1 
ATOM   1455 C CG    . LEU A 1 197 ? 18.397  2.312   -1.292  1.00 18.29 ? 197 LEU A CG    1 
ATOM   1456 C CD1   . LEU A 1 197 ? 19.328  2.219   -0.089  1.00 22.73 ? 197 LEU A CD1   1 
ATOM   1457 C CD2   . LEU A 1 197 ? 18.732  3.467   -2.188  1.00 19.75 ? 197 LEU A CD2   1 
ATOM   1458 N N     . GLY A 1 198 ? 16.465  -1.335  -3.814  1.00 19.54 ? 198 GLY A N     1 
ATOM   1459 C CA    . GLY A 1 198 ? 16.642  -2.720  -4.307  1.00 22.21 ? 198 GLY A CA    1 
ATOM   1460 C C     . GLY A 1 198 ? 17.431  -3.540  -3.299  1.00 25.04 ? 198 GLY A C     1 
ATOM   1461 O O     . GLY A 1 198 ? 17.844  -3.032  -2.242  1.00 25.19 ? 198 GLY A O     1 
ATOM   1462 N N     . ARG A 1 199 ? 17.680  -4.806  -3.629  1.00 27.42 ? 199 ARG A N     1 
ATOM   1463 C CA    . ARG A 1 199 ? 18.420  -5.689  -2.705  1.00 28.73 ? 199 ARG A CA    1 
ATOM   1464 C C     . ARG A 1 199 ? 19.934  -5.581  -2.891  1.00 29.23 ? 199 ARG A C     1 
ATOM   1465 O O     . ARG A 1 199 ? 20.409  -5.126  -3.938  1.00 29.23 ? 199 ARG A O     1 
ATOM   1466 C CB    . ARG A 1 199 ? 17.992  -7.141  -2.841  1.00 29.71 ? 199 ARG A CB    1 
ATOM   1467 C CG    . ARG A 1 199 ? 16.604  -7.364  -3.437  1.00 32.81 ? 199 ARG A CG    1 
ATOM   1468 C CD    . ARG A 1 199 ? 15.964  -8.581  -2.818  1.00 38.21 ? 199 ARG A CD    1 
ATOM   1469 N NE    . ARG A 1 199 ? 15.504  -8.268  -1.472  1.00 43.02 ? 199 ARG A NE    1 
ATOM   1470 C CZ    . ARG A 1 199 ? 15.120  -9.162  -0.568  1.00 44.61 ? 199 ARG A CZ    1 
ATOM   1471 N NH1   . ARG A 1 199 ? 15.128  -10.466 -0.840  1.00 45.40 ? 199 ARG A NH1   1 
ATOM   1472 N NH2   . ARG A 1 199 ? 14.732  -8.736  0.622   1.00 47.29 ? 199 ARG A NH2   1 
HETATM 1473 S S     . SO4 B 2 .   ? -15.637 13.957  6.572   1.00 32.93 ? 202 SO4 A S     1 
HETATM 1474 O O1    . SO4 B 2 .   ? -14.837 12.999  7.343   1.00 35.80 ? 202 SO4 A O1    1 
HETATM 1475 O O2    . SO4 B 2 .   ? -15.704 15.192  7.352   1.00 35.74 ? 202 SO4 A O2    1 
HETATM 1476 O O3    . SO4 B 2 .   ? -15.043 14.228  5.271   1.00 35.19 ? 202 SO4 A O3    1 
HETATM 1477 O O4    . SO4 B 2 .   ? -16.947 13.395  6.322   1.00 36.82 ? 202 SO4 A O4    1 
HETATM 1478 N N     . SAM C 3 .   ? -8.013  2.605   2.907   1.00 21.44 ? 203 SAM A N     1 
HETATM 1479 C CA    . SAM C 3 .   ? -9.439  2.335   2.519   1.00 21.54 ? 203 SAM A CA    1 
HETATM 1480 C C     . SAM C 3 .   ? -10.257 3.626   2.444   1.00 21.26 ? 203 SAM A C     1 
HETATM 1481 O O     . SAM C 3 .   ? -9.810  4.645   2.972   1.00 21.25 ? 203 SAM A O     1 
HETATM 1482 O OXT   . SAM C 3 .   ? -11.340 3.699   1.850   1.00 20.36 ? 203 SAM A OXT   1 
HETATM 1483 C CB    . SAM C 3 .   ? -10.060 1.351   3.519   1.00 21.36 ? 203 SAM A CB    1 
HETATM 1484 C CG    . SAM C 3 .   ? -9.429  -0.022  3.298   1.00 23.28 ? 203 SAM A CG    1 
HETATM 1485 S SD    . SAM C 3 .   ? -10.297 -1.400  4.072   1.00 28.18 ? 203 SAM A SD    1 
HETATM 1486 C CE    . SAM C 3 .   ? -9.898  -1.030  5.788   1.00 27.41 ? 203 SAM A CE    1 
HETATM 1487 C "C5'" . SAM C 3 .   ? -9.199  -2.799  3.723   1.00 22.22 ? 203 SAM A "C5'" 1 
HETATM 1488 C "C4'" . SAM C 3 .   ? -9.399  -3.306  2.294   1.00 17.87 ? 203 SAM A "C4'" 1 
HETATM 1489 O "O4'" . SAM C 3 .   ? -8.350  -4.234  2.003   1.00 18.07 ? 203 SAM A "O4'" 1 
HETATM 1490 C "C3'" . SAM C 3 .   ? -10.731 -4.050  2.028   1.00 18.91 ? 203 SAM A "C3'" 1 
HETATM 1491 O "O3'" . SAM C 3 .   ? -11.560 -3.314  1.155   1.00 18.51 ? 203 SAM A "O3'" 1 
HETATM 1492 C "C2'" . SAM C 3 .   ? -10.298 -5.383  1.400   1.00 17.51 ? 203 SAM A "C2'" 1 
HETATM 1493 O "O2'" . SAM C 3 .   ? -11.086 -5.857  0.313   1.00 17.29 ? 203 SAM A "O2'" 1 
HETATM 1494 C "C1'" . SAM C 3 .   ? -8.873  -5.077  0.974   1.00 15.81 ? 203 SAM A "C1'" 1 
HETATM 1495 N N9    . SAM C 3 .   ? -7.994  -6.234  0.795   1.00 18.72 ? 203 SAM A N9    1 
HETATM 1496 C C8    . SAM C 3 .   ? -7.695  -7.241  1.690   1.00 18.33 ? 203 SAM A C8    1 
HETATM 1497 N N7    . SAM C 3 .   ? -6.804  -8.076  1.115   1.00 16.83 ? 203 SAM A N7    1 
HETATM 1498 C C5    . SAM C 3 .   ? -6.533  -7.604  -0.130  1.00 17.67 ? 203 SAM A C5    1 
HETATM 1499 C C6    . SAM C 3 .   ? -5.697  -8.042  -1.158  1.00 17.20 ? 203 SAM A C6    1 
HETATM 1500 N N6    . SAM C 3 .   ? -4.960  -9.136  -1.027  1.00 16.52 ? 203 SAM A N6    1 
HETATM 1501 N N1    . SAM C 3 .   ? -5.621  -7.334  -2.331  1.00 18.26 ? 203 SAM A N1    1 
HETATM 1502 C C2    . SAM C 3 .   ? -6.361  -6.181  -2.521  1.00 18.01 ? 203 SAM A C2    1 
HETATM 1503 N N3    . SAM C 3 .   ? -7.181  -5.735  -1.501  1.00 16.31 ? 203 SAM A N3    1 
HETATM 1504 C C4    . SAM C 3 .   ? -7.272  -6.446  -0.340  1.00 17.56 ? 203 SAM A C4    1 
HETATM 1505 O O     . HOH D 4 .   ? 2.186   11.420  -13.024 1.00 11.52 ? 204 HOH A O     1 
HETATM 1506 O O     . HOH D 4 .   ? -8.832  4.289   -0.559  1.00 17.47 ? 205 HOH A O     1 
HETATM 1507 O O     . HOH D 4 .   ? 11.026  7.317   -0.601  1.00 15.42 ? 206 HOH A O     1 
HETATM 1508 O O     . HOH D 4 .   ? 11.069  -2.449  -8.706  1.00 19.66 ? 207 HOH A O     1 
HETATM 1509 O O     . HOH D 4 .   ? -11.638 9.865   -14.345 1.00 16.27 ? 208 HOH A O     1 
HETATM 1510 O O     . HOH D 4 .   ? -12.141 5.295   -10.121 1.00 19.78 ? 209 HOH A O     1 
HETATM 1511 O O     . HOH D 4 .   ? 2.946   -9.779  -10.209 1.00 15.59 ? 210 HOH A O     1 
HETATM 1512 O O     . HOH D 4 .   ? -1.757  -3.953  4.491   1.00 18.09 ? 211 HOH A O     1 
HETATM 1513 O O     . HOH D 4 .   ? 7.895   -8.103  16.435  1.00 20.34 ? 212 HOH A O     1 
HETATM 1514 O O     . HOH D 4 .   ? -2.894  15.048  -11.987 1.00 20.84 ? 213 HOH A O     1 
HETATM 1515 O O     . HOH D 4 .   ? -3.751  11.119  -13.692 1.00 19.32 ? 214 HOH A O     1 
HETATM 1516 O O     . HOH D 4 .   ? 10.053  -10.463 14.726  1.00 23.85 ? 215 HOH A O     1 
HETATM 1517 O O     . HOH D 4 .   ? -8.433  1.205   7.579   1.00 25.59 ? 216 HOH A O     1 
HETATM 1518 O O     . HOH D 4 .   ? 7.825   -10.535 0.612   1.00 21.14 ? 217 HOH A O     1 
HETATM 1519 O O     . HOH D 4 .   ? -6.300  2.030   0.861   1.00 20.47 ? 218 HOH A O     1 
HETATM 1520 O O     . HOH D 4 .   ? 2.793   19.144  -10.709 1.00 21.71 ? 219 HOH A O     1 
HETATM 1521 O O     . HOH D 4 .   ? -10.602 14.258  -2.944  1.00 25.57 ? 220 HOH A O     1 
HETATM 1522 O O     . HOH D 4 .   ? 20.791  6.513   5.975   1.00 26.32 ? 221 HOH A O     1 
HETATM 1523 O O     . HOH D 4 .   ? -2.933  9.888   -15.958 1.00 22.54 ? 222 HOH A O     1 
HETATM 1524 O O     . HOH D 4 .   ? 13.778  -10.921 8.849   1.00 26.74 ? 223 HOH A O     1 
HETATM 1525 O O     . HOH D 4 .   ? 10.301  7.190   -6.563  1.00 23.86 ? 224 HOH A O     1 
HETATM 1526 O O     . HOH D 4 .   ? -17.372 3.801   5.207   1.00 29.31 ? 225 HOH A O     1 
HETATM 1527 O O     . HOH D 4 .   ? 2.889   -5.131  -15.544 1.00 17.35 ? 226 HOH A O     1 
HETATM 1528 O O     . HOH D 4 .   ? 6.264   4.788   -20.048 1.00 23.01 ? 227 HOH A O     1 
HETATM 1529 O O     . HOH D 4 .   ? -19.042 5.542   2.441   1.00 27.91 ? 228 HOH A O     1 
HETATM 1530 O O     . HOH D 4 .   ? 9.357   -9.622  -6.090  1.00 22.61 ? 229 HOH A O     1 
HETATM 1531 O O     . HOH D 4 .   ? 2.369   -11.060 -4.725  1.00 28.47 ? 230 HOH A O     1 
HETATM 1532 O O     . HOH D 4 .   ? 18.175  -5.938  6.847   1.00 34.75 ? 231 HOH A O     1 
HETATM 1533 O O     . HOH D 4 .   ? 13.491  9.074   -2.594  1.00 30.79 ? 232 HOH A O     1 
HETATM 1534 O O     . HOH D 4 .   ? 9.707   4.508   -13.854 1.00 27.85 ? 233 HOH A O     1 
HETATM 1535 O O     . HOH D 4 .   ? -15.482 4.665   11.356  1.00 28.33 ? 234 HOH A O     1 
HETATM 1536 O O     . HOH D 4 .   ? -16.758 2.663   -3.039  1.00 23.35 ? 235 HOH A O     1 
HETATM 1537 O O     . HOH D 4 .   ? -1.710  -4.370  -20.978 1.00 31.54 ? 236 HOH A O     1 
HETATM 1538 O O     . HOH D 4 .   ? 3.832   7.235   14.110  1.00 34.21 ? 237 HOH A O     1 
HETATM 1539 O O     . HOH D 4 .   ? -11.916 7.456   -12.908 1.00 25.17 ? 238 HOH A O     1 
HETATM 1540 O O     . HOH D 4 .   ? -6.745  -13.378 9.923   1.00 30.23 ? 239 HOH A O     1 
HETATM 1541 O O     . HOH D 4 .   ? -17.874 9.842   -2.767  1.00 26.71 ? 240 HOH A O     1 
HETATM 1542 O O     . HOH D 4 .   ? -12.573 -16.976 18.613  1.00 31.99 ? 241 HOH A O     1 
HETATM 1543 O O     . HOH D 4 .   ? -4.784  9.685   -11.649 1.00 24.15 ? 242 HOH A O     1 
HETATM 1544 O O     . HOH D 4 .   ? 9.826   -14.170 9.402   1.00 28.44 ? 243 HOH A O     1 
HETATM 1545 O O     . HOH D 4 .   ? -7.051  -14.724 20.625  1.00 31.13 ? 244 HOH A O     1 
HETATM 1546 O O     . HOH D 4 .   ? -17.901 13.753  2.984   1.00 29.90 ? 245 HOH A O     1 
HETATM 1547 O O     . HOH D 4 .   ? 1.606   5.792   -19.139 1.00 20.46 ? 246 HOH A O     1 
HETATM 1548 O O     . HOH D 4 .   ? -4.480  -22.486 15.397  1.00 27.97 ? 247 HOH A O     1 
HETATM 1549 O O     . HOH D 4 .   ? -7.690  -17.302 21.172  1.00 34.97 ? 248 HOH A O     1 
HETATM 1550 O O     . HOH D 4 .   ? -12.834 1.614   5.683   1.00 25.71 ? 249 HOH A O     1 
HETATM 1551 O O     . HOH D 4 .   ? -0.569  -10.080 17.481  1.00 32.01 ? 250 HOH A O     1 
HETATM 1552 O O     . HOH D 4 .   ? 2.265   -13.867 -2.765  1.00 31.48 ? 251 HOH A O     1 
HETATM 1553 O O     . HOH D 4 .   ? -5.408  -12.742 -12.886 1.00 30.51 ? 252 HOH A O     1 
HETATM 1554 O O     . HOH D 4 .   ? -3.340  -19.196 10.481  1.00 29.68 ? 253 HOH A O     1 
HETATM 1555 O O     . HOH D 4 .   ? 8.089   8.710   -3.461  1.00 28.84 ? 254 HOH A O     1 
HETATM 1556 O O     . HOH D 4 .   ? 4.918   18.410  -4.235  1.00 33.53 ? 255 HOH A O     1 
HETATM 1557 O O     . HOH D 4 .   ? 2.565   -14.596 1.402   1.00 27.25 ? 256 HOH A O     1 
HETATM 1558 O O     . HOH D 4 .   ? -17.031 -6.523  -5.397  1.00 27.22 ? 257 HOH A O     1 
HETATM 1559 O O     . HOH D 4 .   ? -3.398  -14.484 4.949   1.00 33.89 ? 258 HOH A O     1 
HETATM 1560 O O     . HOH D 4 .   ? -15.782 4.857   8.312   1.00 29.65 ? 259 HOH A O     1 
HETATM 1561 O O     . HOH D 4 .   ? -3.024  -10.289 16.032  1.00 33.42 ? 260 HOH A O     1 
HETATM 1562 O O     . HOH D 4 .   ? -1.563  14.773  11.820  1.00 25.93 ? 261 HOH A O     1 
HETATM 1563 O O     . HOH D 4 .   ? -18.689 11.311  10.103  1.00 23.89 ? 262 HOH A O     1 
HETATM 1564 O O     . HOH D 4 .   ? -1.580  -13.372 0.646   1.00 26.69 ? 263 HOH A O     1 
HETATM 1565 O O     . HOH D 4 .   ? 7.123   6.591   -12.034 1.00 25.88 ? 264 HOH A O     1 
HETATM 1566 O O     . HOH D 4 .   ? 10.712  2.286   14.049  1.00 33.30 ? 265 HOH A O     1 
HETATM 1567 O O     . HOH D 4 .   ? -2.801  15.366  -8.630  1.00 29.16 ? 266 HOH A O     1 
HETATM 1568 O O     . HOH D 4 .   ? 9.362   16.084  -11.060 1.00 26.93 ? 267 HOH A O     1 
HETATM 1569 O O     . HOH D 4 .   ? 10.684  -8.560  -10.552 1.00 22.39 ? 268 HOH A O     1 
HETATM 1570 O O     . HOH D 4 .   ? 2.576   9.094   -15.210 1.00 23.61 ? 269 HOH A O     1 
HETATM 1571 O O     . HOH D 4 .   ? 16.279  9.198   2.304   1.00 21.37 ? 270 HOH A O     1 
HETATM 1572 O O     . HOH D 4 .   ? -0.691  -6.689  4.735   1.00 31.85 ? 271 HOH A O     1 
HETATM 1573 O O     . HOH D 4 .   ? 9.426   -10.195 -1.208  1.00 35.90 ? 272 HOH A O     1 
HETATM 1574 O O     . HOH D 4 .   ? 4.750   -13.961 -0.441  1.00 34.11 ? 273 HOH A O     1 
HETATM 1575 O O     . HOH D 4 .   ? 15.743  -10.422 6.568   1.00 30.17 ? 274 HOH A O     1 
HETATM 1576 O O     . HOH D 4 .   ? 12.156  9.537   0.350   1.00 27.27 ? 275 HOH A O     1 
HETATM 1577 O O     . HOH D 4 .   ? 5.188   10.874  -12.474 1.00 27.80 ? 276 HOH A O     1 
HETATM 1578 O O     . HOH D 4 .   ? -3.130  -15.234 -11.506 1.00 25.65 ? 277 HOH A O     1 
HETATM 1579 O O     . HOH D 4 .   ? -2.208  6.789   10.999  1.00 24.93 ? 278 HOH A O     1 
HETATM 1580 O O     . HOH D 4 .   ? 10.922  -8.376  -7.989  1.00 28.48 ? 279 HOH A O     1 
HETATM 1581 O O     . HOH D 4 .   ? -14.898 1.531   -10.444 1.00 35.86 ? 280 HOH A O     1 
HETATM 1582 O O     . HOH D 4 .   ? 22.526  -5.997  -1.171  1.00 35.50 ? 281 HOH A O     1 
HETATM 1583 O O     . HOH D 4 .   ? -3.202  -20.960 18.489  1.00 29.31 ? 282 HOH A O     1 
HETATM 1584 O O     . HOH D 4 .   ? -5.070  -10.915 9.941   1.00 37.32 ? 283 HOH A O     1 
HETATM 1585 O O     . HOH D 4 .   ? -11.220 -3.263  -12.526 1.00 34.72 ? 284 HOH A O     1 
HETATM 1586 O O     . HOH D 4 .   ? -3.678  -12.754 -1.412  1.00 25.55 ? 285 HOH A O     1 
HETATM 1587 O O     . HOH D 4 .   ? -3.234  -5.026  7.846   1.00 26.86 ? 286 HOH A O     1 
HETATM 1588 O O     . HOH D 4 .   ? 16.016  -7.932  2.657   1.00 31.74 ? 287 HOH A O     1 
HETATM 1589 O O     . HOH D 4 .   ? 1.555   -16.998 0.759   1.00 36.05 ? 288 HOH A O     1 
HETATM 1590 O O     . HOH D 4 .   ? -16.579 10.539  -6.026  1.00 37.06 ? 289 HOH A O     1 
HETATM 1591 O O     . HOH D 4 .   ? -9.279  6.935   11.265  1.00 25.62 ? 290 HOH A O     1 
HETATM 1592 O O     . HOH D 4 .   ? -11.260 13.994  -8.781  1.00 39.46 ? 291 HOH A O     1 
HETATM 1593 O O     . HOH D 4 .   ? -8.999  -1.611  -14.271 1.00 28.36 ? 292 HOH A O     1 
HETATM 1594 O O     . HOH D 4 .   ? 12.836  0.064   -9.531  1.00 27.43 ? 293 HOH A O     1 
HETATM 1595 O O     . HOH D 4 .   ? 0.038   3.599   13.423  1.00 29.76 ? 294 HOH A O     1 
HETATM 1596 O O     . HOH D 4 .   ? 0.714   12.704  12.060  1.00 29.48 ? 295 HOH A O     1 
HETATM 1597 O O     . HOH D 4 .   ? -2.562  -17.258 -12.632 1.00 28.39 ? 296 HOH A O     1 
HETATM 1598 O O     . HOH D 4 .   ? -9.521  16.743  6.196   1.00 27.61 ? 297 HOH A O     1 
HETATM 1599 O O     . HOH D 4 .   ? 13.398  2.227   -10.912 1.00 35.36 ? 298 HOH A O     1 
HETATM 1600 O O     . HOH D 4 .   ? -19.041 6.921   -8.364  1.00 29.19 ? 299 HOH A O     1 
HETATM 1601 O O     . HOH D 4 .   ? -3.395  20.201  -1.858  1.00 37.27 ? 300 HOH A O     1 
HETATM 1602 O O     . HOH D 4 .   ? 1.548   16.115  0.883   1.00 32.27 ? 301 HOH A O     1 
HETATM 1603 O O     . HOH D 4 .   ? -7.376  -11.208 16.603  1.00 27.84 ? 302 HOH A O     1 
HETATM 1604 O O     . HOH D 4 .   ? 14.114  -9.427  -5.194  1.00 35.54 ? 303 HOH A O     1 
HETATM 1605 O O     . HOH D 4 .   ? -3.568  -16.141 20.254  1.00 27.72 ? 304 HOH A O     1 
HETATM 1606 O O     . HOH D 4 .   ? -0.770  -2.125  -22.717 1.00 33.52 ? 305 HOH A O     1 
HETATM 1607 O O     . HOH D 4 .   ? 2.961   18.103  7.973   1.00 39.89 ? 306 HOH A O     1 
HETATM 1608 O O     . HOH D 4 .   ? -12.217 14.863  -0.438  1.00 40.76 ? 307 HOH A O     1 
HETATM 1609 O O     . HOH D 4 .   ? 19.278  -6.682  0.684   1.00 32.11 ? 308 HOH A O     1 
HETATM 1610 O O     . HOH D 4 .   ? -17.380 1.254   3.817   1.00 27.12 ? 309 HOH A O     1 
HETATM 1611 O O     . HOH D 4 .   ? 3.559   -2.199  -15.826 1.00 34.55 ? 310 HOH A O     1 
HETATM 1612 O O     . HOH D 4 .   ? -18.815 5.140   -0.182  1.00 38.02 ? 311 HOH A O     1 
HETATM 1613 O O     . HOH D 4 .   ? 9.535   -2.084  -20.870 1.00 34.61 ? 312 HOH A O     1 
HETATM 1614 O O     . HOH D 4 .   ? -3.849  17.917  8.257   1.00 36.44 ? 313 HOH A O     1 
HETATM 1615 O O     . HOH D 4 .   ? -8.853  -7.616  9.771   1.00 36.30 ? 314 HOH A O     1 
HETATM 1616 O O     . HOH D 4 .   ? 9.824   -12.643 -2.488  1.00 37.21 ? 315 HOH A O     1 
HETATM 1617 O O     . HOH D 4 .   ? 6.732   19.958  5.990   1.00 43.65 ? 316 HOH A O     1 
HETATM 1618 O O     . HOH D 4 .   ? 1.554   -11.999 18.177  1.00 31.62 ? 317 HOH A O     1 
HETATM 1619 O O     . HOH D 4 .   ? 3.750   -16.684 -8.814  1.00 35.50 ? 318 HOH A O     1 
HETATM 1620 O O     . HOH D 4 .   ? 0.046   6.078   12.091  1.00 33.21 ? 319 HOH A O     1 
HETATM 1621 O O     . HOH D 4 .   ? 9.784   -11.569 -8.125  1.00 31.65 ? 320 HOH A O     1 
HETATM 1622 O O     . HOH D 4 .   ? -2.940  2.899   -22.463 1.00 34.22 ? 321 HOH A O     1 
HETATM 1623 O O     . HOH D 4 .   ? 8.086   15.831  -6.310  1.00 31.96 ? 322 HOH A O     1 
HETATM 1624 O O     . HOH D 4 .   ? -5.853  -15.398 5.527   1.00 39.58 ? 323 HOH A O     1 
HETATM 1625 O O     . HOH D 4 .   ? -10.657 -12.103 -4.704  1.00 38.08 ? 324 HOH A O     1 
HETATM 1626 O O     . HOH D 4 .   ? -4.615  -10.940 -17.817 1.00 34.73 ? 325 HOH A O     1 
HETATM 1627 O O     . HOH D 4 .   ? 12.146  -9.110  17.511  1.00 38.20 ? 326 HOH A O     1 
HETATM 1628 O O     . HOH D 4 .   ? 6.898   9.126   -13.865 1.00 44.24 ? 327 HOH A O     1 
HETATM 1629 O O     . HOH D 4 .   ? -5.644  17.346  4.954   1.00 35.49 ? 328 HOH A O     1 
HETATM 1630 O O     . HOH D 4 .   ? -19.149 -0.345  -5.276  1.00 38.53 ? 329 HOH A O     1 
HETATM 1631 O O     . HOH D 4 .   ? 17.411  -7.692  4.946   1.00 63.44 ? 330 HOH A O     1 
HETATM 1632 O O     . HOH D 4 .   ? 11.708  -4.884  -10.041 1.00 41.00 ? 331 HOH A O     1 
HETATM 1633 O O     . HOH D 4 .   ? -13.095 5.288   13.001  1.00 31.00 ? 332 HOH A O     1 
HETATM 1634 O O     . HOH D 4 .   ? 4.387   20.450  6.879   1.00 36.69 ? 333 HOH A O     1 
HETATM 1635 O O     . HOH D 4 .   ? -12.884 -7.876  0.732   1.00 43.05 ? 334 HOH A O     1 
HETATM 1636 O O     . HOH D 4 .   ? -3.637  -13.499 2.504   1.00 38.94 ? 335 HOH A O     1 
HETATM 1637 O O     . HOH D 4 .   ? -10.347 -17.424 21.209  1.00 37.49 ? 336 HOH A O     1 
HETATM 1638 O O     . HOH D 4 .   ? -8.164  -4.363  10.232  1.00 39.98 ? 337 HOH A O     1 
HETATM 1639 O O     . HOH D 4 .   ? 8.609   -3.071  14.638  1.00 44.97 ? 338 HOH A O     1 
HETATM 1640 O O     . HOH D 4 .   ? 13.419  1.840   12.460  1.00 38.00 ? 339 HOH A O     1 
HETATM 1641 O O     . HOH D 4 .   ? -1.616  -16.683 -7.632  1.00 37.78 ? 340 HOH A O     1 
HETATM 1642 O O     . HOH D 4 .   ? 10.146  10.082  -8.907  1.00 35.92 ? 341 HOH A O     1 
HETATM 1643 O O     . HOH D 4 .   ? -19.010 4.204   9.786   1.00 42.89 ? 342 HOH A O     1 
HETATM 1644 O O     . HOH D 4 .   ? -17.632 9.653   -8.541  1.00 31.49 ? 343 HOH A O     1 
HETATM 1645 O O     . HOH D 4 .   ? 15.437  -8.332  13.284  1.00 35.62 ? 344 HOH A O     1 
HETATM 1646 O O     . HOH D 4 .   ? 20.696  -6.832  2.840   1.00 41.36 ? 345 HOH A O     1 
HETATM 1647 O O     . HOH D 4 .   ? 7.175   11.152  -2.471  1.00 33.66 ? 346 HOH A O     1 
HETATM 1648 O O     . HOH D 4 .   ? -4.573  -8.096  8.333   1.00 45.70 ? 347 HOH A O     1 
HETATM 1649 O O     . HOH D 4 .   ? -13.512 -17.296 13.602  1.00 39.03 ? 348 HOH A O     1 
HETATM 1650 O O     . HOH D 4 .   ? -15.721 14.918  2.449   1.00 55.07 ? 349 HOH A O     1 
HETATM 1651 O O     . HOH D 4 .   ? -3.924  13.621  12.794  1.00 38.56 ? 350 HOH A O     1 
HETATM 1652 O O     . HOH D 4 .   ? -10.913 3.387   9.793   1.00 33.35 ? 351 HOH A O     1 
HETATM 1653 O O     . HOH D 4 .   ? -15.091 -8.956  -11.042 1.00 45.28 ? 352 HOH A O     1 
HETATM 1654 O O     . HOH D 4 .   ? -4.188  13.025  -10.249 1.00 29.37 ? 353 HOH A O     1 
HETATM 1655 O O     . HOH D 4 .   ? 10.051  9.220   -4.977  1.00 27.00 ? 354 HOH A O     1 
HETATM 1656 O O     . HOH D 4 .   ? -4.829  -16.017 1.304   1.00 38.48 ? 355 HOH A O     1 
HETATM 1657 O O     . HOH D 4 .   ? -7.541  -9.856  -17.567 1.00 46.59 ? 356 HOH A O     1 
HETATM 1658 O O     . HOH D 4 .   ? 9.768   10.415  -12.181 1.00 39.78 ? 357 HOH A O     1 
HETATM 1659 O O     . HOH D 4 .   ? -5.569  -11.717 0.429   1.00 35.40 ? 358 HOH A O     1 
# 
loop_
_pdbx_poly_seq_scheme.asym_id 
_pdbx_poly_seq_scheme.entity_id 
_pdbx_poly_seq_scheme.seq_id 
_pdbx_poly_seq_scheme.mon_id 
_pdbx_poly_seq_scheme.ndb_seq_num 
_pdbx_poly_seq_scheme.pdb_seq_num 
_pdbx_poly_seq_scheme.auth_seq_num 
_pdbx_poly_seq_scheme.pdb_mon_id 
_pdbx_poly_seq_scheme.auth_mon_id 
_pdbx_poly_seq_scheme.pdb_strand_id 
_pdbx_poly_seq_scheme.pdb_ins_code 
_pdbx_poly_seq_scheme.hetero 
A 1 1   ASN 1   1   ?   ?   ?   A . n 
A 1 2   TYR 2   2   2   TYR TYR A . n 
A 1 3   ARG 3   3   3   ARG ARG A . n 
A 1 4   SER 4   4   4   SER SER A . n 
A 1 5   ARG 5   5   5   ARG ARG A . n 
A 1 6   ALA 6   6   6   ALA ALA A . n 
A 1 7   ALA 7   7   7   ALA ALA A . n 
A 1 8   TYR 8   8   8   TYR TYR A . n 
A 1 9   LYS 9   9   9   LYS LYS A . n 
A 1 10  LEU 10  10  10  LEU LEU A . n 
A 1 11  ILE 11  11  11  ILE ILE A . n 
A 1 12  GLU 12  12  12  GLU GLU A . n 
A 1 13  LEU 13  13  13  LEU LEU A . n 
A 1 14  ASP 14  14  14  ASP ASP A . n 
A 1 15  ASN 15  15  15  ASN ASN A . n 
A 1 16  LYS 16  16  16  LYS LYS A . n 
A 1 17  TYR 17  17  17  TYR TYR A . n 
A 1 18  LEU 18  18  18  LEU LEU A . n 
A 1 19  PHE 19  19  19  PHE PHE A . n 
A 1 20  LEU 20  20  20  LEU LEU A . n 
A 1 21  LYS 21  21  21  LYS LYS A . n 
A 1 22  LYS 22  22  22  LYS LYS A . n 
A 1 23  ASN 23  23  23  ASN ASN A . n 
A 1 24  LYS 24  24  24  LYS LYS A . n 
A 1 25  ILE 25  25  25  ILE ILE A . n 
A 1 26  ILE 26  26  26  ILE ILE A . n 
A 1 27  LEU 27  27  27  LEU LEU A . n 
A 1 28  ASP 28  28  28  ASP ASP A . n 
A 1 29  ILE 29  29  29  ILE ILE A . n 
A 1 30  GLY 30  30  30  GLY GLY A . n 
A 1 31  CYS 31  31  31  CYS CYS A . n 
A 1 32  TYR 32  32  32  TYR TYR A . n 
A 1 33  PRO 33  33  33  PRO PRO A . n 
A 1 34  GLY 34  34  34  GLY GLY A . n 
A 1 35  SER 35  35  35  SER SER A . n 
A 1 36  TRP 36  36  36  TRP TRP A . n 
A 1 37  CYS 37  37  37  CYS CYS A . n 
A 1 38  GLN 38  38  38  GLN GLN A . n 
A 1 39  VAL 39  39  39  VAL VAL A . n 
A 1 40  ILE 40  40  40  ILE ILE A . n 
A 1 41  LEU 41  41  41  LEU LEU A . n 
A 1 42  GLU 42  42  42  GLU GLU A . n 
A 1 43  ARG 43  43  43  ARG ARG A . n 
A 1 44  THR 44  44  44  THR THR A . n 
A 1 45  LYS 45  45  45  LYS LYS A . n 
A 1 46  ASN 46  46  46  ASN ASN A . n 
A 1 47  TYR 47  47  47  TYR TYR A . n 
A 1 48  LYS 48  48  48  LYS LYS A . n 
A 1 49  ASN 49  49  49  ASN ASN A . n 
A 1 50  LYS 50  50  50  LYS LYS A . n 
A 1 51  ILE 51  51  51  ILE ILE A . n 
A 1 52  ILE 52  52  52  ILE ILE A . n 
A 1 53  GLY 53  53  53  GLY GLY A . n 
A 1 54  ILE 54  54  54  ILE ILE A . n 
A 1 55  ASP 55  55  55  ASP ASP A . n 
A 1 56  LYS 56  56  56  LYS LYS A . n 
A 1 57  LYS 57  57  57  LYS LYS A . n 
A 1 58  ILE 58  58  58  ILE ILE A . n 
A 1 59  MET 59  59  59  MET MET A . n 
A 1 60  ASP 60  60  60  ASP ASP A . n 
A 1 61  PRO 61  61  61  PRO PRO A . n 
A 1 62  ILE 62  62  62  ILE ILE A . n 
A 1 63  PRO 63  63  63  PRO PRO A . n 
A 1 64  ASN 64  64  64  ASN ASN A . n 
A 1 65  VAL 65  65  65  VAL VAL A . n 
A 1 66  TYR 66  66  66  TYR TYR A . n 
A 1 67  PHE 67  67  67  PHE PHE A . n 
A 1 68  ILE 68  68  68  ILE ILE A . n 
A 1 69  GLN 69  69  69  GLN GLN A . n 
A 1 70  GLY 70  70  70  GLY GLY A . n 
A 1 71  GLU 71  71  71  GLU GLU A . n 
A 1 72  ILE 72  72  72  ILE ILE A . n 
A 1 73  GLY 73  73  73  GLY GLY A . n 
A 1 74  LYS 74  74  74  LYS LYS A . n 
A 1 75  ASP 75  75  75  ASP ASP A . n 
A 1 76  ASN 76  76  76  ASN ASN A . n 
A 1 77  MET 77  77  77  MET MET A . n 
A 1 78  ASN 78  78  78  ASN ASN A . n 
A 1 79  ASN 79  79  79  ASN ASN A . n 
A 1 80  ILE 80  80  80  ILE ILE A . n 
A 1 81  LYS 81  81  ?   ?   ?   A . n 
A 1 82  ASN 82  82  ?   ?   ?   A . n 
A 1 83  ILE 83  83  ?   ?   ?   A . n 
A 1 84  ASN 84  84  ?   ?   ?   A . n 
A 1 85  TYR 85  85  ?   ?   ?   A . n 
A 1 86  ILE 86  86  ?   ?   ?   A . n 
A 1 87  ASP 87  87  ?   ?   ?   A . n 
A 1 88  ASN 88  88  ?   ?   ?   A . n 
A 1 89  MET 89  89  ?   ?   ?   A . n 
A 1 90  ASN 90  90  ?   ?   ?   A . n 
A 1 91  ASN 91  91  ?   ?   ?   A . n 
A 1 92  ASN 92  92  92  ASN ASN A . n 
A 1 93  SER 93  93  93  SER SER A . n 
A 1 94  VAL 94  94  94  VAL VAL A . n 
A 1 95  ASP 95  95  95  ASP ASP A . n 
A 1 96  TYR 96  96  96  TYR TYR A . n 
A 1 97  LYS 97  97  97  LYS LYS A . n 
A 1 98  LEU 98  98  98  LEU LEU A . n 
A 1 99  LYS 99  99  99  LYS LYS A . n 
A 1 100 GLU 100 100 100 GLU GLU A . n 
A 1 101 ILE 101 101 101 ILE ILE A . n 
A 1 102 LEU 102 102 102 LEU LEU A . n 
A 1 103 GLN 103 103 103 GLN GLN A . n 
A 1 104 ASP 104 104 104 ASP ASP A . n 
A 1 105 LYS 105 105 105 LYS LYS A . n 
A 1 106 LYS 106 106 106 LYS LYS A . n 
A 1 107 ILE 107 107 107 ILE ILE A . n 
A 1 108 ASP 108 108 108 ASP ASP A . n 
A 1 109 ILE 109 109 109 ILE ILE A . n 
A 1 110 ILE 110 110 110 ILE ILE A . n 
A 1 111 LEU 111 111 111 LEU LEU A . n 
A 1 112 SER 112 112 112 SER SER A . n 
A 1 113 ASP 113 113 113 ASP ASP A . n 
A 1 114 ALA 114 114 114 ALA ALA A . n 
A 1 115 ALA 115 115 115 ALA ALA A . n 
A 1 116 VAL 116 116 116 VAL VAL A . n 
A 1 117 PRO 117 117 117 PRO PRO A . n 
A 1 118 CYS 118 118 118 CYS CYS A . n 
A 1 119 ILE 119 119 119 ILE ILE A . n 
A 1 120 GLY 120 120 120 GLY GLY A . n 
A 1 121 ASN 121 121 121 ASN ASN A . n 
A 1 122 LYS 122 122 122 LYS LYS A . n 
A 1 123 ILE 123 123 123 ILE ILE A . n 
A 1 124 ASP 124 124 124 ASP ASP A . n 
A 1 125 ASP 125 125 125 ASP ASP A . n 
A 1 126 HIS 126 126 126 HIS HIS A . n 
A 1 127 LEU 127 127 127 LEU LEU A . n 
A 1 128 ASN 128 128 128 ASN ASN A . n 
A 1 129 SER 129 129 129 SER SER A . n 
A 1 130 CYS 130 130 130 CYS CYS A . n 
A 1 131 GLU 131 131 131 GLU GLU A . n 
A 1 132 LEU 132 132 132 LEU LEU A . n 
A 1 133 THR 133 133 133 THR THR A . n 
A 1 134 LEU 134 134 134 LEU LEU A . n 
A 1 135 SER 135 135 135 SER SER A . n 
A 1 136 ILE 136 136 136 ILE ILE A . n 
A 1 137 THR 137 137 137 THR THR A . n 
A 1 138 HIS 138 138 138 HIS HIS A . n 
A 1 139 PHE 139 139 139 PHE PHE A . n 
A 1 140 MET 140 140 140 MET MET A . n 
A 1 141 GLU 141 141 141 GLU GLU A . n 
A 1 142 GLN 142 142 142 GLN GLN A . n 
A 1 143 TYR 143 143 143 TYR TYR A . n 
A 1 144 ILE 144 144 144 ILE ILE A . n 
A 1 145 ASN 145 145 145 ASN ASN A . n 
A 1 146 ILE 146 146 146 ILE ILE A . n 
A 1 147 GLY 147 147 147 GLY GLY A . n 
A 1 148 GLY 148 148 148 GLY GLY A . n 
A 1 149 THR 149 149 149 THR THR A . n 
A 1 150 TYR 150 150 150 TYR TYR A . n 
A 1 151 ILE 151 151 151 ILE ILE A . n 
A 1 152 VAL 152 152 152 VAL VAL A . n 
A 1 153 LYS 153 153 153 LYS LYS A . n 
A 1 154 MET 154 154 154 MET MET A . n 
A 1 155 TYR 155 155 155 TYR TYR A . n 
A 1 156 LEU 156 156 156 LEU LEU A . n 
A 1 157 GLY 157 157 157 GLY GLY A . n 
A 1 158 SER 158 158 158 SER SER A . n 
A 1 159 GLN 159 159 159 GLN GLN A . n 
A 1 160 THR 160 160 160 THR THR A . n 
A 1 161 ASN 161 161 161 ASN ASN A . n 
A 1 162 ASN 162 162 162 ASN ASN A . n 
A 1 163 LEU 163 163 163 LEU LEU A . n 
A 1 164 LYS 164 164 164 LYS LYS A . n 
A 1 165 THR 165 165 165 THR THR A . n 
A 1 166 TYR 166 166 166 TYR TYR A . n 
A 1 167 LEU 167 167 167 LEU LEU A . n 
A 1 168 LYS 168 168 168 LYS LYS A . n 
A 1 169 GLY 169 169 169 GLY GLY A . n 
A 1 170 MET 170 170 170 MET MET A . n 
A 1 171 PHE 171 171 171 PHE PHE A . n 
A 1 172 GLN 172 172 172 GLN GLN A . n 
A 1 173 LEU 173 173 173 LEU LEU A . n 
A 1 174 VAL 174 174 174 VAL VAL A . n 
A 1 175 HIS 175 175 175 HIS HIS A . n 
A 1 176 THR 176 176 176 THR THR A . n 
A 1 177 THR 177 177 177 THR THR A . n 
A 1 178 LYS 178 178 178 LYS LYS A . n 
A 1 179 PRO 179 179 179 PRO PRO A . n 
A 1 180 LYS 180 180 180 LYS LYS A . n 
A 1 181 ALA 181 181 ?   ?   ?   A . n 
A 1 182 SER 182 182 ?   ?   ?   A . n 
A 1 183 ARG 183 183 ?   ?   ?   A . n 
A 1 184 ASN 184 184 ?   ?   ?   A . n 
A 1 185 GLU 185 185 ?   ?   ?   A . n 
A 1 186 SER 186 186 186 SER SER A . n 
A 1 187 ARG 187 187 187 ARG ARG A . n 
A 1 188 GLU 188 188 188 GLU GLU A . n 
A 1 189 ILE 189 189 189 ILE ILE A . n 
A 1 190 TYR 190 190 190 TYR TYR A . n 
A 1 191 LEU 191 191 191 LEU LEU A . n 
A 1 192 VAL 192 192 192 VAL VAL A . n 
A 1 193 CYS 193 193 193 CYS CYS A . n 
A 1 194 LYS 194 194 194 LYS LYS A . n 
A 1 195 ASN 195 195 195 ASN ASN A . n 
A 1 196 PHE 196 196 196 PHE PHE A . n 
A 1 197 LEU 197 197 197 LEU LEU A . n 
A 1 198 GLY 198 198 198 GLY GLY A . n 
A 1 199 ARG 199 199 199 ARG ARG A . n 
A 1 200 LYS 200 200 ?   ?   ?   A . n 
A 1 201 LYS 201 201 ?   ?   ?   A . n 
# 
_pdbx_SG_project.id                    1 
_pdbx_SG_project.project_name          ? 
_pdbx_SG_project.full_name_of_center   'Structural Genomics Consortium' 
_pdbx_SG_project.initial_of_center     SGC 
# 
loop_
_pdbx_nonpoly_scheme.asym_id 
_pdbx_nonpoly_scheme.entity_id 
_pdbx_nonpoly_scheme.mon_id 
_pdbx_nonpoly_scheme.ndb_seq_num 
_pdbx_nonpoly_scheme.pdb_seq_num 
_pdbx_nonpoly_scheme.auth_seq_num 
_pdbx_nonpoly_scheme.pdb_mon_id 
_pdbx_nonpoly_scheme.auth_mon_id 
_pdbx_nonpoly_scheme.pdb_strand_id 
_pdbx_nonpoly_scheme.pdb_ins_code 
B 2 SO4 1   202 2   SO4 SO4 A . 
C 3 SAM 1   203 1   SAM SAM A . 
D 4 HOH 1   204 3   HOH HOH A . 
D 4 HOH 2   205 7   HOH HOH A . 
D 4 HOH 3   206 9   HOH HOH A . 
D 4 HOH 4   207 10  HOH HOH A . 
D 4 HOH 5   208 11  HOH HOH A . 
D 4 HOH 6   209 13  HOH HOH A . 
D 4 HOH 7   210 15  HOH HOH A . 
D 4 HOH 8   211 16  HOH HOH A . 
D 4 HOH 9   212 17  HOH HOH A . 
D 4 HOH 10  213 18  HOH HOH A . 
D 4 HOH 11  214 22  HOH HOH A . 
D 4 HOH 12  215 24  HOH HOH A . 
D 4 HOH 13  216 26  HOH HOH A . 
D 4 HOH 14  217 30  HOH HOH A . 
D 4 HOH 15  218 31  HOH HOH A . 
D 4 HOH 16  219 33  HOH HOH A . 
D 4 HOH 17  220 35  HOH HOH A . 
D 4 HOH 18  221 36  HOH HOH A . 
D 4 HOH 19  222 38  HOH HOH A . 
D 4 HOH 20  223 39  HOH HOH A . 
D 4 HOH 21  224 40  HOH HOH A . 
D 4 HOH 22  225 41  HOH HOH A . 
D 4 HOH 23  226 44  HOH HOH A . 
D 4 HOH 24  227 45  HOH HOH A . 
D 4 HOH 25  228 46  HOH HOH A . 
D 4 HOH 26  229 48  HOH HOH A . 
D 4 HOH 27  230 49  HOH HOH A . 
D 4 HOH 28  231 51  HOH HOH A . 
D 4 HOH 29  232 52  HOH HOH A . 
D 4 HOH 30  233 53  HOH HOH A . 
D 4 HOH 31  234 54  HOH HOH A . 
D 4 HOH 32  235 55  HOH HOH A . 
D 4 HOH 33  236 56  HOH HOH A . 
D 4 HOH 34  237 57  HOH HOH A . 
D 4 HOH 35  238 58  HOH HOH A . 
D 4 HOH 36  239 60  HOH HOH A . 
D 4 HOH 37  240 61  HOH HOH A . 
D 4 HOH 38  241 64  HOH HOH A . 
D 4 HOH 39  242 65  HOH HOH A . 
D 4 HOH 40  243 66  HOH HOH A . 
D 4 HOH 41  244 67  HOH HOH A . 
D 4 HOH 42  245 69  HOH HOH A . 
D 4 HOH 43  246 71  HOH HOH A . 
D 4 HOH 44  247 72  HOH HOH A . 
D 4 HOH 45  248 73  HOH HOH A . 
D 4 HOH 46  249 75  HOH HOH A . 
D 4 HOH 47  250 76  HOH HOH A . 
D 4 HOH 48  251 77  HOH HOH A . 
D 4 HOH 49  252 78  HOH HOH A . 
D 4 HOH 50  253 80  HOH HOH A . 
D 4 HOH 51  254 82  HOH HOH A . 
D 4 HOH 52  255 84  HOH HOH A . 
D 4 HOH 53  256 86  HOH HOH A . 
D 4 HOH 54  257 87  HOH HOH A . 
D 4 HOH 55  258 88  HOH HOH A . 
D 4 HOH 56  259 89  HOH HOH A . 
D 4 HOH 57  260 90  HOH HOH A . 
D 4 HOH 58  261 92  HOH HOH A . 
D 4 HOH 59  262 93  HOH HOH A . 
D 4 HOH 60  263 94  HOH HOH A . 
D 4 HOH 61  264 95  HOH HOH A . 
D 4 HOH 62  265 96  HOH HOH A . 
D 4 HOH 63  266 97  HOH HOH A . 
D 4 HOH 64  267 98  HOH HOH A . 
D 4 HOH 65  268 100 HOH HOH A . 
D 4 HOH 66  269 102 HOH HOH A . 
D 4 HOH 67  270 105 HOH HOH A . 
D 4 HOH 68  271 107 HOH HOH A . 
D 4 HOH 69  272 108 HOH HOH A . 
D 4 HOH 70  273 109 HOH HOH A . 
D 4 HOH 71  274 110 HOH HOH A . 
D 4 HOH 72  275 111 HOH HOH A . 
D 4 HOH 73  276 112 HOH HOH A . 
D 4 HOH 74  277 113 HOH HOH A . 
D 4 HOH 75  278 114 HOH HOH A . 
D 4 HOH 76  279 115 HOH HOH A . 
D 4 HOH 77  280 116 HOH HOH A . 
D 4 HOH 78  281 117 HOH HOH A . 
D 4 HOH 79  282 118 HOH HOH A . 
D 4 HOH 80  283 119 HOH HOH A . 
D 4 HOH 81  284 121 HOH HOH A . 
D 4 HOH 82  285 123 HOH HOH A . 
D 4 HOH 83  286 124 HOH HOH A . 
D 4 HOH 84  287 126 HOH HOH A . 
D 4 HOH 85  288 127 HOH HOH A . 
D 4 HOH 86  289 128 HOH HOH A . 
D 4 HOH 87  290 130 HOH HOH A . 
D 4 HOH 88  291 133 HOH HOH A . 
D 4 HOH 89  292 134 HOH HOH A . 
D 4 HOH 90  293 135 HOH HOH A . 
D 4 HOH 91  294 136 HOH HOH A . 
D 4 HOH 92  295 138 HOH HOH A . 
D 4 HOH 93  296 139 HOH HOH A . 
D 4 HOH 94  297 140 HOH HOH A . 
D 4 HOH 95  298 142 HOH HOH A . 
D 4 HOH 96  299 143 HOH HOH A . 
D 4 HOH 97  300 144 HOH HOH A . 
D 4 HOH 98  301 145 HOH HOH A . 
D 4 HOH 99  302 146 HOH HOH A . 
D 4 HOH 100 303 148 HOH HOH A . 
D 4 HOH 101 304 151 HOH HOH A . 
D 4 HOH 102 305 152 HOH HOH A . 
D 4 HOH 103 306 153 HOH HOH A . 
D 4 HOH 104 307 155 HOH HOH A . 
D 4 HOH 105 308 156 HOH HOH A . 
D 4 HOH 106 309 157 HOH HOH A . 
D 4 HOH 107 310 158 HOH HOH A . 
D 4 HOH 108 311 160 HOH HOH A . 
D 4 HOH 109 312 161 HOH HOH A . 
D 4 HOH 110 313 163 HOH HOH A . 
D 4 HOH 111 314 164 HOH HOH A . 
D 4 HOH 112 315 166 HOH HOH A . 
D 4 HOH 113 316 167 HOH HOH A . 
D 4 HOH 114 317 168 HOH HOH A . 
D 4 HOH 115 318 169 HOH HOH A . 
D 4 HOH 116 319 170 HOH HOH A . 
D 4 HOH 117 320 173 HOH HOH A . 
D 4 HOH 118 321 175 HOH HOH A . 
D 4 HOH 119 322 176 HOH HOH A . 
D 4 HOH 120 323 177 HOH HOH A . 
D 4 HOH 121 324 178 HOH HOH A . 
D 4 HOH 122 325 179 HOH HOH A . 
D 4 HOH 123 326 182 HOH HOH A . 
D 4 HOH 124 327 183 HOH HOH A . 
D 4 HOH 125 328 184 HOH HOH A . 
D 4 HOH 126 329 185 HOH HOH A . 
D 4 HOH 127 330 187 HOH HOH A . 
D 4 HOH 128 331 188 HOH HOH A . 
D 4 HOH 129 332 189 HOH HOH A . 
D 4 HOH 130 333 190 HOH HOH A . 
D 4 HOH 131 334 191 HOH HOH A . 
D 4 HOH 132 335 193 HOH HOH A . 
D 4 HOH 133 336 194 HOH HOH A . 
D 4 HOH 134 337 195 HOH HOH A . 
D 4 HOH 135 338 196 HOH HOH A . 
D 4 HOH 136 339 197 HOH HOH A . 
D 4 HOH 137 340 198 HOH HOH A . 
D 4 HOH 138 341 199 HOH HOH A . 
D 4 HOH 139 342 200 HOH HOH A . 
D 4 HOH 140 343 201 HOH HOH A . 
D 4 HOH 141 344 202 HOH HOH A . 
D 4 HOH 142 345 203 HOH HOH A . 
D 4 HOH 143 346 208 HOH HOH A . 
D 4 HOH 144 347 211 HOH HOH A . 
D 4 HOH 145 348 213 HOH HOH A . 
D 4 HOH 146 349 214 HOH HOH A . 
D 4 HOH 147 350 215 HOH HOH A . 
D 4 HOH 148 351 216 HOH HOH A . 
D 4 HOH 149 352 221 HOH HOH A . 
D 4 HOH 150 353 222 HOH HOH A . 
D 4 HOH 151 354 224 HOH HOH A . 
D 4 HOH 152 355 225 HOH HOH A . 
D 4 HOH 153 356 226 HOH HOH A . 
D 4 HOH 154 357 227 HOH HOH A . 
D 4 HOH 155 358 228 HOH HOH A . 
# 
_pdbx_struct_assembly.id                   1 
_pdbx_struct_assembly.details              author_defined_assembly 
_pdbx_struct_assembly.method_details       ? 
_pdbx_struct_assembly.oligomeric_details   monomeric 
_pdbx_struct_assembly.oligomeric_count     1 
# 
_pdbx_struct_assembly_gen.assembly_id       1 
_pdbx_struct_assembly_gen.oper_expression   1 
_pdbx_struct_assembly_gen.asym_id_list      A,B,C,D 
# 
_pdbx_struct_oper_list.id                   1 
_pdbx_struct_oper_list.type                 'identity operation' 
_pdbx_struct_oper_list.name                 1_555 
_pdbx_struct_oper_list.symmetry_operation   x,y,z 
_pdbx_struct_oper_list.matrix[1][1]         1.0000000000 
_pdbx_struct_oper_list.matrix[1][2]         0.0000000000 
_pdbx_struct_oper_list.matrix[1][3]         0.0000000000 
_pdbx_struct_oper_list.vector[1]            0.0000000000 
_pdbx_struct_oper_list.matrix[2][1]         0.0000000000 
_pdbx_struct_oper_list.matrix[2][2]         1.0000000000 
_pdbx_struct_oper_list.matrix[2][3]         0.0000000000 
_pdbx_struct_oper_list.vector[2]            0.0000000000 
_pdbx_struct_oper_list.matrix[3][1]         0.0000000000 
_pdbx_struct_oper_list.matrix[3][2]         0.0000000000 
_pdbx_struct_oper_list.matrix[3][3]         1.0000000000 
_pdbx_struct_oper_list.vector[3]            0.0000000000 
# 
loop_
_pdbx_audit_revision_history.ordinal 
_pdbx_audit_revision_history.data_content_type 
_pdbx_audit_revision_history.major_revision 
_pdbx_audit_revision_history.minor_revision 
_pdbx_audit_revision_history.revision_date 
1 'Structure model' 1 0 2007-05-08 
2 'Structure model' 1 1 2008-05-01 
3 'Structure model' 1 2 2011-07-13 
4 'Structure model' 1 3 2017-10-18 
5 'Structure model' 1 4 2023-08-30 
# 
_pdbx_audit_revision_details.ordinal             1 
_pdbx_audit_revision_details.revision_ordinal    1 
_pdbx_audit_revision_details.data_content_type   'Structure model' 
_pdbx_audit_revision_details.provider            repository 
_pdbx_audit_revision_details.type                'Initial release' 
_pdbx_audit_revision_details.description         ? 
_pdbx_audit_revision_details.details             ? 
# 
loop_
_pdbx_audit_revision_group.ordinal 
_pdbx_audit_revision_group.revision_ordinal 
_pdbx_audit_revision_group.data_content_type 
_pdbx_audit_revision_group.group 
1 2 'Structure model' 'Version format compliance' 
2 3 'Structure model' 'Source and taxonomy'       
3 3 'Structure model' 'Version format compliance' 
4 4 'Structure model' 'Refinement description'    
5 5 'Structure model' 'Data collection'           
6 5 'Structure model' 'Database references'       
7 5 'Structure model' 'Derived calculations'      
8 5 'Structure model' 'Refinement description'    
# 
loop_
_pdbx_audit_revision_category.ordinal 
_pdbx_audit_revision_category.revision_ordinal 
_pdbx_audit_revision_category.data_content_type 
_pdbx_audit_revision_category.category 
1 4 'Structure model' software                      
2 5 'Structure model' chem_comp_atom                
3 5 'Structure model' chem_comp_bond                
4 5 'Structure model' database_2                    
5 5 'Structure model' pdbx_initial_refinement_model 
6 5 'Structure model' struct_site                   
# 
loop_
_pdbx_audit_revision_item.ordinal 
_pdbx_audit_revision_item.revision_ordinal 
_pdbx_audit_revision_item.data_content_type 
_pdbx_audit_revision_item.item 
1  4 'Structure model' '_software.classification'            
2  4 'Structure model' '_software.contact_author'            
3  4 'Structure model' '_software.contact_author_email'      
4  4 'Structure model' '_software.date'                      
5  4 'Structure model' '_software.language'                  
6  4 'Structure model' '_software.location'                  
7  4 'Structure model' '_software.name'                      
8  4 'Structure model' '_software.type'                      
9  4 'Structure model' '_software.version'                   
10 5 'Structure model' '_database_2.pdbx_DOI'                
11 5 'Structure model' '_database_2.pdbx_database_accession' 
12 5 'Structure model' '_struct_site.pdbx_auth_asym_id'      
13 5 'Structure model' '_struct_site.pdbx_auth_comp_id'      
14 5 'Structure model' '_struct_site.pdbx_auth_seq_id'       
# 
_pdbx_phasing_MR.entry_id                     2PLW 
_pdbx_phasing_MR.method_rotation              ? 
_pdbx_phasing_MR.method_translation           ? 
_pdbx_phasing_MR.model_details                ? 
_pdbx_phasing_MR.R_factor                     ? 
_pdbx_phasing_MR.R_rigid_body                 ? 
_pdbx_phasing_MR.correlation_coeff_Fo_to_Fc   ? 
_pdbx_phasing_MR.correlation_coeff_Io_to_Ic   ? 
_pdbx_phasing_MR.d_res_high_rotation          2.500 
_pdbx_phasing_MR.d_res_low_rotation           45.820 
_pdbx_phasing_MR.d_res_high_translation       2.500 
_pdbx_phasing_MR.d_res_low_translation        45.820 
_pdbx_phasing_MR.packing                      ? 
_pdbx_phasing_MR.reflns_percent_rotation      ? 
_pdbx_phasing_MR.reflns_percent_translation   ? 
_pdbx_phasing_MR.sigma_F_rotation             ? 
_pdbx_phasing_MR.sigma_F_translation          ? 
_pdbx_phasing_MR.sigma_I_rotation             ? 
_pdbx_phasing_MR.sigma_I_translation          ? 
# 
loop_
_software.name 
_software.version 
_software.date 
_software.type 
_software.contact_author 
_software.contact_author_email 
_software.classification 
_software.location 
_software.language 
_software.citation_id 
_software.pdbx_ordinal 
DENZO       .     ?                package 'Zbyszek Otwinowski' zbyszek@mix.swmed.edu       'data reduction'  
http://www.lnls.br/infra/linhasluz/denzo-hkl.htm ?          ? 1 
SCALEPACK   .     ?                package 'Zbyszek Otwinowski' zbyszek@mix.swmed.edu       'data scaling'    
http://www.lnls.br/infra/linhasluz/denzo-hkl.htm ?          ? 2 
PHASER      .     ?                other   'R. J. Read'         cimr-phaser@lists.cam.ac.uk phasing           
http://www-structmed.cimr.cam.ac.uk/phaser/      ?          ? 3 
REFMAC      .     ?                program 'Murshudov, G.N.'    ccp4@dl.ac.uk               refinement        
http://www.ccp4.ac.uk/main.html                  Fortran_77 ? 4 
PDB_EXTRACT 2.000 'April. 3, 2006' package PDB                  sw-help@rcsb.rutgers.edu    'data extraction' 
http://pdb.rutgers.edu/software/                 C++        ? 5 
HKL-2000    .     ?                ?       ?                    ?                           'data collection' ? ?          ? 6 
HKL-2000    .     ?                ?       ?                    ?                           'data reduction'  ? ?          ? 7 
# 
_pdbx_validate_symm_contact.id                1 
_pdbx_validate_symm_contact.PDB_model_num     1 
_pdbx_validate_symm_contact.auth_atom_id_1    ND2 
_pdbx_validate_symm_contact.auth_asym_id_1    A 
_pdbx_validate_symm_contact.auth_comp_id_1    ASN 
_pdbx_validate_symm_contact.auth_seq_id_1     92 
_pdbx_validate_symm_contact.PDB_ins_code_1    ? 
_pdbx_validate_symm_contact.label_alt_id_1    ? 
_pdbx_validate_symm_contact.site_symmetry_1   1_555 
_pdbx_validate_symm_contact.auth_atom_id_2    O 
_pdbx_validate_symm_contact.auth_asym_id_2    A 
_pdbx_validate_symm_contact.auth_comp_id_2    ARG 
_pdbx_validate_symm_contact.auth_seq_id_2     199 
_pdbx_validate_symm_contact.PDB_ins_code_2    ? 
_pdbx_validate_symm_contact.label_alt_id_2    ? 
_pdbx_validate_symm_contact.site_symmetry_2   4_555 
_pdbx_validate_symm_contact.dist              2.18 
# 
_pdbx_validate_rmsd_angle.id                         1 
_pdbx_validate_rmsd_angle.PDB_model_num              1 
_pdbx_validate_rmsd_angle.auth_atom_id_1             CA 
_pdbx_validate_rmsd_angle.auth_asym_id_1             A 
_pdbx_validate_rmsd_angle.auth_comp_id_1             LEU 
_pdbx_validate_rmsd_angle.auth_seq_id_1              173 
_pdbx_validate_rmsd_angle.PDB_ins_code_1             ? 
_pdbx_validate_rmsd_angle.label_alt_id_1             ? 
_pdbx_validate_rmsd_angle.auth_atom_id_2             CB 
_pdbx_validate_rmsd_angle.auth_asym_id_2             A 
_pdbx_validate_rmsd_angle.auth_comp_id_2             LEU 
_pdbx_validate_rmsd_angle.auth_seq_id_2              173 
_pdbx_validate_rmsd_angle.PDB_ins_code_2             ? 
_pdbx_validate_rmsd_angle.label_alt_id_2             ? 
_pdbx_validate_rmsd_angle.auth_atom_id_3             CG 
_pdbx_validate_rmsd_angle.auth_asym_id_3             A 
_pdbx_validate_rmsd_angle.auth_comp_id_3             LEU 
_pdbx_validate_rmsd_angle.auth_seq_id_3              173 
_pdbx_validate_rmsd_angle.PDB_ins_code_3             ? 
_pdbx_validate_rmsd_angle.label_alt_id_3             ? 
_pdbx_validate_rmsd_angle.angle_value                131.74 
_pdbx_validate_rmsd_angle.angle_target_value         115.30 
_pdbx_validate_rmsd_angle.angle_deviation            16.44 
_pdbx_validate_rmsd_angle.angle_standard_deviation   2.30 
_pdbx_validate_rmsd_angle.linker_flag                N 
# 
loop_
_pdbx_validate_torsion.id 
_pdbx_validate_torsion.PDB_model_num 
_pdbx_validate_torsion.auth_comp_id 
_pdbx_validate_torsion.auth_asym_id 
_pdbx_validate_torsion.auth_seq_id 
_pdbx_validate_torsion.PDB_ins_code 
_pdbx_validate_torsion.label_alt_id 
_pdbx_validate_torsion.phi 
_pdbx_validate_torsion.psi 
1 1 LEU A 18  ? ? 41.20   72.26   
2 1 LYS A 74  ? ? -135.42 -58.00  
3 1 GLN A 103 ? ? 54.77   -104.90 
4 1 ASN A 195 ? ? 70.62   76.34   
# 
loop_
_pdbx_unobs_or_zero_occ_atoms.id 
_pdbx_unobs_or_zero_occ_atoms.PDB_model_num 
_pdbx_unobs_or_zero_occ_atoms.polymer_flag 
_pdbx_unobs_or_zero_occ_atoms.occupancy_flag 
_pdbx_unobs_or_zero_occ_atoms.auth_asym_id 
_pdbx_unobs_or_zero_occ_atoms.auth_comp_id 
_pdbx_unobs_or_zero_occ_atoms.auth_seq_id 
_pdbx_unobs_or_zero_occ_atoms.PDB_ins_code 
_pdbx_unobs_or_zero_occ_atoms.auth_atom_id 
_pdbx_unobs_or_zero_occ_atoms.label_alt_id 
_pdbx_unobs_or_zero_occ_atoms.label_asym_id 
_pdbx_unobs_or_zero_occ_atoms.label_comp_id 
_pdbx_unobs_or_zero_occ_atoms.label_seq_id 
_pdbx_unobs_or_zero_occ_atoms.label_atom_id 
1 1 Y 1 A LYS 45 ? CG  ? A LYS 45 CG  
2 1 Y 1 A LYS 45 ? CD  ? A LYS 45 CD  
3 1 Y 1 A LYS 45 ? CE  ? A LYS 45 CE  
4 1 Y 1 A LYS 45 ? NZ  ? A LYS 45 NZ  
5 1 Y 1 A ILE 80 ? CG1 ? A ILE 80 CG1 
6 1 Y 1 A ILE 80 ? CG2 ? A ILE 80 CG2 
7 1 Y 1 A ILE 80 ? CD1 ? A ILE 80 CD1 
# 
loop_
_pdbx_unobs_or_zero_occ_residues.id 
_pdbx_unobs_or_zero_occ_residues.PDB_model_num 
_pdbx_unobs_or_zero_occ_residues.polymer_flag 
_pdbx_unobs_or_zero_occ_residues.occupancy_flag 
_pdbx_unobs_or_zero_occ_residues.auth_asym_id 
_pdbx_unobs_or_zero_occ_residues.auth_comp_id 
_pdbx_unobs_or_zero_occ_residues.auth_seq_id 
_pdbx_unobs_or_zero_occ_residues.PDB_ins_code 
_pdbx_unobs_or_zero_occ_residues.label_asym_id 
_pdbx_unobs_or_zero_occ_residues.label_comp_id 
_pdbx_unobs_or_zero_occ_residues.label_seq_id 
1  1 Y 1 A ASN 1   ? A ASN 1   
2  1 Y 1 A LYS 81  ? A LYS 81  
3  1 Y 1 A ASN 82  ? A ASN 82  
4  1 Y 1 A ILE 83  ? A ILE 83  
5  1 Y 1 A ASN 84  ? A ASN 84  
6  1 Y 1 A TYR 85  ? A TYR 85  
7  1 Y 1 A ILE 86  ? A ILE 86  
8  1 Y 1 A ASP 87  ? A ASP 87  
9  1 Y 1 A ASN 88  ? A ASN 88  
10 1 Y 1 A MET 89  ? A MET 89  
11 1 Y 1 A ASN 90  ? A ASN 90  
12 1 Y 1 A ASN 91  ? A ASN 91  
13 1 Y 1 A ALA 181 ? A ALA 181 
14 1 Y 1 A SER 182 ? A SER 182 
15 1 Y 1 A ARG 183 ? A ARG 183 
16 1 Y 1 A ASN 184 ? A ASN 184 
17 1 Y 1 A GLU 185 ? A GLU 185 
18 1 Y 1 A LYS 200 ? A LYS 200 
19 1 Y 1 A LYS 201 ? A LYS 201 
# 
loop_
_chem_comp_atom.comp_id 
_chem_comp_atom.atom_id 
_chem_comp_atom.type_symbol 
_chem_comp_atom.pdbx_aromatic_flag 
_chem_comp_atom.pdbx_stereo_config 
_chem_comp_atom.pdbx_ordinal 
ALA N      N N N 1   
ALA CA     C N S 2   
ALA C      C N N 3   
ALA O      O N N 4   
ALA CB     C N N 5   
ALA OXT    O N N 6   
ALA H      H N N 7   
ALA H2     H N N 8   
ALA HA     H N N 9   
ALA HB1    H N N 10  
ALA HB2    H N N 11  
ALA HB3    H N N 12  
ALA HXT    H N N 13  
ARG N      N N N 14  
ARG CA     C N S 15  
ARG C      C N N 16  
ARG O      O N N 17  
ARG CB     C N N 18  
ARG CG     C N N 19  
ARG CD     C N N 20  
ARG NE     N N N 21  
ARG CZ     C N N 22  
ARG NH1    N N N 23  
ARG NH2    N N N 24  
ARG OXT    O N N 25  
ARG H      H N N 26  
ARG H2     H N N 27  
ARG HA     H N N 28  
ARG HB2    H N N 29  
ARG HB3    H N N 30  
ARG HG2    H N N 31  
ARG HG3    H N N 32  
ARG HD2    H N N 33  
ARG HD3    H N N 34  
ARG HE     H N N 35  
ARG HH11   H N N 36  
ARG HH12   H N N 37  
ARG HH21   H N N 38  
ARG HH22   H N N 39  
ARG HXT    H N N 40  
ASN N      N N N 41  
ASN CA     C N S 42  
ASN C      C N N 43  
ASN O      O N N 44  
ASN CB     C N N 45  
ASN CG     C N N 46  
ASN OD1    O N N 47  
ASN ND2    N N N 48  
ASN OXT    O N N 49  
ASN H      H N N 50  
ASN H2     H N N 51  
ASN HA     H N N 52  
ASN HB2    H N N 53  
ASN HB3    H N N 54  
ASN HD21   H N N 55  
ASN HD22   H N N 56  
ASN HXT    H N N 57  
ASP N      N N N 58  
ASP CA     C N S 59  
ASP C      C N N 60  
ASP O      O N N 61  
ASP CB     C N N 62  
ASP CG     C N N 63  
ASP OD1    O N N 64  
ASP OD2    O N N 65  
ASP OXT    O N N 66  
ASP H      H N N 67  
ASP H2     H N N 68  
ASP HA     H N N 69  
ASP HB2    H N N 70  
ASP HB3    H N N 71  
ASP HD2    H N N 72  
ASP HXT    H N N 73  
CYS N      N N N 74  
CYS CA     C N R 75  
CYS C      C N N 76  
CYS O      O N N 77  
CYS CB     C N N 78  
CYS SG     S N N 79  
CYS OXT    O N N 80  
CYS H      H N N 81  
CYS H2     H N N 82  
CYS HA     H N N 83  
CYS HB2    H N N 84  
CYS HB3    H N N 85  
CYS HG     H N N 86  
CYS HXT    H N N 87  
GLN N      N N N 88  
GLN CA     C N S 89  
GLN C      C N N 90  
GLN O      O N N 91  
GLN CB     C N N 92  
GLN CG     C N N 93  
GLN CD     C N N 94  
GLN OE1    O N N 95  
GLN NE2    N N N 96  
GLN OXT    O N N 97  
GLN H      H N N 98  
GLN H2     H N N 99  
GLN HA     H N N 100 
GLN HB2    H N N 101 
GLN HB3    H N N 102 
GLN HG2    H N N 103 
GLN HG3    H N N 104 
GLN HE21   H N N 105 
GLN HE22   H N N 106 
GLN HXT    H N N 107 
GLU N      N N N 108 
GLU CA     C N S 109 
GLU C      C N N 110 
GLU O      O N N 111 
GLU CB     C N N 112 
GLU CG     C N N 113 
GLU CD     C N N 114 
GLU OE1    O N N 115 
GLU OE2    O N N 116 
GLU OXT    O N N 117 
GLU H      H N N 118 
GLU H2     H N N 119 
GLU HA     H N N 120 
GLU HB2    H N N 121 
GLU HB3    H N N 122 
GLU HG2    H N N 123 
GLU HG3    H N N 124 
GLU HE2    H N N 125 
GLU HXT    H N N 126 
GLY N      N N N 127 
GLY CA     C N N 128 
GLY C      C N N 129 
GLY O      O N N 130 
GLY OXT    O N N 131 
GLY H      H N N 132 
GLY H2     H N N 133 
GLY HA2    H N N 134 
GLY HA3    H N N 135 
GLY HXT    H N N 136 
HIS N      N N N 137 
HIS CA     C N S 138 
HIS C      C N N 139 
HIS O      O N N 140 
HIS CB     C N N 141 
HIS CG     C Y N 142 
HIS ND1    N Y N 143 
HIS CD2    C Y N 144 
HIS CE1    C Y N 145 
HIS NE2    N Y N 146 
HIS OXT    O N N 147 
HIS H      H N N 148 
HIS H2     H N N 149 
HIS HA     H N N 150 
HIS HB2    H N N 151 
HIS HB3    H N N 152 
HIS HD1    H N N 153 
HIS HD2    H N N 154 
HIS HE1    H N N 155 
HIS HE2    H N N 156 
HIS HXT    H N N 157 
HOH O      O N N 158 
HOH H1     H N N 159 
HOH H2     H N N 160 
ILE N      N N N 161 
ILE CA     C N S 162 
ILE C      C N N 163 
ILE O      O N N 164 
ILE CB     C N S 165 
ILE CG1    C N N 166 
ILE CG2    C N N 167 
ILE CD1    C N N 168 
ILE OXT    O N N 169 
ILE H      H N N 170 
ILE H2     H N N 171 
ILE HA     H N N 172 
ILE HB     H N N 173 
ILE HG12   H N N 174 
ILE HG13   H N N 175 
ILE HG21   H N N 176 
ILE HG22   H N N 177 
ILE HG23   H N N 178 
ILE HD11   H N N 179 
ILE HD12   H N N 180 
ILE HD13   H N N 181 
ILE HXT    H N N 182 
LEU N      N N N 183 
LEU CA     C N S 184 
LEU C      C N N 185 
LEU O      O N N 186 
LEU CB     C N N 187 
LEU CG     C N N 188 
LEU CD1    C N N 189 
LEU CD2    C N N 190 
LEU OXT    O N N 191 
LEU H      H N N 192 
LEU H2     H N N 193 
LEU HA     H N N 194 
LEU HB2    H N N 195 
LEU HB3    H N N 196 
LEU HG     H N N 197 
LEU HD11   H N N 198 
LEU HD12   H N N 199 
LEU HD13   H N N 200 
LEU HD21   H N N 201 
LEU HD22   H N N 202 
LEU HD23   H N N 203 
LEU HXT    H N N 204 
LYS N      N N N 205 
LYS CA     C N S 206 
LYS C      C N N 207 
LYS O      O N N 208 
LYS CB     C N N 209 
LYS CG     C N N 210 
LYS CD     C N N 211 
LYS CE     C N N 212 
LYS NZ     N N N 213 
LYS OXT    O N N 214 
LYS H      H N N 215 
LYS H2     H N N 216 
LYS HA     H N N 217 
LYS HB2    H N N 218 
LYS HB3    H N N 219 
LYS HG2    H N N 220 
LYS HG3    H N N 221 
LYS HD2    H N N 222 
LYS HD3    H N N 223 
LYS HE2    H N N 224 
LYS HE3    H N N 225 
LYS HZ1    H N N 226 
LYS HZ2    H N N 227 
LYS HZ3    H N N 228 
LYS HXT    H N N 229 
MET N      N N N 230 
MET CA     C N S 231 
MET C      C N N 232 
MET O      O N N 233 
MET CB     C N N 234 
MET CG     C N N 235 
MET SD     S N N 236 
MET CE     C N N 237 
MET OXT    O N N 238 
MET H      H N N 239 
MET H2     H N N 240 
MET HA     H N N 241 
MET HB2    H N N 242 
MET HB3    H N N 243 
MET HG2    H N N 244 
MET HG3    H N N 245 
MET HE1    H N N 246 
MET HE2    H N N 247 
MET HE3    H N N 248 
MET HXT    H N N 249 
PHE N      N N N 250 
PHE CA     C N S 251 
PHE C      C N N 252 
PHE O      O N N 253 
PHE CB     C N N 254 
PHE CG     C Y N 255 
PHE CD1    C Y N 256 
PHE CD2    C Y N 257 
PHE CE1    C Y N 258 
PHE CE2    C Y N 259 
PHE CZ     C Y N 260 
PHE OXT    O N N 261 
PHE H      H N N 262 
PHE H2     H N N 263 
PHE HA     H N N 264 
PHE HB2    H N N 265 
PHE HB3    H N N 266 
PHE HD1    H N N 267 
PHE HD2    H N N 268 
PHE HE1    H N N 269 
PHE HE2    H N N 270 
PHE HZ     H N N 271 
PHE HXT    H N N 272 
PRO N      N N N 273 
PRO CA     C N S 274 
PRO C      C N N 275 
PRO O      O N N 276 
PRO CB     C N N 277 
PRO CG     C N N 278 
PRO CD     C N N 279 
PRO OXT    O N N 280 
PRO H      H N N 281 
PRO HA     H N N 282 
PRO HB2    H N N 283 
PRO HB3    H N N 284 
PRO HG2    H N N 285 
PRO HG3    H N N 286 
PRO HD2    H N N 287 
PRO HD3    H N N 288 
PRO HXT    H N N 289 
SAM N      N N N 290 
SAM CA     C N S 291 
SAM C      C N N 292 
SAM O      O N N 293 
SAM OXT    O N N 294 
SAM CB     C N N 295 
SAM CG     C N N 296 
SAM SD     S N S 297 
SAM CE     C N N 298 
SAM "C5'"  C N N 299 
SAM "C4'"  C N S 300 
SAM "O4'"  O N N 301 
SAM "C3'"  C N S 302 
SAM "O3'"  O N N 303 
SAM "C2'"  C N R 304 
SAM "O2'"  O N N 305 
SAM "C1'"  C N R 306 
SAM N9     N Y N 307 
SAM C8     C Y N 308 
SAM N7     N Y N 309 
SAM C5     C Y N 310 
SAM C6     C Y N 311 
SAM N6     N N N 312 
SAM N1     N Y N 313 
SAM C2     C Y N 314 
SAM N3     N Y N 315 
SAM C4     C Y N 316 
SAM HN1    H N N 317 
SAM HN2    H N N 318 
SAM HA     H N N 319 
SAM HB1    H N N 320 
SAM HB2    H N N 321 
SAM HG1    H N N 322 
SAM HG2    H N N 323 
SAM HE1    H N N 324 
SAM HE2    H N N 325 
SAM HE3    H N N 326 
SAM "H5'1" H N N 327 
SAM "H5'2" H N N 328 
SAM "H4'"  H N N 329 
SAM "H3'"  H N N 330 
SAM "HO3'" H N N 331 
SAM "H2'"  H N N 332 
SAM "HO2'" H N N 333 
SAM "H1'"  H N N 334 
SAM H8     H N N 335 
SAM HN61   H N N 336 
SAM HN62   H N N 337 
SAM H2     H N N 338 
SER N      N N N 339 
SER CA     C N S 340 
SER C      C N N 341 
SER O      O N N 342 
SER CB     C N N 343 
SER OG     O N N 344 
SER OXT    O N N 345 
SER H      H N N 346 
SER H2     H N N 347 
SER HA     H N N 348 
SER HB2    H N N 349 
SER HB3    H N N 350 
SER HG     H N N 351 
SER HXT    H N N 352 
SO4 S      S N N 353 
SO4 O1     O N N 354 
SO4 O2     O N N 355 
SO4 O3     O N N 356 
SO4 O4     O N N 357 
THR N      N N N 358 
THR CA     C N S 359 
THR C      C N N 360 
THR O      O N N 361 
THR CB     C N R 362 
THR OG1    O N N 363 
THR CG2    C N N 364 
THR OXT    O N N 365 
THR H      H N N 366 
THR H2     H N N 367 
THR HA     H N N 368 
THR HB     H N N 369 
THR HG1    H N N 370 
THR HG21   H N N 371 
THR HG22   H N N 372 
THR HG23   H N N 373 
THR HXT    H N N 374 
TRP N      N N N 375 
TRP CA     C N S 376 
TRP C      C N N 377 
TRP O      O N N 378 
TRP CB     C N N 379 
TRP CG     C Y N 380 
TRP CD1    C Y N 381 
TRP CD2    C Y N 382 
TRP NE1    N Y N 383 
TRP CE2    C Y N 384 
TRP CE3    C Y N 385 
TRP CZ2    C Y N 386 
TRP CZ3    C Y N 387 
TRP CH2    C Y N 388 
TRP OXT    O N N 389 
TRP H      H N N 390 
TRP H2     H N N 391 
TRP HA     H N N 392 
TRP HB2    H N N 393 
TRP HB3    H N N 394 
TRP HD1    H N N 395 
TRP HE1    H N N 396 
TRP HE3    H N N 397 
TRP HZ2    H N N 398 
TRP HZ3    H N N 399 
TRP HH2    H N N 400 
TRP HXT    H N N 401 
TYR N      N N N 402 
TYR CA     C N S 403 
TYR C      C N N 404 
TYR O      O N N 405 
TYR CB     C N N 406 
TYR CG     C Y N 407 
TYR CD1    C Y N 408 
TYR CD2    C Y N 409 
TYR CE1    C Y N 410 
TYR CE2    C Y N 411 
TYR CZ     C Y N 412 
TYR OH     O N N 413 
TYR OXT    O N N 414 
TYR H      H N N 415 
TYR H2     H N N 416 
TYR HA     H N N 417 
TYR HB2    H N N 418 
TYR HB3    H N N 419 
TYR HD1    H N N 420 
TYR HD2    H N N 421 
TYR HE1    H N N 422 
TYR HE2    H N N 423 
TYR HH     H N N 424 
TYR HXT    H N N 425 
VAL N      N N N 426 
VAL CA     C N S 427 
VAL C      C N N 428 
VAL O      O N N 429 
VAL CB     C N N 430 
VAL CG1    C N N 431 
VAL CG2    C N N 432 
VAL OXT    O N N 433 
VAL H      H N N 434 
VAL H2     H N N 435 
VAL HA     H N N 436 
VAL HB     H N N 437 
VAL HG11   H N N 438 
VAL HG12   H N N 439 
VAL HG13   H N N 440 
VAL HG21   H N N 441 
VAL HG22   H N N 442 
VAL HG23   H N N 443 
VAL HXT    H N N 444 
# 
loop_
_chem_comp_bond.comp_id 
_chem_comp_bond.atom_id_1 
_chem_comp_bond.atom_id_2 
_chem_comp_bond.value_order 
_chem_comp_bond.pdbx_aromatic_flag 
_chem_comp_bond.pdbx_stereo_config 
_chem_comp_bond.pdbx_ordinal 
ALA N     CA     sing N N 1   
ALA N     H      sing N N 2   
ALA N     H2     sing N N 3   
ALA CA    C      sing N N 4   
ALA CA    CB     sing N N 5   
ALA CA    HA     sing N N 6   
ALA C     O      doub N N 7   
ALA C     OXT    sing N N 8   
ALA CB    HB1    sing N N 9   
ALA CB    HB2    sing N N 10  
ALA CB    HB3    sing N N 11  
ALA OXT   HXT    sing N N 12  
ARG N     CA     sing N N 13  
ARG N     H      sing N N 14  
ARG N     H2     sing N N 15  
ARG CA    C      sing N N 16  
ARG CA    CB     sing N N 17  
ARG CA    HA     sing N N 18  
ARG C     O      doub N N 19  
ARG C     OXT    sing N N 20  
ARG CB    CG     sing N N 21  
ARG CB    HB2    sing N N 22  
ARG CB    HB3    sing N N 23  
ARG CG    CD     sing N N 24  
ARG CG    HG2    sing N N 25  
ARG CG    HG3    sing N N 26  
ARG CD    NE     sing N N 27  
ARG CD    HD2    sing N N 28  
ARG CD    HD3    sing N N 29  
ARG NE    CZ     sing N N 30  
ARG NE    HE     sing N N 31  
ARG CZ    NH1    sing N N 32  
ARG CZ    NH2    doub N N 33  
ARG NH1   HH11   sing N N 34  
ARG NH1   HH12   sing N N 35  
ARG NH2   HH21   sing N N 36  
ARG NH2   HH22   sing N N 37  
ARG OXT   HXT    sing N N 38  
ASN N     CA     sing N N 39  
ASN N     H      sing N N 40  
ASN N     H2     sing N N 41  
ASN CA    C      sing N N 42  
ASN CA    CB     sing N N 43  
ASN CA    HA     sing N N 44  
ASN C     O      doub N N 45  
ASN C     OXT    sing N N 46  
ASN CB    CG     sing N N 47  
ASN CB    HB2    sing N N 48  
ASN CB    HB3    sing N N 49  
ASN CG    OD1    doub N N 50  
ASN CG    ND2    sing N N 51  
ASN ND2   HD21   sing N N 52  
ASN ND2   HD22   sing N N 53  
ASN OXT   HXT    sing N N 54  
ASP N     CA     sing N N 55  
ASP N     H      sing N N 56  
ASP N     H2     sing N N 57  
ASP CA    C      sing N N 58  
ASP CA    CB     sing N N 59  
ASP CA    HA     sing N N 60  
ASP C     O      doub N N 61  
ASP C     OXT    sing N N 62  
ASP CB    CG     sing N N 63  
ASP CB    HB2    sing N N 64  
ASP CB    HB3    sing N N 65  
ASP CG    OD1    doub N N 66  
ASP CG    OD2    sing N N 67  
ASP OD2   HD2    sing N N 68  
ASP OXT   HXT    sing N N 69  
CYS N     CA     sing N N 70  
CYS N     H      sing N N 71  
CYS N     H2     sing N N 72  
CYS CA    C      sing N N 73  
CYS CA    CB     sing N N 74  
CYS CA    HA     sing N N 75  
CYS C     O      doub N N 76  
CYS C     OXT    sing N N 77  
CYS CB    SG     sing N N 78  
CYS CB    HB2    sing N N 79  
CYS CB    HB3    sing N N 80  
CYS SG    HG     sing N N 81  
CYS OXT   HXT    sing N N 82  
GLN N     CA     sing N N 83  
GLN N     H      sing N N 84  
GLN N     H2     sing N N 85  
GLN CA    C      sing N N 86  
GLN CA    CB     sing N N 87  
GLN CA    HA     sing N N 88  
GLN C     O      doub N N 89  
GLN C     OXT    sing N N 90  
GLN CB    CG     sing N N 91  
GLN CB    HB2    sing N N 92  
GLN CB    HB3    sing N N 93  
GLN CG    CD     sing N N 94  
GLN CG    HG2    sing N N 95  
GLN CG    HG3    sing N N 96  
GLN CD    OE1    doub N N 97  
GLN CD    NE2    sing N N 98  
GLN NE2   HE21   sing N N 99  
GLN NE2   HE22   sing N N 100 
GLN OXT   HXT    sing N N 101 
GLU N     CA     sing N N 102 
GLU N     H      sing N N 103 
GLU N     H2     sing N N 104 
GLU CA    C      sing N N 105 
GLU CA    CB     sing N N 106 
GLU CA    HA     sing N N 107 
GLU C     O      doub N N 108 
GLU C     OXT    sing N N 109 
GLU CB    CG     sing N N 110 
GLU CB    HB2    sing N N 111 
GLU CB    HB3    sing N N 112 
GLU CG    CD     sing N N 113 
GLU CG    HG2    sing N N 114 
GLU CG    HG3    sing N N 115 
GLU CD    OE1    doub N N 116 
GLU CD    OE2    sing N N 117 
GLU OE2   HE2    sing N N 118 
GLU OXT   HXT    sing N N 119 
GLY N     CA     sing N N 120 
GLY N     H      sing N N 121 
GLY N     H2     sing N N 122 
GLY CA    C      sing N N 123 
GLY CA    HA2    sing N N 124 
GLY CA    HA3    sing N N 125 
GLY C     O      doub N N 126 
GLY C     OXT    sing N N 127 
GLY OXT   HXT    sing N N 128 
HIS N     CA     sing N N 129 
HIS N     H      sing N N 130 
HIS N     H2     sing N N 131 
HIS CA    C      sing N N 132 
HIS CA    CB     sing N N 133 
HIS CA    HA     sing N N 134 
HIS C     O      doub N N 135 
HIS C     OXT    sing N N 136 
HIS CB    CG     sing N N 137 
HIS CB    HB2    sing N N 138 
HIS CB    HB3    sing N N 139 
HIS CG    ND1    sing Y N 140 
HIS CG    CD2    doub Y N 141 
HIS ND1   CE1    doub Y N 142 
HIS ND1   HD1    sing N N 143 
HIS CD2   NE2    sing Y N 144 
HIS CD2   HD2    sing N N 145 
HIS CE1   NE2    sing Y N 146 
HIS CE1   HE1    sing N N 147 
HIS NE2   HE2    sing N N 148 
HIS OXT   HXT    sing N N 149 
HOH O     H1     sing N N 150 
HOH O     H2     sing N N 151 
ILE N     CA     sing N N 152 
ILE N     H      sing N N 153 
ILE N     H2     sing N N 154 
ILE CA    C      sing N N 155 
ILE CA    CB     sing N N 156 
ILE CA    HA     sing N N 157 
ILE C     O      doub N N 158 
ILE C     OXT    sing N N 159 
ILE CB    CG1    sing N N 160 
ILE CB    CG2    sing N N 161 
ILE CB    HB     sing N N 162 
ILE CG1   CD1    sing N N 163 
ILE CG1   HG12   sing N N 164 
ILE CG1   HG13   sing N N 165 
ILE CG2   HG21   sing N N 166 
ILE CG2   HG22   sing N N 167 
ILE CG2   HG23   sing N N 168 
ILE CD1   HD11   sing N N 169 
ILE CD1   HD12   sing N N 170 
ILE CD1   HD13   sing N N 171 
ILE OXT   HXT    sing N N 172 
LEU N     CA     sing N N 173 
LEU N     H      sing N N 174 
LEU N     H2     sing N N 175 
LEU CA    C      sing N N 176 
LEU CA    CB     sing N N 177 
LEU CA    HA     sing N N 178 
LEU C     O      doub N N 179 
LEU C     OXT    sing N N 180 
LEU CB    CG     sing N N 181 
LEU CB    HB2    sing N N 182 
LEU CB    HB3    sing N N 183 
LEU CG    CD1    sing N N 184 
LEU CG    CD2    sing N N 185 
LEU CG    HG     sing N N 186 
LEU CD1   HD11   sing N N 187 
LEU CD1   HD12   sing N N 188 
LEU CD1   HD13   sing N N 189 
LEU CD2   HD21   sing N N 190 
LEU CD2   HD22   sing N N 191 
LEU CD2   HD23   sing N N 192 
LEU OXT   HXT    sing N N 193 
LYS N     CA     sing N N 194 
LYS N     H      sing N N 195 
LYS N     H2     sing N N 196 
LYS CA    C      sing N N 197 
LYS CA    CB     sing N N 198 
LYS CA    HA     sing N N 199 
LYS C     O      doub N N 200 
LYS C     OXT    sing N N 201 
LYS CB    CG     sing N N 202 
LYS CB    HB2    sing N N 203 
LYS CB    HB3    sing N N 204 
LYS CG    CD     sing N N 205 
LYS CG    HG2    sing N N 206 
LYS CG    HG3    sing N N 207 
LYS CD    CE     sing N N 208 
LYS CD    HD2    sing N N 209 
LYS CD    HD3    sing N N 210 
LYS CE    NZ     sing N N 211 
LYS CE    HE2    sing N N 212 
LYS CE    HE3    sing N N 213 
LYS NZ    HZ1    sing N N 214 
LYS NZ    HZ2    sing N N 215 
LYS NZ    HZ3    sing N N 216 
LYS OXT   HXT    sing N N 217 
MET N     CA     sing N N 218 
MET N     H      sing N N 219 
MET N     H2     sing N N 220 
MET CA    C      sing N N 221 
MET CA    CB     sing N N 222 
MET CA    HA     sing N N 223 
MET C     O      doub N N 224 
MET C     OXT    sing N N 225 
MET CB    CG     sing N N 226 
MET CB    HB2    sing N N 227 
MET CB    HB3    sing N N 228 
MET CG    SD     sing N N 229 
MET CG    HG2    sing N N 230 
MET CG    HG3    sing N N 231 
MET SD    CE     sing N N 232 
MET CE    HE1    sing N N 233 
MET CE    HE2    sing N N 234 
MET CE    HE3    sing N N 235 
MET OXT   HXT    sing N N 236 
PHE N     CA     sing N N 237 
PHE N     H      sing N N 238 
PHE N     H2     sing N N 239 
PHE CA    C      sing N N 240 
PHE CA    CB     sing N N 241 
PHE CA    HA     sing N N 242 
PHE C     O      doub N N 243 
PHE C     OXT    sing N N 244 
PHE CB    CG     sing N N 245 
PHE CB    HB2    sing N N 246 
PHE CB    HB3    sing N N 247 
PHE CG    CD1    doub Y N 248 
PHE CG    CD2    sing Y N 249 
PHE CD1   CE1    sing Y N 250 
PHE CD1   HD1    sing N N 251 
PHE CD2   CE2    doub Y N 252 
PHE CD2   HD2    sing N N 253 
PHE CE1   CZ     doub Y N 254 
PHE CE1   HE1    sing N N 255 
PHE CE2   CZ     sing Y N 256 
PHE CE2   HE2    sing N N 257 
PHE CZ    HZ     sing N N 258 
PHE OXT   HXT    sing N N 259 
PRO N     CA     sing N N 260 
PRO N     CD     sing N N 261 
PRO N     H      sing N N 262 
PRO CA    C      sing N N 263 
PRO CA    CB     sing N N 264 
PRO CA    HA     sing N N 265 
PRO C     O      doub N N 266 
PRO C     OXT    sing N N 267 
PRO CB    CG     sing N N 268 
PRO CB    HB2    sing N N 269 
PRO CB    HB3    sing N N 270 
PRO CG    CD     sing N N 271 
PRO CG    HG2    sing N N 272 
PRO CG    HG3    sing N N 273 
PRO CD    HD2    sing N N 274 
PRO CD    HD3    sing N N 275 
PRO OXT   HXT    sing N N 276 
SAM N     CA     sing N N 277 
SAM N     HN1    sing N N 278 
SAM N     HN2    sing N N 279 
SAM CA    C      sing N N 280 
SAM CA    CB     sing N N 281 
SAM CA    HA     sing N N 282 
SAM C     O      doub N N 283 
SAM C     OXT    sing N N 284 
SAM CB    CG     sing N N 285 
SAM CB    HB1    sing N N 286 
SAM CB    HB2    sing N N 287 
SAM CG    SD     sing N N 288 
SAM CG    HG1    sing N N 289 
SAM CG    HG2    sing N N 290 
SAM SD    CE     sing N N 291 
SAM SD    "C5'"  sing N N 292 
SAM CE    HE1    sing N N 293 
SAM CE    HE2    sing N N 294 
SAM CE    HE3    sing N N 295 
SAM "C5'" "C4'"  sing N N 296 
SAM "C5'" "H5'1" sing N N 297 
SAM "C5'" "H5'2" sing N N 298 
SAM "C4'" "O4'"  sing N N 299 
SAM "C4'" "C3'"  sing N N 300 
SAM "C4'" "H4'"  sing N N 301 
SAM "O4'" "C1'"  sing N N 302 
SAM "C3'" "O3'"  sing N N 303 
SAM "C3'" "C2'"  sing N N 304 
SAM "C3'" "H3'"  sing N N 305 
SAM "O3'" "HO3'" sing N N 306 
SAM "C2'" "O2'"  sing N N 307 
SAM "C2'" "C1'"  sing N N 308 
SAM "C2'" "H2'"  sing N N 309 
SAM "O2'" "HO2'" sing N N 310 
SAM "C1'" N9     sing N N 311 
SAM "C1'" "H1'"  sing N N 312 
SAM N9    C8     sing Y N 313 
SAM N9    C4     sing Y N 314 
SAM C8    N7     doub Y N 315 
SAM C8    H8     sing N N 316 
SAM N7    C5     sing Y N 317 
SAM C5    C6     sing Y N 318 
SAM C5    C4     doub Y N 319 
SAM C6    N6     sing N N 320 
SAM C6    N1     doub Y N 321 
SAM N6    HN61   sing N N 322 
SAM N6    HN62   sing N N 323 
SAM N1    C2     sing Y N 324 
SAM C2    N3     doub Y N 325 
SAM C2    H2     sing N N 326 
SAM N3    C4     sing Y N 327 
SER N     CA     sing N N 328 
SER N     H      sing N N 329 
SER N     H2     sing N N 330 
SER CA    C      sing N N 331 
SER CA    CB     sing N N 332 
SER CA    HA     sing N N 333 
SER C     O      doub N N 334 
SER C     OXT    sing N N 335 
SER CB    OG     sing N N 336 
SER CB    HB2    sing N N 337 
SER CB    HB3    sing N N 338 
SER OG    HG     sing N N 339 
SER OXT   HXT    sing N N 340 
SO4 S     O1     doub N N 341 
SO4 S     O2     doub N N 342 
SO4 S     O3     sing N N 343 
SO4 S     O4     sing N N 344 
THR N     CA     sing N N 345 
THR N     H      sing N N 346 
THR N     H2     sing N N 347 
THR CA    C      sing N N 348 
THR CA    CB     sing N N 349 
THR CA    HA     sing N N 350 
THR C     O      doub N N 351 
THR C     OXT    sing N N 352 
THR CB    OG1    sing N N 353 
THR CB    CG2    sing N N 354 
THR CB    HB     sing N N 355 
THR OG1   HG1    sing N N 356 
THR CG2   HG21   sing N N 357 
THR CG2   HG22   sing N N 358 
THR CG2   HG23   sing N N 359 
THR OXT   HXT    sing N N 360 
TRP N     CA     sing N N 361 
TRP N     H      sing N N 362 
TRP N     H2     sing N N 363 
TRP CA    C      sing N N 364 
TRP CA    CB     sing N N 365 
TRP CA    HA     sing N N 366 
TRP C     O      doub N N 367 
TRP C     OXT    sing N N 368 
TRP CB    CG     sing N N 369 
TRP CB    HB2    sing N N 370 
TRP CB    HB3    sing N N 371 
TRP CG    CD1    doub Y N 372 
TRP CG    CD2    sing Y N 373 
TRP CD1   NE1    sing Y N 374 
TRP CD1   HD1    sing N N 375 
TRP CD2   CE2    doub Y N 376 
TRP CD2   CE3    sing Y N 377 
TRP NE1   CE2    sing Y N 378 
TRP NE1   HE1    sing N N 379 
TRP CE2   CZ2    sing Y N 380 
TRP CE3   CZ3    doub Y N 381 
TRP CE3   HE3    sing N N 382 
TRP CZ2   CH2    doub Y N 383 
TRP CZ2   HZ2    sing N N 384 
TRP CZ3   CH2    sing Y N 385 
TRP CZ3   HZ3    sing N N 386 
TRP CH2   HH2    sing N N 387 
TRP OXT   HXT    sing N N 388 
TYR N     CA     sing N N 389 
TYR N     H      sing N N 390 
TYR N     H2     sing N N 391 
TYR CA    C      sing N N 392 
TYR CA    CB     sing N N 393 
TYR CA    HA     sing N N 394 
TYR C     O      doub N N 395 
TYR C     OXT    sing N N 396 
TYR CB    CG     sing N N 397 
TYR CB    HB2    sing N N 398 
TYR CB    HB3    sing N N 399 
TYR CG    CD1    doub Y N 400 
TYR CG    CD2    sing Y N 401 
TYR CD1   CE1    sing Y N 402 
TYR CD1   HD1    sing N N 403 
TYR CD2   CE2    doub Y N 404 
TYR CD2   HD2    sing N N 405 
TYR CE1   CZ     doub Y N 406 
TYR CE1   HE1    sing N N 407 
TYR CE2   CZ     sing Y N 408 
TYR CE2   HE2    sing N N 409 
TYR CZ    OH     sing N N 410 
TYR OH    HH     sing N N 411 
TYR OXT   HXT    sing N N 412 
VAL N     CA     sing N N 413 
VAL N     H      sing N N 414 
VAL N     H2     sing N N 415 
VAL CA    C      sing N N 416 
VAL CA    CB     sing N N 417 
VAL CA    HA     sing N N 418 
VAL C     O      doub N N 419 
VAL C     OXT    sing N N 420 
VAL CB    CG1    sing N N 421 
VAL CB    CG2    sing N N 422 
VAL CB    HB     sing N N 423 
VAL CG1   HG11   sing N N 424 
VAL CG1   HG12   sing N N 425 
VAL CG1   HG13   sing N N 426 
VAL CG2   HG21   sing N N 427 
VAL CG2   HG22   sing N N 428 
VAL CG2   HG23   sing N N 429 
VAL OXT   HXT    sing N N 430 
# 
loop_
_pdbx_entity_nonpoly.entity_id 
_pdbx_entity_nonpoly.name 
_pdbx_entity_nonpoly.comp_id 
2 'SULFATE ION'        SO4 
3 S-ADENOSYLMETHIONINE SAM 
4 water                HOH 
# 
_pdbx_initial_refinement_model.id               1 
_pdbx_initial_refinement_model.entity_id_list   ? 
_pdbx_initial_refinement_model.type             'experimental model' 
_pdbx_initial_refinement_model.source_name      PDB 
_pdbx_initial_refinement_model.accession_code   2NYU 
_pdbx_initial_refinement_model.details          'PDB entry 2NYU' 
# 
